data_1MBA
# 
_entry.id   1MBA 
# 
_audit_conform.dict_name       mmcif_pdbx.dic 
_audit_conform.dict_version    5.397 
_audit_conform.dict_location   http://mmcif.pdb.org/dictionaries/ascii/mmcif_pdbx.dic 
# 
loop_
_database_2.database_id 
_database_2.database_code 
_database_2.pdbx_database_accession 
_database_2.pdbx_DOI 
PDB   1MBA         pdb_00001mba 10.2210/pdb1mba/pdb 
WWPDB D_1000174916 ?            ?                   
# 
loop_
_pdbx_audit_revision_history.ordinal 
_pdbx_audit_revision_history.data_content_type 
_pdbx_audit_revision_history.major_revision 
_pdbx_audit_revision_history.minor_revision 
_pdbx_audit_revision_history.revision_date 
1 'Structure model' 1 0 1990-01-15 
2 'Structure model' 1 1 2008-03-24 
3 'Structure model' 1 2 2011-07-13 
4 'Structure model' 1 3 2024-06-05 
5 'Structure model' 1 4 2024-10-16 
# 
_pdbx_audit_revision_details.ordinal             1 
_pdbx_audit_revision_details.revision_ordinal    1 
_pdbx_audit_revision_details.data_content_type   'Structure model' 
_pdbx_audit_revision_details.provider            repository 
_pdbx_audit_revision_details.type                'Initial release' 
_pdbx_audit_revision_details.description         ? 
_pdbx_audit_revision_details.details             ? 
# 
loop_
_pdbx_audit_revision_group.ordinal 
_pdbx_audit_revision_group.revision_ordinal 
_pdbx_audit_revision_group.data_content_type 
_pdbx_audit_revision_group.group 
1 2 'Structure model' 'Version format compliance' 
2 3 'Structure model' 'Version format compliance' 
3 4 'Structure model' 'Data collection'           
4 4 'Structure model' 'Database references'       
5 4 'Structure model' 'Derived calculations'      
6 4 'Structure model' Other                       
7 5 'Structure model' 'Structure summary'         
# 
loop_
_pdbx_audit_revision_category.ordinal 
_pdbx_audit_revision_category.revision_ordinal 
_pdbx_audit_revision_category.data_content_type 
_pdbx_audit_revision_category.category 
1 4 'Structure model' chem_comp_atom            
2 4 'Structure model' chem_comp_bond            
3 4 'Structure model' database_2                
4 4 'Structure model' pdbx_database_status      
5 4 'Structure model' struct_conn               
6 4 'Structure model' struct_ref_seq_dif        
7 4 'Structure model' struct_site               
8 5 'Structure model' pdbx_entry_details        
9 5 'Structure model' pdbx_modification_feature 
# 
loop_
_pdbx_audit_revision_item.ordinal 
_pdbx_audit_revision_item.revision_ordinal 
_pdbx_audit_revision_item.data_content_type 
_pdbx_audit_revision_item.item 
1  4 'Structure model' '_database_2.pdbx_DOI'                         
2  4 'Structure model' '_database_2.pdbx_database_accession'          
3  4 'Structure model' '_pdbx_database_status.process_site'           
4  4 'Structure model' '_struct_conn.pdbx_leaving_atom_flag'          
5  4 'Structure model' '_struct_conn.ptnr1_auth_comp_id'              
6  4 'Structure model' '_struct_conn.ptnr1_auth_seq_id'               
7  4 'Structure model' '_struct_conn.ptnr1_label_asym_id'             
8  4 'Structure model' '_struct_conn.ptnr1_label_atom_id'             
9  4 'Structure model' '_struct_conn.ptnr1_label_comp_id'             
10 4 'Structure model' '_struct_conn.ptnr1_label_seq_id'              
11 4 'Structure model' '_struct_conn.ptnr2_auth_comp_id'              
12 4 'Structure model' '_struct_conn.ptnr2_auth_seq_id'               
13 4 'Structure model' '_struct_conn.ptnr2_label_asym_id'             
14 4 'Structure model' '_struct_conn.ptnr2_label_atom_id'             
15 4 'Structure model' '_struct_conn.ptnr2_label_comp_id'             
16 4 'Structure model' '_struct_conn.ptnr2_label_seq_id'              
17 4 'Structure model' '_struct_ref_seq_dif.details'                  
18 4 'Structure model' '_struct_site.pdbx_auth_asym_id'               
19 4 'Structure model' '_struct_site.pdbx_auth_comp_id'               
20 4 'Structure model' '_struct_site.pdbx_auth_seq_id'                
21 5 'Structure model' '_pdbx_entry_details.has_protein_modification' 
# 
_pdbx_database_status.status_code                     REL 
_pdbx_database_status.entry_id                        1MBA 
_pdbx_database_status.recvd_initial_deposition_date   1989-02-22 
_pdbx_database_status.deposit_site                    ? 
_pdbx_database_status.process_site                    BNL 
_pdbx_database_status.SG_entry                        . 
_pdbx_database_status.pdb_format_compatible           Y 
_pdbx_database_status.status_code_mr                  ? 
_pdbx_database_status.status_code_sf                  ? 
_pdbx_database_status.status_code_cs                  ? 
_pdbx_database_status.status_code_nmr_data            ? 
_pdbx_database_status.methods_development_category    ? 
# 
loop_
_audit_author.name 
_audit_author.pdbx_ordinal 
'Bolognesi, M.' 1 
'Onesti, S.'    2 
'Gatti, G.'     3 
'Coda, A.'      4 
'Ascenzi, P.'   5 
'Brunori, M.'   6 
# 
loop_
_citation.id 
_citation.title 
_citation.journal_abbrev 
_citation.journal_volume 
_citation.page_first 
_citation.page_last 
_citation.year 
_citation.journal_id_ASTM 
_citation.country 
_citation.journal_id_ISSN 
_citation.journal_id_CSD 
_citation.book_publisher 
_citation.pdbx_database_id_PubMed 
_citation.pdbx_database_id_DOI 
primary 'Aplysia limacina myoglobin. Crystallographic analysis at 1.6 A resolution.'                         J.Mol.Biol. 205 529  
544 1989 JMOBAK UK 0022-2836 0070 ? 2926816 '10.1016/0022-2836(89)90224-6' 
1       'Aplysia Limacina Myoglobin. Molecular Bases for Ligand Binding and Reversible Unfolding'            'To be Published' ?   
?    ?   ?    ?      ?  ?         0353 ? ?       ?                              
2       'Crystal Structure of Ferric Aplysia Limacina Myoglobin at 2.0 Angstroms Resolution'                 J.Mol.Biol. 183 113  
?   1985 JMOBAK UK 0022-2836 0070 ? ?       ?                              
3       'Reactivity of Ferric Aplysia and Sperm Whale Myoglobins Towards Imidazole. X-Ray and Binding Study' J.Mol.Biol. 158 305  
?   1982 JMOBAK UK 0022-2836 0070 ? ?       ?                              
4       'The Structure of Aplysia Limacina Myoglobin at 3.6 Angstroms Resolution'                            
'Acta Crystallogr.,Sect.A (Supplement)' 34  62   ?   1978 ACACBN DK 0567-7394 108  ? ?       ?                              
5       'The Crystal Structure of met-Myoglobin from Aplysia Limacina at 5 Angstroms Resolution'             
'Acta Crystallogr.,Sect.B'              34  3658 ?   1978 ASBSDK DK 0108-7681 0622 ? ?       ?                              
6       'Crystallization and Preliminary X-Ray Diffraction Studies on met-Myoglobin from Aplysia Limacina'   J.Mol.Biol. 97  665  
?   1975 JMOBAK UK 0022-2836 0070 ? ?       ?                              
7       'The Amino Acid Sequence of Myoglobin from the Mollusc Aplysia Limacina'                             
'Int.J.Pept.Protein Res.'               5   187  ?   1973 IJPPC3 DK 0367-8377 0215 ? ?       ?                              
# 
loop_
_citation_author.citation_id 
_citation_author.name 
_citation_author.ordinal 
_citation_author.identifier_ORCID 
primary 'Bolognesi, M.'    1  ? 
primary 'Onesti, S.'       2  ? 
primary 'Gatti, G.'        3  ? 
primary 'Coda, A.'         4  ? 
primary 'Ascenzi, P.'      5  ? 
primary 'Brunori, M.'      6  ? 
1       'Bolognesi, M.'    7  ? 
1       'Gatti, G.'        8  ? 
1       'Guanziroli, M.G.' 9  ? 
1       'Mattevi, A.'      10 ? 
1       'Onesti, S.'       11 ? 
1       'Coda, A.'         12 ? 
1       'Ascenzi, P.'      13 ? 
1       'Brunori, M.'      14 ? 
2       'Bolognesi, M.'    15 ? 
2       'Coda, A.'         16 ? 
2       'Gatti, G.'        17 ? 
2       'Ascenzi, P.'      18 ? 
2       'Brunori, M.'      19 ? 
3       'Bolognesi, M.'    20 ? 
3       'Cannillo, E.'     21 ? 
3       'Ascenzi, P.'      22 ? 
3       'Giacometti, G.M.' 23 ? 
3       'Merli, A.'        24 ? 
3       'Brunori, M.'      25 ? 
4       'Bolognesi, M.'    26 ? 
4       'Cannillo, E.'     27 ? 
4       'Oberti, R.'       28 ? 
4       'Rossi, G.'        29 ? 
4       'Ungaretti, L.'    30 ? 
5       'Ungaretti, L.'    31 ? 
5       'Bolognesi, M.'    32 ? 
5       'Cannillo, E.'     33 ? 
5       'Oberti, R.'       34 ? 
5       'Rossi, G.'        35 ? 
6       'Blundell, T.L.'   36 ? 
6       'Brunori, M.'      37 ? 
6       'Curti, B.'        38 ? 
6       'Bolognesi, M.'    39 ? 
6       'Coda, A.'         40 ? 
6       'Fumagalli, M.'    41 ? 
6       'Ungaretti, L.'    42 ? 
7       'Tentori, L.'      43 ? 
7       'Vivaldi, G.'      44 ? 
7       'Carta, S.'        45 ? 
7       'Marinucci, M.'    46 ? 
7       'Massa, A.'        47 ? 
7       'Antonini, E.'     48 ? 
7       'Brunori, M.'      49 ? 
# 
loop_
_entity.id 
_entity.type 
_entity.src_method 
_entity.pdbx_description 
_entity.formula_weight 
_entity.pdbx_number_of_molecules 
_entity.pdbx_ec 
_entity.pdbx_mutation 
_entity.pdbx_fragment 
_entity.details 
1 polymer     man MYOGLOBIN                         15349.438 1   ? ? ? ? 
2 non-polymer syn 'PROTOPORPHYRIN IX CONTAINING FE' 616.487   1   ? ? ? ? 
3 water       nat water                             18.015    108 ? ? ? ? 
# 
_entity_poly.entity_id                      1 
_entity_poly.type                           'polypeptide(L)' 
_entity_poly.nstd_linkage                   no 
_entity_poly.nstd_monomer                   yes 
_entity_poly.pdbx_seq_one_letter_code       
;(ACE)SLSAAEADLAGKSWAPVFANKNANGLDFLVALFEKFPDSANFFADFKGKSVADIKASPKLRDVSSRIFTRLNEFV
NNAANAGKMSAMLSQFAKEHVGFGVGSAQFENVRSMFPGFVASVAAPPAGADAAWTKLFGLIIDALKAAGA
;
_entity_poly.pdbx_seq_one_letter_code_can   
;XSLSAAEADLAGKSWAPVFANKNANGLDFLVALFEKFPDSANFFADFKGKSVADIKASPKLRDVSSRIFTRLNEFVNNAA
NAGKMSAMLSQFAKEHVGFGVGSAQFENVRSMFPGFVASVAAPPAGADAAWTKLFGLIIDALKAAGA
;
_entity_poly.pdbx_strand_id                 A 
_entity_poly.pdbx_target_identifier         ? 
# 
loop_
_pdbx_entity_nonpoly.entity_id 
_pdbx_entity_nonpoly.name 
_pdbx_entity_nonpoly.comp_id 
2 'PROTOPORPHYRIN IX CONTAINING FE' HEM 
3 water                             HOH 
# 
loop_
_entity_poly_seq.entity_id 
_entity_poly_seq.num 
_entity_poly_seq.mon_id 
_entity_poly_seq.hetero 
1 1   ACE n 
1 2   SER n 
1 3   LEU n 
1 4   SER n 
1 5   ALA n 
1 6   ALA n 
1 7   GLU n 
1 8   ALA n 
1 9   ASP n 
1 10  LEU n 
1 11  ALA n 
1 12  GLY n 
1 13  LYS n 
1 14  SER n 
1 15  TRP n 
1 16  ALA n 
1 17  PRO n 
1 18  VAL n 
1 19  PHE n 
1 20  ALA n 
1 21  ASN n 
1 22  LYS n 
1 23  ASN n 
1 24  ALA n 
1 25  ASN n 
1 26  GLY n 
1 27  LEU n 
1 28  ASP n 
1 29  PHE n 
1 30  LEU n 
1 31  VAL n 
1 32  ALA n 
1 33  LEU n 
1 34  PHE n 
1 35  GLU n 
1 36  LYS n 
1 37  PHE n 
1 38  PRO n 
1 39  ASP n 
1 40  SER n 
1 41  ALA n 
1 42  ASN n 
1 43  PHE n 
1 44  PHE n 
1 45  ALA n 
1 46  ASP n 
1 47  PHE n 
1 48  LYS n 
1 49  GLY n 
1 50  LYS n 
1 51  SER n 
1 52  VAL n 
1 53  ALA n 
1 54  ASP n 
1 55  ILE n 
1 56  LYS n 
1 57  ALA n 
1 58  SER n 
1 59  PRO n 
1 60  LYS n 
1 61  LEU n 
1 62  ARG n 
1 63  ASP n 
1 64  VAL n 
1 65  SER n 
1 66  SER n 
1 67  ARG n 
1 68  ILE n 
1 69  PHE n 
1 70  THR n 
1 71  ARG n 
1 72  LEU n 
1 73  ASN n 
1 74  GLU n 
1 75  PHE n 
1 76  VAL n 
1 77  ASN n 
1 78  ASN n 
1 79  ALA n 
1 80  ALA n 
1 81  ASN n 
1 82  ALA n 
1 83  GLY n 
1 84  LYS n 
1 85  MET n 
1 86  SER n 
1 87  ALA n 
1 88  MET n 
1 89  LEU n 
1 90  SER n 
1 91  GLN n 
1 92  PHE n 
1 93  ALA n 
1 94  LYS n 
1 95  GLU n 
1 96  HIS n 
1 97  VAL n 
1 98  GLY n 
1 99  PHE n 
1 100 GLY n 
1 101 VAL n 
1 102 GLY n 
1 103 SER n 
1 104 ALA n 
1 105 GLN n 
1 106 PHE n 
1 107 GLU n 
1 108 ASN n 
1 109 VAL n 
1 110 ARG n 
1 111 SER n 
1 112 MET n 
1 113 PHE n 
1 114 PRO n 
1 115 GLY n 
1 116 PHE n 
1 117 VAL n 
1 118 ALA n 
1 119 SER n 
1 120 VAL n 
1 121 ALA n 
1 122 ALA n 
1 123 PRO n 
1 124 PRO n 
1 125 ALA n 
1 126 GLY n 
1 127 ALA n 
1 128 ASP n 
1 129 ALA n 
1 130 ALA n 
1 131 TRP n 
1 132 THR n 
1 133 LYS n 
1 134 LEU n 
1 135 PHE n 
1 136 GLY n 
1 137 LEU n 
1 138 ILE n 
1 139 ILE n 
1 140 ASP n 
1 141 ALA n 
1 142 LEU n 
1 143 LYS n 
1 144 ALA n 
1 145 ALA n 
1 146 GLY n 
1 147 ALA n 
# 
_entity_src_gen.entity_id                          1 
_entity_src_gen.pdbx_src_id                        1 
_entity_src_gen.pdbx_alt_source_flag               sample 
_entity_src_gen.pdbx_seq_type                      ? 
_entity_src_gen.pdbx_beg_seq_num                   ? 
_entity_src_gen.pdbx_end_seq_num                   ? 
_entity_src_gen.gene_src_common_name               'slug sea hare' 
_entity_src_gen.gene_src_genus                     Aplysia 
_entity_src_gen.pdbx_gene_src_gene                 ? 
_entity_src_gen.gene_src_species                   ? 
_entity_src_gen.gene_src_strain                    ? 
_entity_src_gen.gene_src_tissue                    ? 
_entity_src_gen.gene_src_tissue_fraction           ? 
_entity_src_gen.gene_src_details                   ? 
_entity_src_gen.pdbx_gene_src_fragment             ? 
_entity_src_gen.pdbx_gene_src_scientific_name      'Aplysia limacina' 
_entity_src_gen.pdbx_gene_src_ncbi_taxonomy_id     6502 
_entity_src_gen.pdbx_gene_src_variant              ? 
_entity_src_gen.pdbx_gene_src_cell_line            ? 
_entity_src_gen.pdbx_gene_src_atcc                 ? 
_entity_src_gen.pdbx_gene_src_organ                ? 
_entity_src_gen.pdbx_gene_src_organelle            ? 
_entity_src_gen.pdbx_gene_src_cell                 ? 
_entity_src_gen.pdbx_gene_src_cellular_location    ? 
_entity_src_gen.host_org_common_name               ? 
_entity_src_gen.pdbx_host_org_scientific_name      ? 
_entity_src_gen.pdbx_host_org_ncbi_taxonomy_id     ? 
_entity_src_gen.host_org_genus                     ? 
_entity_src_gen.pdbx_host_org_gene                 ? 
_entity_src_gen.pdbx_host_org_organ                ? 
_entity_src_gen.host_org_species                   ? 
_entity_src_gen.pdbx_host_org_tissue               ? 
_entity_src_gen.pdbx_host_org_tissue_fraction      ? 
_entity_src_gen.pdbx_host_org_strain               ? 
_entity_src_gen.pdbx_host_org_variant              ? 
_entity_src_gen.pdbx_host_org_cell_line            ? 
_entity_src_gen.pdbx_host_org_atcc                 ? 
_entity_src_gen.pdbx_host_org_culture_collection   ? 
_entity_src_gen.pdbx_host_org_cell                 ? 
_entity_src_gen.pdbx_host_org_organelle            ? 
_entity_src_gen.pdbx_host_org_cellular_location    ? 
_entity_src_gen.pdbx_host_org_vector_type          ? 
_entity_src_gen.pdbx_host_org_vector               ? 
_entity_src_gen.host_org_details                   ? 
_entity_src_gen.expression_system_id               ? 
_entity_src_gen.plasmid_name                       ? 
_entity_src_gen.plasmid_details                    ? 
_entity_src_gen.pdbx_description                   ? 
# 
loop_
_chem_comp.id 
_chem_comp.type 
_chem_comp.mon_nstd_flag 
_chem_comp.name 
_chem_comp.pdbx_synonyms 
_chem_comp.formula 
_chem_comp.formula_weight 
ACE non-polymer         . 'ACETYL GROUP'                    ?    'C2 H4 O'          44.053  
ALA 'L-peptide linking' y ALANINE                           ?    'C3 H7 N O2'       89.093  
ARG 'L-peptide linking' y ARGININE                          ?    'C6 H15 N4 O2 1'   175.209 
ASN 'L-peptide linking' y ASPARAGINE                        ?    'C4 H8 N2 O3'      132.118 
ASP 'L-peptide linking' y 'ASPARTIC ACID'                   ?    'C4 H7 N O4'       133.103 
GLN 'L-peptide linking' y GLUTAMINE                         ?    'C5 H10 N2 O3'     146.144 
GLU 'L-peptide linking' y 'GLUTAMIC ACID'                   ?    'C5 H9 N O4'       147.129 
GLY 'peptide linking'   y GLYCINE                           ?    'C2 H5 N O2'       75.067  
HEM non-polymer         . 'PROTOPORPHYRIN IX CONTAINING FE' HEME 'C34 H32 Fe N4 O4' 616.487 
HIS 'L-peptide linking' y HISTIDINE                         ?    'C6 H10 N3 O2 1'   156.162 
HOH non-polymer         . WATER                             ?    'H2 O'             18.015  
ILE 'L-peptide linking' y ISOLEUCINE                        ?    'C6 H13 N O2'      131.173 
LEU 'L-peptide linking' y LEUCINE                           ?    'C6 H13 N O2'      131.173 
LYS 'L-peptide linking' y LYSINE                            ?    'C6 H15 N2 O2 1'   147.195 
MET 'L-peptide linking' y METHIONINE                        ?    'C5 H11 N O2 S'    149.211 
PHE 'L-peptide linking' y PHENYLALANINE                     ?    'C9 H11 N O2'      165.189 
PRO 'L-peptide linking' y PROLINE                           ?    'C5 H9 N O2'       115.130 
SER 'L-peptide linking' y SERINE                            ?    'C3 H7 N O3'       105.093 
THR 'L-peptide linking' y THREONINE                         ?    'C4 H9 N O3'       119.119 
TRP 'L-peptide linking' y TRYPTOPHAN                        ?    'C11 H12 N2 O2'    204.225 
VAL 'L-peptide linking' y VALINE                            ?    'C5 H11 N O2'      117.146 
# 
loop_
_pdbx_poly_seq_scheme.asym_id 
_pdbx_poly_seq_scheme.entity_id 
_pdbx_poly_seq_scheme.seq_id 
_pdbx_poly_seq_scheme.mon_id 
_pdbx_poly_seq_scheme.ndb_seq_num 
_pdbx_poly_seq_scheme.pdb_seq_num 
_pdbx_poly_seq_scheme.auth_seq_num 
_pdbx_poly_seq_scheme.pdb_mon_id 
_pdbx_poly_seq_scheme.auth_mon_id 
_pdbx_poly_seq_scheme.pdb_strand_id 
_pdbx_poly_seq_scheme.pdb_ins_code 
_pdbx_poly_seq_scheme.hetero 
A 1 1   ACE 1   0   0   ACE ACE A . n 
A 1 2   SER 2   1   1   SER SER A . n 
A 1 3   LEU 3   2   2   LEU LEU A . n 
A 1 4   SER 4   3   3   SER SER A . n 
A 1 5   ALA 5   4   4   ALA ALA A . n 
A 1 6   ALA 6   5   5   ALA ALA A . n 
A 1 7   GLU 7   6   6   GLU GLU A . n 
A 1 8   ALA 8   7   7   ALA ALA A . n 
A 1 9   ASP 9   8   8   ASP ASP A . n 
A 1 10  LEU 10  9   9   LEU LEU A . n 
A 1 11  ALA 11  10  10  ALA ALA A . n 
A 1 12  GLY 12  11  11  GLY GLY A . n 
A 1 13  LYS 13  12  12  LYS LYS A . n 
A 1 14  SER 14  13  13  SER SER A . n 
A 1 15  TRP 15  14  14  TRP TRP A . n 
A 1 16  ALA 16  15  15  ALA ALA A . n 
A 1 17  PRO 17  16  16  PRO PRO A . n 
A 1 18  VAL 18  17  17  VAL VAL A . n 
A 1 19  PHE 19  18  18  PHE PHE A . n 
A 1 20  ALA 20  19  19  ALA ALA A . n 
A 1 21  ASN 21  20  20  ASN ASN A . n 
A 1 22  LYS 22  21  21  LYS LYS A . n 
A 1 23  ASN 23  22  22  ASN ASN A . n 
A 1 24  ALA 24  23  23  ALA ALA A . n 
A 1 25  ASN 25  24  24  ASN ASN A . n 
A 1 26  GLY 26  25  25  GLY GLY A . n 
A 1 27  LEU 27  26  26  LEU LEU A . n 
A 1 28  ASP 28  27  27  ASP ASP A . n 
A 1 29  PHE 29  28  28  PHE PHE A . n 
A 1 30  LEU 30  29  29  LEU LEU A . n 
A 1 31  VAL 31  30  30  VAL VAL A . n 
A 1 32  ALA 32  31  31  ALA ALA A . n 
A 1 33  LEU 33  32  32  LEU LEU A . n 
A 1 34  PHE 34  33  33  PHE PHE A . n 
A 1 35  GLU 35  34  34  GLU GLU A . n 
A 1 36  LYS 36  35  35  LYS LYS A . n 
A 1 37  PHE 37  36  36  PHE PHE A . n 
A 1 38  PRO 38  37  37  PRO PRO A . n 
A 1 39  ASP 39  38  38  ASP ASP A . n 
A 1 40  SER 40  39  39  SER SER A . n 
A 1 41  ALA 41  40  40  ALA ALA A . n 
A 1 42  ASN 42  41  41  ASN ASN A . n 
A 1 43  PHE 43  42  42  PHE PHE A . n 
A 1 44  PHE 44  43  43  PHE PHE A . n 
A 1 45  ALA 45  44  44  ALA ALA A . n 
A 1 46  ASP 46  45  45  ASP ASP A . n 
A 1 47  PHE 47  46  46  PHE PHE A . n 
A 1 48  LYS 48  47  47  LYS LYS A . n 
A 1 49  GLY 49  48  48  GLY GLY A . n 
A 1 50  LYS 50  49  49  LYS LYS A . n 
A 1 51  SER 51  50  50  SER SER A . n 
A 1 52  VAL 52  51  51  VAL VAL A . n 
A 1 53  ALA 53  52  52  ALA ALA A . n 
A 1 54  ASP 54  53  53  ASP ASP A . n 
A 1 55  ILE 55  54  54  ILE ILE A . n 
A 1 56  LYS 56  55  55  LYS LYS A . n 
A 1 57  ALA 57  56  56  ALA ALA A . n 
A 1 58  SER 58  57  57  SER SER A . n 
A 1 59  PRO 59  58  58  PRO PRO A . n 
A 1 60  LYS 60  59  59  LYS LYS A . n 
A 1 61  LEU 61  60  60  LEU LEU A . n 
A 1 62  ARG 62  61  61  ARG ARG A . n 
A 1 63  ASP 63  62  62  ASP ASP A . n 
A 1 64  VAL 64  63  63  VAL VAL A . n 
A 1 65  SER 65  64  64  SER SER A . n 
A 1 66  SER 66  65  65  SER SER A . n 
A 1 67  ARG 67  66  66  ARG ARG A . n 
A 1 68  ILE 68  67  67  ILE ILE A . n 
A 1 69  PHE 69  68  68  PHE PHE A . n 
A 1 70  THR 70  69  69  THR THR A . n 
A 1 71  ARG 71  70  70  ARG ARG A . n 
A 1 72  LEU 72  71  71  LEU LEU A . n 
A 1 73  ASN 73  72  72  ASN ASN A . n 
A 1 74  GLU 74  73  73  GLU GLU A . n 
A 1 75  PHE 75  74  74  PHE PHE A . n 
A 1 76  VAL 76  75  75  VAL VAL A . n 
A 1 77  ASN 77  76  76  ASN ASN A . n 
A 1 78  ASN 78  77  77  ASN ASN A . n 
A 1 79  ALA 79  78  78  ALA ALA A . n 
A 1 80  ALA 80  79  79  ALA ALA A . n 
A 1 81  ASN 81  80  80  ASN ASN A . n 
A 1 82  ALA 82  81  81  ALA ALA A . n 
A 1 83  GLY 83  82  82  GLY GLY A . n 
A 1 84  LYS 84  83  83  LYS LYS A . n 
A 1 85  MET 85  84  84  MET MET A . n 
A 1 86  SER 86  85  85  SER SER A . n 
A 1 87  ALA 87  86  86  ALA ALA A . n 
A 1 88  MET 88  87  87  MET MET A . n 
A 1 89  LEU 89  88  88  LEU LEU A . n 
A 1 90  SER 90  89  89  SER SER A . n 
A 1 91  GLN 91  90  90  GLN GLN A . n 
A 1 92  PHE 92  91  91  PHE PHE A . n 
A 1 93  ALA 93  92  92  ALA ALA A . n 
A 1 94  LYS 94  93  93  LYS LYS A . n 
A 1 95  GLU 95  94  94  GLU GLU A . n 
A 1 96  HIS 96  95  95  HIS HIS A . n 
A 1 97  VAL 97  96  96  VAL VAL A . n 
A 1 98  GLY 98  97  97  GLY GLY A . n 
A 1 99  PHE 99  98  98  PHE PHE A . n 
A 1 100 GLY 100 99  99  GLY GLY A . n 
A 1 101 VAL 101 100 100 VAL VAL A . n 
A 1 102 GLY 102 101 101 GLY GLY A . n 
A 1 103 SER 103 102 102 SER SER A . n 
A 1 104 ALA 104 103 103 ALA ALA A . n 
A 1 105 GLN 105 104 104 GLN GLN A . n 
A 1 106 PHE 106 105 105 PHE PHE A . n 
A 1 107 GLU 107 106 106 GLU GLU A . n 
A 1 108 ASN 108 107 107 ASN ASN A . n 
A 1 109 VAL 109 108 108 VAL VAL A . n 
A 1 110 ARG 110 109 109 ARG ARG A . n 
A 1 111 SER 111 110 110 SER SER A . n 
A 1 112 MET 112 111 111 MET MET A . n 
A 1 113 PHE 113 112 112 PHE PHE A . n 
A 1 114 PRO 114 113 113 PRO PRO A . n 
A 1 115 GLY 115 114 114 GLY GLY A . n 
A 1 116 PHE 116 115 115 PHE PHE A . n 
A 1 117 VAL 117 116 116 VAL VAL A . n 
A 1 118 ALA 118 117 117 ALA ALA A . n 
A 1 119 SER 119 118 118 SER SER A . n 
A 1 120 VAL 120 119 119 VAL VAL A . n 
A 1 121 ALA 121 120 120 ALA ALA A . n 
A 1 122 ALA 122 121 121 ALA ALA A . n 
A 1 123 PRO 123 122 122 PRO PRO A . n 
A 1 124 PRO 124 123 123 PRO PRO A . n 
A 1 125 ALA 125 124 124 ALA ALA A . n 
A 1 126 GLY 126 125 125 GLY GLY A . n 
A 1 127 ALA 127 126 126 ALA ALA A . n 
A 1 128 ASP 128 127 127 ASP ASP A . n 
A 1 129 ALA 129 128 128 ALA ALA A . n 
A 1 130 ALA 130 129 129 ALA ALA A . n 
A 1 131 TRP 131 130 130 TRP TRP A . n 
A 1 132 THR 132 131 131 THR THR A . n 
A 1 133 LYS 133 132 132 LYS LYS A . n 
A 1 134 LEU 134 133 133 LEU LEU A . n 
A 1 135 PHE 135 134 134 PHE PHE A . n 
A 1 136 GLY 136 135 135 GLY GLY A . n 
A 1 137 LEU 137 136 136 LEU LEU A . n 
A 1 138 ILE 138 137 137 ILE ILE A . n 
A 1 139 ILE 139 138 138 ILE ILE A . n 
A 1 140 ASP 140 139 139 ASP ASP A . n 
A 1 141 ALA 141 140 140 ALA ALA A . n 
A 1 142 LEU 142 141 141 LEU LEU A . n 
A 1 143 LYS 143 142 142 LYS LYS A . n 
A 1 144 ALA 144 143 143 ALA ALA A . n 
A 1 145 ALA 145 144 144 ALA ALA A . n 
A 1 146 GLY 146 145 145 GLY GLY A . n 
A 1 147 ALA 147 146 146 ALA ALA A . n 
# 
loop_
_pdbx_nonpoly_scheme.asym_id 
_pdbx_nonpoly_scheme.entity_id 
_pdbx_nonpoly_scheme.mon_id 
_pdbx_nonpoly_scheme.ndb_seq_num 
_pdbx_nonpoly_scheme.pdb_seq_num 
_pdbx_nonpoly_scheme.auth_seq_num 
_pdbx_nonpoly_scheme.pdb_mon_id 
_pdbx_nonpoly_scheme.auth_mon_id 
_pdbx_nonpoly_scheme.pdb_strand_id 
_pdbx_nonpoly_scheme.pdb_ins_code 
B 2 HEM 1   148 148 HEM HEM A . 
C 3 HOH 1   149 149 HOH HOH A . 
C 3 HOH 2   150 150 HOH HOH A . 
C 3 HOH 3   151 151 HOH HOH A . 
C 3 HOH 4   152 152 HOH HOH A . 
C 3 HOH 5   153 153 HOH HOH A . 
C 3 HOH 6   155 155 HOH HOH A . 
C 3 HOH 7   156 156 HOH HOH A . 
C 3 HOH 8   157 157 HOH HOH A . 
C 3 HOH 9   158 158 HOH HOH A . 
C 3 HOH 10  159 159 HOH HOH A . 
C 3 HOH 11  160 160 HOH HOH A . 
C 3 HOH 12  161 161 HOH HOH A . 
C 3 HOH 13  162 162 HOH HOH A . 
C 3 HOH 14  163 163 HOH HOH A . 
C 3 HOH 15  164 164 HOH HOH A . 
C 3 HOH 16  165 165 HOH HOH A . 
C 3 HOH 17  166 166 HOH HOH A . 
C 3 HOH 18  167 167 HOH HOH A . 
C 3 HOH 19  168 168 HOH HOH A . 
C 3 HOH 20  169 169 HOH HOH A . 
C 3 HOH 21  170 170 HOH HOH A . 
C 3 HOH 22  171 171 HOH HOH A . 
C 3 HOH 23  172 172 HOH HOH A . 
C 3 HOH 24  173 173 HOH HOH A . 
C 3 HOH 25  174 174 HOH HOH A . 
C 3 HOH 26  176 176 HOH HOH A . 
C 3 HOH 27  177 177 HOH HOH A . 
C 3 HOH 28  178 178 HOH HOH A . 
C 3 HOH 29  179 179 HOH HOH A . 
C 3 HOH 30  180 180 HOH HOH A . 
C 3 HOH 31  181 181 HOH HOH A . 
C 3 HOH 32  182 182 HOH HOH A . 
C 3 HOH 33  183 183 HOH HOH A . 
C 3 HOH 34  184 184 HOH HOH A . 
C 3 HOH 35  187 187 HOH HOH A . 
C 3 HOH 36  188 188 HOH HOH A . 
C 3 HOH 37  189 189 HOH HOH A . 
C 3 HOH 38  190 190 HOH HOH A . 
C 3 HOH 39  191 191 HOH HOH A . 
C 3 HOH 40  193 193 HOH HOH A . 
C 3 HOH 41  194 194 HOH HOH A . 
C 3 HOH 42  195 195 HOH HOH A . 
C 3 HOH 43  196 196 HOH HOH A . 
C 3 HOH 44  197 197 HOH HOH A . 
C 3 HOH 45  198 198 HOH HOH A . 
C 3 HOH 46  199 199 HOH HOH A . 
C 3 HOH 47  200 200 HOH HOH A . 
C 3 HOH 48  201 201 HOH HOH A . 
C 3 HOH 49  202 202 HOH HOH A . 
C 3 HOH 50  203 203 HOH HOH A . 
C 3 HOH 51  204 204 HOH HOH A . 
C 3 HOH 52  205 205 HOH HOH A . 
C 3 HOH 53  207 207 HOH HOH A . 
C 3 HOH 54  208 208 HOH HOH A . 
C 3 HOH 55  209 209 HOH HOH A . 
C 3 HOH 56  211 211 HOH HOH A . 
C 3 HOH 57  213 213 HOH HOH A . 
C 3 HOH 58  214 214 HOH HOH A . 
C 3 HOH 59  215 215 HOH HOH A . 
C 3 HOH 60  216 216 HOH HOH A . 
C 3 HOH 61  217 217 HOH HOH A . 
C 3 HOH 62  218 218 HOH HOH A . 
C 3 HOH 63  219 219 HOH HOH A . 
C 3 HOH 64  220 220 HOH HOH A . 
C 3 HOH 65  222 222 HOH HOH A . 
C 3 HOH 66  223 223 HOH HOH A . 
C 3 HOH 67  224 224 HOH HOH A . 
C 3 HOH 68  225 225 HOH HOH A . 
C 3 HOH 69  226 226 HOH HOH A . 
C 3 HOH 70  228 228 HOH HOH A . 
C 3 HOH 71  229 229 HOH HOH A . 
C 3 HOH 72  230 230 HOH HOH A . 
C 3 HOH 73  231 231 HOH HOH A . 
C 3 HOH 74  232 232 HOH HOH A . 
C 3 HOH 75  234 234 HOH HOH A . 
C 3 HOH 76  235 235 HOH HOH A . 
C 3 HOH 77  236 236 HOH HOH A . 
C 3 HOH 78  237 237 HOH HOH A . 
C 3 HOH 79  238 238 HOH HOH A . 
C 3 HOH 80  239 239 HOH HOH A . 
C 3 HOH 81  240 240 HOH HOH A . 
C 3 HOH 82  241 241 HOH HOH A . 
C 3 HOH 83  242 242 HOH HOH A . 
C 3 HOH 84  243 243 HOH HOH A . 
C 3 HOH 85  244 244 HOH HOH A . 
C 3 HOH 86  246 246 HOH HOH A . 
C 3 HOH 87  250 250 HOH HOH A . 
C 3 HOH 88  251 251 HOH HOH A . 
C 3 HOH 89  252 252 HOH HOH A . 
C 3 HOH 90  260 260 HOH HOH A . 
C 3 HOH 91  261 261 HOH HOH A . 
C 3 HOH 92  262 262 HOH HOH A . 
C 3 HOH 93  263 263 HOH HOH A . 
C 3 HOH 94  264 264 HOH HOH A . 
C 3 HOH 95  265 265 HOH HOH A . 
C 3 HOH 96  266 266 HOH HOH A . 
C 3 HOH 97  267 267 HOH HOH A . 
C 3 HOH 98  268 268 HOH HOH A . 
C 3 HOH 99  269 269 HOH HOH A . 
C 3 HOH 100 270 270 HOH HOH A . 
C 3 HOH 101 271 271 HOH HOH A . 
C 3 HOH 102 272 272 HOH HOH A . 
C 3 HOH 103 273 273 HOH HOH A . 
C 3 HOH 104 274 274 HOH HOH A . 
C 3 HOH 105 275 275 HOH HOH A . 
C 3 HOH 106 276 276 HOH HOH A . 
C 3 HOH 107 277 277 HOH HOH A . 
C 3 HOH 108 278 278 HOH HOH A . 
# 
_software.name             EREF 
_software.classification   refinement 
_software.version          . 
_software.citation_id      ? 
_software.pdbx_ordinal     1 
# 
_cell.entry_id           1MBA 
_cell.length_a           52.980 
_cell.length_b           70.700 
_cell.length_c           32.500 
_cell.angle_alpha        90.00 
_cell.angle_beta         90.00 
_cell.angle_gamma        90.00 
_cell.Z_PDB              4 
_cell.pdbx_unique_axis   ? 
# 
_symmetry.entry_id                         1MBA 
_symmetry.space_group_name_H-M             'P 21 21 21' 
_symmetry.pdbx_full_space_group_name_H-M   ? 
_symmetry.cell_setting                     ? 
_symmetry.Int_Tables_number                19 
# 
_exptl.entry_id          1MBA 
_exptl.method            'X-RAY DIFFRACTION' 
_exptl.crystals_number   ? 
# 
_exptl_crystal.id                    1 
_exptl_crystal.density_meas          ? 
_exptl_crystal.density_Matthews      1.98 
_exptl_crystal.density_percent_sol   37.94 
_exptl_crystal.description           ? 
# 
_diffrn.id                     1 
_diffrn.ambient_temp           ? 
_diffrn.ambient_temp_details   ? 
_diffrn.crystal_id             1 
# 
_diffrn_radiation.diffrn_id                        1 
_diffrn_radiation.wavelength_id                    1 
_diffrn_radiation.pdbx_monochromatic_or_laue_m_l   ? 
_diffrn_radiation.monochromator                    ? 
_diffrn_radiation.pdbx_diffrn_protocol             ? 
_diffrn_radiation.pdbx_scattering_type             x-ray 
# 
_diffrn_radiation_wavelength.id           1 
_diffrn_radiation_wavelength.wavelength   . 
_diffrn_radiation_wavelength.wt           1.0 
# 
_refine.entry_id                                 1MBA 
_refine.ls_number_reflns_obs                     ? 
_refine.ls_number_reflns_all                     ? 
_refine.pdbx_ls_sigma_I                          ? 
_refine.pdbx_ls_sigma_F                          ? 
_refine.pdbx_data_cutoff_high_absF               ? 
_refine.pdbx_data_cutoff_low_absF                ? 
_refine.pdbx_data_cutoff_high_rms_absF           ? 
_refine.ls_d_res_low                             ? 
_refine.ls_d_res_high                            1.6 
_refine.ls_percent_reflns_obs                    ? 
_refine.ls_R_factor_obs                          ? 
_refine.ls_R_factor_all                          ? 
_refine.ls_R_factor_R_work                       0.1930000 
_refine.ls_R_factor_R_free                       ? 
_refine.ls_R_factor_R_free_error                 ? 
_refine.ls_R_factor_R_free_error_details         ? 
_refine.ls_percent_reflns_R_free                 ? 
_refine.ls_number_reflns_R_free                  ? 
_refine.ls_number_parameters                     ? 
_refine.ls_number_restraints                     ? 
_refine.occupancy_min                            ? 
_refine.occupancy_max                            ? 
_refine.B_iso_mean                               ? 
_refine.aniso_B[1][1]                            ? 
_refine.aniso_B[2][2]                            ? 
_refine.aniso_B[3][3]                            ? 
_refine.aniso_B[1][2]                            ? 
_refine.aniso_B[1][3]                            ? 
_refine.aniso_B[2][3]                            ? 
_refine.solvent_model_details                    ? 
_refine.solvent_model_param_ksol                 ? 
_refine.solvent_model_param_bsol                 ? 
_refine.pdbx_ls_cross_valid_method               ? 
_refine.details                                  ? 
_refine.pdbx_starting_model                      ? 
_refine.pdbx_method_to_determine_struct          ? 
_refine.pdbx_isotropic_thermal_model             ? 
_refine.pdbx_stereochemistry_target_values       ? 
_refine.pdbx_stereochem_target_val_spec_case     ? 
_refine.pdbx_R_Free_selection_details            ? 
_refine.pdbx_overall_ESU_R                       ? 
_refine.pdbx_overall_ESU_R_Free                  ? 
_refine.overall_SU_ML                            ? 
_refine.overall_SU_B                             ? 
_refine.pdbx_refine_id                           'X-RAY DIFFRACTION' 
_refine.pdbx_diffrn_id                           1 
_refine.pdbx_TLS_residual_ADP_flag               ? 
_refine.correlation_coeff_Fo_to_Fc               ? 
_refine.correlation_coeff_Fo_to_Fc_free          ? 
_refine.pdbx_solvent_vdw_probe_radii             ? 
_refine.pdbx_solvent_ion_probe_radii             ? 
_refine.pdbx_solvent_shrinkage_radii             ? 
_refine.pdbx_overall_phase_error                 ? 
_refine.overall_SU_R_Cruickshank_DPI             ? 
_refine.pdbx_overall_SU_R_free_Cruickshank_DPI   ? 
_refine.pdbx_overall_SU_R_Blow_DPI               ? 
_refine.pdbx_overall_SU_R_free_Blow_DPI          ? 
# 
_refine_hist.pdbx_refine_id                   'X-RAY DIFFRACTION' 
_refine_hist.cycle_id                         LAST 
_refine_hist.pdbx_number_atoms_protein        1086 
_refine_hist.pdbx_number_atoms_nucleic_acid   0 
_refine_hist.pdbx_number_atoms_ligand         43 
_refine_hist.number_atoms_solvent             108 
_refine_hist.number_atoms_total               1237 
_refine_hist.d_res_high                       1.6 
_refine_hist.d_res_low                        . 
# 
loop_
_refine_ls_restr.type 
_refine_ls_restr.dev_ideal 
_refine_ls_restr.dev_ideal_target 
_refine_ls_restr.weight 
_refine_ls_restr.number 
_refine_ls_restr.pdbx_refine_id 
_refine_ls_restr.pdbx_restraint_function 
o_bond_d                0.017 ? ? ? 'X-RAY DIFFRACTION' ? 
o_bond_d_na             ?     ? ? ? 'X-RAY DIFFRACTION' ? 
o_bond_d_prot           ?     ? ? ? 'X-RAY DIFFRACTION' ? 
o_angle_d               ?     ? ? ? 'X-RAY DIFFRACTION' ? 
o_angle_d_na            ?     ? ? ? 'X-RAY DIFFRACTION' ? 
o_angle_d_prot          ?     ? ? ? 'X-RAY DIFFRACTION' ? 
o_angle_deg             2.12  ? ? ? 'X-RAY DIFFRACTION' ? 
o_angle_deg_na          ?     ? ? ? 'X-RAY DIFFRACTION' ? 
o_angle_deg_prot        ?     ? ? ? 'X-RAY DIFFRACTION' ? 
o_dihedral_angle_d      ?     ? ? ? 'X-RAY DIFFRACTION' ? 
o_dihedral_angle_d_na   ?     ? ? ? 'X-RAY DIFFRACTION' ? 
o_dihedral_angle_d_prot ?     ? ? ? 'X-RAY DIFFRACTION' ? 
o_improper_angle_d      ?     ? ? ? 'X-RAY DIFFRACTION' ? 
o_improper_angle_d_na   ?     ? ? ? 'X-RAY DIFFRACTION' ? 
o_improper_angle_d_prot ?     ? ? ? 'X-RAY DIFFRACTION' ? 
o_mcbond_it             ?     ? ? ? 'X-RAY DIFFRACTION' ? 
o_mcangle_it            ?     ? ? ? 'X-RAY DIFFRACTION' ? 
o_scbond_it             ?     ? ? ? 'X-RAY DIFFRACTION' ? 
o_scangle_it            ?     ? ? ? 'X-RAY DIFFRACTION' ? 
# 
_struct.entry_id                  1MBA 
_struct.title                     'APLYSIA LIMACINA MYOGLOBIN. CRYSTALLOGRAPHIC ANALYSIS AT 1.6 ANGSTROMS RESOLUTION' 
_struct.pdbx_model_details        ? 
_struct.pdbx_CASP_flag            ? 
_struct.pdbx_model_type_details   ? 
# 
_struct_keywords.entry_id        1MBA 
_struct_keywords.pdbx_keywords   'OXYGEN STORAGE' 
_struct_keywords.text            'OXYGEN STORAGE' 
# 
loop_
_struct_asym.id 
_struct_asym.pdbx_blank_PDB_chainid_flag 
_struct_asym.pdbx_modified 
_struct_asym.entity_id 
_struct_asym.details 
A N N 1 ? 
B N N 2 ? 
C N N 3 ? 
# 
_struct_ref.id                         1 
_struct_ref.db_name                    UNP 
_struct_ref.db_code                    GLB_APLLI 
_struct_ref.entity_id                  1 
_struct_ref.pdbx_db_accession          P02210 
_struct_ref.pdbx_align_begin           1 
_struct_ref.pdbx_seq_one_letter_code   
;SLSAAEADLAGKSWAPVFANKDANGDAFLVALFEKFPDSANFFADFKGKSVADIKASPKLRDVSSRIFTRLNEFVNNAAD
AGKMSAMLSQFAKEHVGFGVGSAQFENVRSMFPGFVASVAAPPAGADAAWTKLFGLIIDALKAAGK
;
_struct_ref.pdbx_db_isoform            ? 
# 
_struct_ref_seq.align_id                      1 
_struct_ref_seq.ref_id                        1 
_struct_ref_seq.pdbx_PDB_id_code              1MBA 
_struct_ref_seq.pdbx_strand_id                A 
_struct_ref_seq.seq_align_beg                 2 
_struct_ref_seq.pdbx_seq_align_beg_ins_code   ? 
_struct_ref_seq.seq_align_end                 146 
_struct_ref_seq.pdbx_seq_align_end_ins_code   ? 
_struct_ref_seq.pdbx_db_accession             P02210 
_struct_ref_seq.db_align_beg                  1 
_struct_ref_seq.pdbx_db_align_beg_ins_code    ? 
_struct_ref_seq.db_align_end                  145 
_struct_ref_seq.pdbx_db_align_end_ins_code    ? 
_struct_ref_seq.pdbx_auth_seq_align_beg       1 
_struct_ref_seq.pdbx_auth_seq_align_end       145 
# 
loop_
_struct_ref_seq_dif.align_id 
_struct_ref_seq_dif.pdbx_pdb_id_code 
_struct_ref_seq_dif.mon_id 
_struct_ref_seq_dif.pdbx_pdb_strand_id 
_struct_ref_seq_dif.seq_num 
_struct_ref_seq_dif.pdbx_pdb_ins_code 
_struct_ref_seq_dif.pdbx_seq_db_name 
_struct_ref_seq_dif.pdbx_seq_db_accession_code 
_struct_ref_seq_dif.db_mon_id 
_struct_ref_seq_dif.pdbx_seq_db_seq_num 
_struct_ref_seq_dif.details 
_struct_ref_seq_dif.pdbx_auth_seq_num 
_struct_ref_seq_dif.pdbx_ordinal 
1 1MBA ASN A 23 ? UNP P02210 ASP 22 conflict 22 1 
1 1MBA LEU A 27 ? UNP P02210 ASP 26 conflict 26 2 
1 1MBA ASP A 28 ? UNP P02210 ALA 27 conflict 27 3 
1 1MBA ASN A 81 ? UNP P02210 ASP 80 conflict 80 4 
# 
_pdbx_struct_assembly.id                   1 
_pdbx_struct_assembly.details              author_defined_assembly 
_pdbx_struct_assembly.method_details       ? 
_pdbx_struct_assembly.oligomeric_details   monomeric 
_pdbx_struct_assembly.oligomeric_count     1 
# 
_pdbx_struct_assembly_gen.assembly_id       1 
_pdbx_struct_assembly_gen.oper_expression   1 
_pdbx_struct_assembly_gen.asym_id_list      A,B,C 
# 
_pdbx_struct_oper_list.id                   1 
_pdbx_struct_oper_list.type                 'identity operation' 
_pdbx_struct_oper_list.name                 1_555 
_pdbx_struct_oper_list.symmetry_operation   x,y,z 
_pdbx_struct_oper_list.matrix[1][1]         1.0000000000 
_pdbx_struct_oper_list.matrix[1][2]         0.0000000000 
_pdbx_struct_oper_list.matrix[1][3]         0.0000000000 
_pdbx_struct_oper_list.vector[1]            0.0000000000 
_pdbx_struct_oper_list.matrix[2][1]         0.0000000000 
_pdbx_struct_oper_list.matrix[2][2]         1.0000000000 
_pdbx_struct_oper_list.matrix[2][3]         0.0000000000 
_pdbx_struct_oper_list.vector[2]            0.0000000000 
_pdbx_struct_oper_list.matrix[3][1]         0.0000000000 
_pdbx_struct_oper_list.matrix[3][2]         0.0000000000 
_pdbx_struct_oper_list.matrix[3][3]         1.0000000000 
_pdbx_struct_oper_list.vector[3]            0.0000000000 
# 
_struct_biol.id   1 
# 
loop_
_struct_conf.conf_type_id 
_struct_conf.id 
_struct_conf.pdbx_PDB_helix_id 
_struct_conf.beg_label_comp_id 
_struct_conf.beg_label_asym_id 
_struct_conf.beg_label_seq_id 
_struct_conf.pdbx_beg_PDB_ins_code 
_struct_conf.end_label_comp_id 
_struct_conf.end_label_asym_id 
_struct_conf.end_label_seq_id 
_struct_conf.pdbx_end_PDB_ins_code 
_struct_conf.beg_auth_comp_id 
_struct_conf.beg_auth_asym_id 
_struct_conf.beg_auth_seq_id 
_struct_conf.end_auth_comp_id 
_struct_conf.end_auth_asym_id 
_struct_conf.end_auth_seq_id 
_struct_conf.pdbx_PDB_helix_class 
_struct_conf.details 
_struct_conf.pdbx_PDB_helix_length 
HELX_P HELX_P1 A ALA A 5   ? ALA A 20  ? ALA A 4   ALA A 19  1 'BENT ALPHA-HELIX, RESIDUE 16'  16 
HELX_P HELX_P2 B LYS A 22  ? LYS A 36  ? LYS A 21  LYS A 35  1 ?                               15 
HELX_P HELX_P3 C PRO A 38  ? PHE A 43  ? PRO A 37  PHE A 42  5 ?                               6  
HELX_P HELX_P4 D VAL A 52  ? LYS A 56  ? VAL A 51  LYS A 55  1 ?                               5  
HELX_P HELX_P5 E LYS A 60  ? ASN A 77  ? LYS A 59  ASN A 76  1 ?                               18 
HELX_P HELX_P6 F ALA A 82  ? GLY A 98  ? ALA A 81  GLY A 97  1 ?                               17 
HELX_P HELX_P7 G SER A 103 ? SER A 119 ? SER A 102 SER A 118 1 'BENT ALPHA-HELIX, RESIDUE 113' 17 
HELX_P HELX_P8 H ALA A 127 ? ALA A 144 ? ALA A 126 ALA A 143 1 ?                               18 
# 
_struct_conf_type.id          HELX_P 
_struct_conf_type.criteria    ? 
_struct_conf_type.reference   ? 
# 
loop_
_struct_conn.id 
_struct_conn.conn_type_id 
_struct_conn.pdbx_leaving_atom_flag 
_struct_conn.pdbx_PDB_id 
_struct_conn.ptnr1_label_asym_id 
_struct_conn.ptnr1_label_comp_id 
_struct_conn.ptnr1_label_seq_id 
_struct_conn.ptnr1_label_atom_id 
_struct_conn.pdbx_ptnr1_label_alt_id 
_struct_conn.pdbx_ptnr1_PDB_ins_code 
_struct_conn.pdbx_ptnr1_standard_comp_id 
_struct_conn.ptnr1_symmetry 
_struct_conn.ptnr2_label_asym_id 
_struct_conn.ptnr2_label_comp_id 
_struct_conn.ptnr2_label_seq_id 
_struct_conn.ptnr2_label_atom_id 
_struct_conn.pdbx_ptnr2_label_alt_id 
_struct_conn.pdbx_ptnr2_PDB_ins_code 
_struct_conn.ptnr1_auth_asym_id 
_struct_conn.ptnr1_auth_comp_id 
_struct_conn.ptnr1_auth_seq_id 
_struct_conn.ptnr2_auth_asym_id 
_struct_conn.ptnr2_auth_comp_id 
_struct_conn.ptnr2_auth_seq_id 
_struct_conn.ptnr2_symmetry 
_struct_conn.pdbx_ptnr3_label_atom_id 
_struct_conn.pdbx_ptnr3_label_seq_id 
_struct_conn.pdbx_ptnr3_label_comp_id 
_struct_conn.pdbx_ptnr3_label_asym_id 
_struct_conn.pdbx_ptnr3_label_alt_id 
_struct_conn.pdbx_ptnr3_PDB_ins_code 
_struct_conn.details 
_struct_conn.pdbx_dist_value 
_struct_conn.pdbx_value_order 
_struct_conn.pdbx_role 
covale1 covale both ? A ACE 1  C   ? ? ? 1_555 A SER 2 N  ? ? A ACE 0  A SER 1   1_555 ? ? ? ? ? ? ? 1.251 ? ? 
metalc1 metalc ?    ? A HIS 96 NE2 ? ? ? 1_555 B HEM . FE ? ? A HIS 95 A HEM 148 1_555 ? ? ? ? ? ? ? 2.105 ? ? 
# 
loop_
_struct_conn_type.id 
_struct_conn_type.criteria 
_struct_conn_type.reference 
covale ? ? 
metalc ? ? 
# 
loop_
_pdbx_struct_conn_angle.id 
_pdbx_struct_conn_angle.ptnr1_label_atom_id 
_pdbx_struct_conn_angle.ptnr1_label_alt_id 
_pdbx_struct_conn_angle.ptnr1_label_asym_id 
_pdbx_struct_conn_angle.ptnr1_label_comp_id 
_pdbx_struct_conn_angle.ptnr1_label_seq_id 
_pdbx_struct_conn_angle.ptnr1_auth_atom_id 
_pdbx_struct_conn_angle.ptnr1_auth_asym_id 
_pdbx_struct_conn_angle.ptnr1_auth_comp_id 
_pdbx_struct_conn_angle.ptnr1_auth_seq_id 
_pdbx_struct_conn_angle.ptnr1_PDB_ins_code 
_pdbx_struct_conn_angle.ptnr1_symmetry 
_pdbx_struct_conn_angle.ptnr2_label_atom_id 
_pdbx_struct_conn_angle.ptnr2_label_alt_id 
_pdbx_struct_conn_angle.ptnr2_label_asym_id 
_pdbx_struct_conn_angle.ptnr2_label_comp_id 
_pdbx_struct_conn_angle.ptnr2_label_seq_id 
_pdbx_struct_conn_angle.ptnr2_auth_atom_id 
_pdbx_struct_conn_angle.ptnr2_auth_asym_id 
_pdbx_struct_conn_angle.ptnr2_auth_comp_id 
_pdbx_struct_conn_angle.ptnr2_auth_seq_id 
_pdbx_struct_conn_angle.ptnr2_PDB_ins_code 
_pdbx_struct_conn_angle.ptnr2_symmetry 
_pdbx_struct_conn_angle.ptnr3_label_atom_id 
_pdbx_struct_conn_angle.ptnr3_label_alt_id 
_pdbx_struct_conn_angle.ptnr3_label_asym_id 
_pdbx_struct_conn_angle.ptnr3_label_comp_id 
_pdbx_struct_conn_angle.ptnr3_label_seq_id 
_pdbx_struct_conn_angle.ptnr3_auth_atom_id 
_pdbx_struct_conn_angle.ptnr3_auth_asym_id 
_pdbx_struct_conn_angle.ptnr3_auth_comp_id 
_pdbx_struct_conn_angle.ptnr3_auth_seq_id 
_pdbx_struct_conn_angle.ptnr3_PDB_ins_code 
_pdbx_struct_conn_angle.ptnr3_symmetry 
_pdbx_struct_conn_angle.value 
_pdbx_struct_conn_angle.value_esd 
1  NE2 ? A HIS 96 ? A HIS 95  ? 1_555 FE ? B HEM . ? A HEM 148 ? 1_555 NA ? B HEM . ? A HEM 148 ? 1_555 95.5  ? 
2  NE2 ? A HIS 96 ? A HIS 95  ? 1_555 FE ? B HEM . ? A HEM 148 ? 1_555 NB ? B HEM . ? A HEM 148 ? 1_555 93.9  ? 
3  NA  ? B HEM .  ? A HEM 148 ? 1_555 FE ? B HEM . ? A HEM 148 ? 1_555 NB ? B HEM . ? A HEM 148 ? 1_555 91.1  ? 
4  NE2 ? A HIS 96 ? A HIS 95  ? 1_555 FE ? B HEM . ? A HEM 148 ? 1_555 NC ? B HEM . ? A HEM 148 ? 1_555 99.8  ? 
5  NA  ? B HEM .  ? A HEM 148 ? 1_555 FE ? B HEM . ? A HEM 148 ? 1_555 NC ? B HEM . ? A HEM 148 ? 1_555 164.7 ? 
6  NB  ? B HEM .  ? A HEM 148 ? 1_555 FE ? B HEM . ? A HEM 148 ? 1_555 NC ? B HEM . ? A HEM 148 ? 1_555 87.5  ? 
7  NE2 ? A HIS 96 ? A HIS 95  ? 1_555 FE ? B HEM . ? A HEM 148 ? 1_555 ND ? B HEM . ? A HEM 148 ? 1_555 93.9  ? 
8  NA  ? B HEM .  ? A HEM 148 ? 1_555 FE ? B HEM . ? A HEM 148 ? 1_555 ND ? B HEM . ? A HEM 148 ? 1_555 88.4  ? 
9  NB  ? B HEM .  ? A HEM 148 ? 1_555 FE ? B HEM . ? A HEM 148 ? 1_555 ND ? B HEM . ? A HEM 148 ? 1_555 172.3 ? 
10 NC  ? B HEM .  ? A HEM 148 ? 1_555 FE ? B HEM . ? A HEM 148 ? 1_555 ND ? B HEM . ? A HEM 148 ? 1_555 90.9  ? 
# 
_pdbx_modification_feature.ordinal                            1 
_pdbx_modification_feature.label_comp_id                      ACE 
_pdbx_modification_feature.label_asym_id                      A 
_pdbx_modification_feature.label_seq_id                       1 
_pdbx_modification_feature.label_alt_id                       ? 
_pdbx_modification_feature.modified_residue_label_comp_id     SER 
_pdbx_modification_feature.modified_residue_label_asym_id     A 
_pdbx_modification_feature.modified_residue_label_seq_id      2 
_pdbx_modification_feature.modified_residue_label_alt_id      ? 
_pdbx_modification_feature.auth_comp_id                       ACE 
_pdbx_modification_feature.auth_asym_id                       A 
_pdbx_modification_feature.auth_seq_id                        0 
_pdbx_modification_feature.PDB_ins_code                       ? 
_pdbx_modification_feature.symmetry                           1_555 
_pdbx_modification_feature.modified_residue_auth_comp_id      SER 
_pdbx_modification_feature.modified_residue_auth_asym_id      A 
_pdbx_modification_feature.modified_residue_auth_seq_id       1 
_pdbx_modification_feature.modified_residue_PDB_ins_code      ? 
_pdbx_modification_feature.modified_residue_symmetry          1_555 
_pdbx_modification_feature.comp_id_linking_atom               . 
_pdbx_modification_feature.modified_residue_id_linking_atom   . 
_pdbx_modification_feature.modified_residue_id                SER 
_pdbx_modification_feature.ref_pcm_id                         6 
_pdbx_modification_feature.ref_comp_id                        ACE 
_pdbx_modification_feature.type                               None 
_pdbx_modification_feature.category                           'Terminal acetylation' 
# 
_struct_site.id                   AC1 
_struct_site.pdbx_evidence_code   Software 
_struct_site.pdbx_auth_asym_id    A 
_struct_site.pdbx_auth_comp_id    HEM 
_struct_site.pdbx_auth_seq_id     148 
_struct_site.pdbx_auth_ins_code   ? 
_struct_site.pdbx_num_residues    13 
_struct_site.details              'BINDING SITE FOR RESIDUE HEM A 148' 
# 
loop_
_struct_site_gen.id 
_struct_site_gen.site_id 
_struct_site_gen.pdbx_num_res 
_struct_site_gen.label_comp_id 
_struct_site_gen.label_asym_id 
_struct_site_gen.label_seq_id 
_struct_site_gen.pdbx_auth_ins_code 
_struct_site_gen.auth_comp_id 
_struct_site_gen.auth_asym_id 
_struct_site_gen.auth_seq_id 
_struct_site_gen.label_atom_id 
_struct_site_gen.label_alt_id 
_struct_site_gen.symmetry 
_struct_site_gen.details 
1  AC1 13 PHE A 29  ? PHE A 28  . ? 1_555 ? 
2  AC1 13 SER A 40  ? SER A 39  . ? 1_555 ? 
3  AC1 13 PHE A 43  ? PHE A 42  . ? 1_555 ? 
4  AC1 13 PHE A 44  ? PHE A 43  . ? 1_555 ? 
5  AC1 13 ARG A 67  ? ARG A 66  . ? 1_555 ? 
6  AC1 13 ILE A 68  ? ILE A 67  . ? 1_555 ? 
7  AC1 13 ARG A 71  ? ARG A 70  . ? 1_555 ? 
8  AC1 13 PHE A 92  ? PHE A 91  . ? 1_555 ? 
9  AC1 13 HIS A 96  ? HIS A 95  . ? 1_555 ? 
10 AC1 13 PHE A 99  ? PHE A 98  . ? 1_555 ? 
11 AC1 13 PHE A 106 ? PHE A 105 . ? 1_555 ? 
12 AC1 13 VAL A 109 ? VAL A 108 . ? 1_555 ? 
13 AC1 13 HOH C .   ? HOH A 266 . ? 1_555 ? 
# 
_pdbx_entry_details.entry_id                   1MBA 
_pdbx_entry_details.compound_details           
;AT PH 7.0 THE DISTAL SITE (THE SIXTH COORDINATION POSITION
OF THE HEME IRON) IS NOT OCCUPIED BY A LIGAND.
;
_pdbx_entry_details.source_details             ? 
_pdbx_entry_details.nonpolymer_details         ? 
_pdbx_entry_details.sequence_details           ? 
_pdbx_entry_details.has_ligand_of_interest     ? 
_pdbx_entry_details.has_protein_modification   Y 
# 
loop_
_pdbx_validate_rmsd_bond.id 
_pdbx_validate_rmsd_bond.PDB_model_num 
_pdbx_validate_rmsd_bond.auth_atom_id_1 
_pdbx_validate_rmsd_bond.auth_asym_id_1 
_pdbx_validate_rmsd_bond.auth_comp_id_1 
_pdbx_validate_rmsd_bond.auth_seq_id_1 
_pdbx_validate_rmsd_bond.PDB_ins_code_1 
_pdbx_validate_rmsd_bond.label_alt_id_1 
_pdbx_validate_rmsd_bond.auth_atom_id_2 
_pdbx_validate_rmsd_bond.auth_asym_id_2 
_pdbx_validate_rmsd_bond.auth_comp_id_2 
_pdbx_validate_rmsd_bond.auth_seq_id_2 
_pdbx_validate_rmsd_bond.PDB_ins_code_2 
_pdbx_validate_rmsd_bond.label_alt_id_2 
_pdbx_validate_rmsd_bond.bond_value 
_pdbx_validate_rmsd_bond.bond_target_value 
_pdbx_validate_rmsd_bond.bond_deviation 
_pdbx_validate_rmsd_bond.bond_standard_deviation 
_pdbx_validate_rmsd_bond.linker_flag 
1 1 CD A GLU 6  ? ? OE1 A GLU 6  ? ? 1.154 1.252 -0.098 0.011 N 
2 1 CD A GLU 34 ? ? OE1 A GLU 34 ? ? 1.183 1.252 -0.069 0.011 N 
3 1 CD A GLU 73 ? ? OE1 A GLU 73 ? ? 1.179 1.252 -0.073 0.011 N 
# 
_pdbx_validate_torsion.id              1 
_pdbx_validate_torsion.PDB_model_num   1 
_pdbx_validate_torsion.auth_comp_id    ASN 
_pdbx_validate_torsion.auth_asym_id    A 
_pdbx_validate_torsion.auth_seq_id     20 
_pdbx_validate_torsion.PDB_ins_code    ? 
_pdbx_validate_torsion.label_alt_id    ? 
_pdbx_validate_torsion.phi             -118.91 
_pdbx_validate_torsion.psi             68.48 
# 
loop_
_chem_comp_atom.comp_id 
_chem_comp_atom.atom_id 
_chem_comp_atom.type_symbol 
_chem_comp_atom.pdbx_aromatic_flag 
_chem_comp_atom.pdbx_stereo_config 
_chem_comp_atom.pdbx_ordinal 
ACE C    C  N N 1   
ACE O    O  N N 2   
ACE CH3  C  N N 3   
ACE H    H  N N 4   
ACE H1   H  N N 5   
ACE H2   H  N N 6   
ACE H3   H  N N 7   
ALA N    N  N N 8   
ALA CA   C  N S 9   
ALA C    C  N N 10  
ALA O    O  N N 11  
ALA CB   C  N N 12  
ALA OXT  O  N N 13  
ALA H    H  N N 14  
ALA H2   H  N N 15  
ALA HA   H  N N 16  
ALA HB1  H  N N 17  
ALA HB2  H  N N 18  
ALA HB3  H  N N 19  
ALA HXT  H  N N 20  
ARG N    N  N N 21  
ARG CA   C  N S 22  
ARG C    C  N N 23  
ARG O    O  N N 24  
ARG CB   C  N N 25  
ARG CG   C  N N 26  
ARG CD   C  N N 27  
ARG NE   N  N N 28  
ARG CZ   C  N N 29  
ARG NH1  N  N N 30  
ARG NH2  N  N N 31  
ARG OXT  O  N N 32  
ARG H    H  N N 33  
ARG H2   H  N N 34  
ARG HA   H  N N 35  
ARG HB2  H  N N 36  
ARG HB3  H  N N 37  
ARG HG2  H  N N 38  
ARG HG3  H  N N 39  
ARG HD2  H  N N 40  
ARG HD3  H  N N 41  
ARG HE   H  N N 42  
ARG HH11 H  N N 43  
ARG HH12 H  N N 44  
ARG HH21 H  N N 45  
ARG HH22 H  N N 46  
ARG HXT  H  N N 47  
ASN N    N  N N 48  
ASN CA   C  N S 49  
ASN C    C  N N 50  
ASN O    O  N N 51  
ASN CB   C  N N 52  
ASN CG   C  N N 53  
ASN OD1  O  N N 54  
ASN ND2  N  N N 55  
ASN OXT  O  N N 56  
ASN H    H  N N 57  
ASN H2   H  N N 58  
ASN HA   H  N N 59  
ASN HB2  H  N N 60  
ASN HB3  H  N N 61  
ASN HD21 H  N N 62  
ASN HD22 H  N N 63  
ASN HXT  H  N N 64  
ASP N    N  N N 65  
ASP CA   C  N S 66  
ASP C    C  N N 67  
ASP O    O  N N 68  
ASP CB   C  N N 69  
ASP CG   C  N N 70  
ASP OD1  O  N N 71  
ASP OD2  O  N N 72  
ASP OXT  O  N N 73  
ASP H    H  N N 74  
ASP H2   H  N N 75  
ASP HA   H  N N 76  
ASP HB2  H  N N 77  
ASP HB3  H  N N 78  
ASP HD2  H  N N 79  
ASP HXT  H  N N 80  
GLN N    N  N N 81  
GLN CA   C  N S 82  
GLN C    C  N N 83  
GLN O    O  N N 84  
GLN CB   C  N N 85  
GLN CG   C  N N 86  
GLN CD   C  N N 87  
GLN OE1  O  N N 88  
GLN NE2  N  N N 89  
GLN OXT  O  N N 90  
GLN H    H  N N 91  
GLN H2   H  N N 92  
GLN HA   H  N N 93  
GLN HB2  H  N N 94  
GLN HB3  H  N N 95  
GLN HG2  H  N N 96  
GLN HG3  H  N N 97  
GLN HE21 H  N N 98  
GLN HE22 H  N N 99  
GLN HXT  H  N N 100 
GLU N    N  N N 101 
GLU CA   C  N S 102 
GLU C    C  N N 103 
GLU O    O  N N 104 
GLU CB   C  N N 105 
GLU CG   C  N N 106 
GLU CD   C  N N 107 
GLU OE1  O  N N 108 
GLU OE2  O  N N 109 
GLU OXT  O  N N 110 
GLU H    H  N N 111 
GLU H2   H  N N 112 
GLU HA   H  N N 113 
GLU HB2  H  N N 114 
GLU HB3  H  N N 115 
GLU HG2  H  N N 116 
GLU HG3  H  N N 117 
GLU HE2  H  N N 118 
GLU HXT  H  N N 119 
GLY N    N  N N 120 
GLY CA   C  N N 121 
GLY C    C  N N 122 
GLY O    O  N N 123 
GLY OXT  O  N N 124 
GLY H    H  N N 125 
GLY H2   H  N N 126 
GLY HA2  H  N N 127 
GLY HA3  H  N N 128 
GLY HXT  H  N N 129 
HEM CHA  C  N N 130 
HEM CHB  C  N N 131 
HEM CHC  C  N N 132 
HEM CHD  C  N N 133 
HEM C1A  C  Y N 134 
HEM C2A  C  Y N 135 
HEM C3A  C  Y N 136 
HEM C4A  C  Y N 137 
HEM CMA  C  N N 138 
HEM CAA  C  N N 139 
HEM CBA  C  N N 140 
HEM CGA  C  N N 141 
HEM O1A  O  N N 142 
HEM O2A  O  N N 143 
HEM C1B  C  N N 144 
HEM C2B  C  N N 145 
HEM C3B  C  N N 146 
HEM C4B  C  N N 147 
HEM CMB  C  N N 148 
HEM CAB  C  N N 149 
HEM CBB  C  N N 150 
HEM C1C  C  Y N 151 
HEM C2C  C  Y N 152 
HEM C3C  C  Y N 153 
HEM C4C  C  Y N 154 
HEM CMC  C  N N 155 
HEM CAC  C  N N 156 
HEM CBC  C  N N 157 
HEM C1D  C  N N 158 
HEM C2D  C  N N 159 
HEM C3D  C  N N 160 
HEM C4D  C  N N 161 
HEM CMD  C  N N 162 
HEM CAD  C  N N 163 
HEM CBD  C  N N 164 
HEM CGD  C  N N 165 
HEM O1D  O  N N 166 
HEM O2D  O  N N 167 
HEM NA   N  Y N 168 
HEM NB   N  N N 169 
HEM NC   N  Y N 170 
HEM ND   N  N N 171 
HEM FE   FE N N 172 
HEM HHB  H  N N 173 
HEM HHC  H  N N 174 
HEM HHD  H  N N 175 
HEM HMA  H  N N 176 
HEM HMAA H  N N 177 
HEM HMAB H  N N 178 
HEM HAA  H  N N 179 
HEM HAAA H  N N 180 
HEM HBA  H  N N 181 
HEM HBAA H  N N 182 
HEM HMB  H  N N 183 
HEM HMBA H  N N 184 
HEM HMBB H  N N 185 
HEM HAB  H  N N 186 
HEM HBB  H  N N 187 
HEM HBBA H  N N 188 
HEM HMC  H  N N 189 
HEM HMCA H  N N 190 
HEM HMCB H  N N 191 
HEM HAC  H  N N 192 
HEM HBC  H  N N 193 
HEM HBCA H  N N 194 
HEM HMD  H  N N 195 
HEM HMDA H  N N 196 
HEM HMDB H  N N 197 
HEM HAD  H  N N 198 
HEM HADA H  N N 199 
HEM HBD  H  N N 200 
HEM HBDA H  N N 201 
HEM H2A  H  N N 202 
HEM H2D  H  N N 203 
HEM HHA  H  N N 204 
HIS N    N  N N 205 
HIS CA   C  N S 206 
HIS C    C  N N 207 
HIS O    O  N N 208 
HIS CB   C  N N 209 
HIS CG   C  Y N 210 
HIS ND1  N  Y N 211 
HIS CD2  C  Y N 212 
HIS CE1  C  Y N 213 
HIS NE2  N  Y N 214 
HIS OXT  O  N N 215 
HIS H    H  N N 216 
HIS H2   H  N N 217 
HIS HA   H  N N 218 
HIS HB2  H  N N 219 
HIS HB3  H  N N 220 
HIS HD1  H  N N 221 
HIS HD2  H  N N 222 
HIS HE1  H  N N 223 
HIS HE2  H  N N 224 
HIS HXT  H  N N 225 
HOH O    O  N N 226 
HOH H1   H  N N 227 
HOH H2   H  N N 228 
ILE N    N  N N 229 
ILE CA   C  N S 230 
ILE C    C  N N 231 
ILE O    O  N N 232 
ILE CB   C  N S 233 
ILE CG1  C  N N 234 
ILE CG2  C  N N 235 
ILE CD1  C  N N 236 
ILE OXT  O  N N 237 
ILE H    H  N N 238 
ILE H2   H  N N 239 
ILE HA   H  N N 240 
ILE HB   H  N N 241 
ILE HG12 H  N N 242 
ILE HG13 H  N N 243 
ILE HG21 H  N N 244 
ILE HG22 H  N N 245 
ILE HG23 H  N N 246 
ILE HD11 H  N N 247 
ILE HD12 H  N N 248 
ILE HD13 H  N N 249 
ILE HXT  H  N N 250 
LEU N    N  N N 251 
LEU CA   C  N S 252 
LEU C    C  N N 253 
LEU O    O  N N 254 
LEU CB   C  N N 255 
LEU CG   C  N N 256 
LEU CD1  C  N N 257 
LEU CD2  C  N N 258 
LEU OXT  O  N N 259 
LEU H    H  N N 260 
LEU H2   H  N N 261 
LEU HA   H  N N 262 
LEU HB2  H  N N 263 
LEU HB3  H  N N 264 
LEU HG   H  N N 265 
LEU HD11 H  N N 266 
LEU HD12 H  N N 267 
LEU HD13 H  N N 268 
LEU HD21 H  N N 269 
LEU HD22 H  N N 270 
LEU HD23 H  N N 271 
LEU HXT  H  N N 272 
LYS N    N  N N 273 
LYS CA   C  N S 274 
LYS C    C  N N 275 
LYS O    O  N N 276 
LYS CB   C  N N 277 
LYS CG   C  N N 278 
LYS CD   C  N N 279 
LYS CE   C  N N 280 
LYS NZ   N  N N 281 
LYS OXT  O  N N 282 
LYS H    H  N N 283 
LYS H2   H  N N 284 
LYS HA   H  N N 285 
LYS HB2  H  N N 286 
LYS HB3  H  N N 287 
LYS HG2  H  N N 288 
LYS HG3  H  N N 289 
LYS HD2  H  N N 290 
LYS HD3  H  N N 291 
LYS HE2  H  N N 292 
LYS HE3  H  N N 293 
LYS HZ1  H  N N 294 
LYS HZ2  H  N N 295 
LYS HZ3  H  N N 296 
LYS HXT  H  N N 297 
MET N    N  N N 298 
MET CA   C  N S 299 
MET C    C  N N 300 
MET O    O  N N 301 
MET CB   C  N N 302 
MET CG   C  N N 303 
MET SD   S  N N 304 
MET CE   C  N N 305 
MET OXT  O  N N 306 
MET H    H  N N 307 
MET H2   H  N N 308 
MET HA   H  N N 309 
MET HB2  H  N N 310 
MET HB3  H  N N 311 
MET HG2  H  N N 312 
MET HG3  H  N N 313 
MET HE1  H  N N 314 
MET HE2  H  N N 315 
MET HE3  H  N N 316 
MET HXT  H  N N 317 
PHE N    N  N N 318 
PHE CA   C  N S 319 
PHE C    C  N N 320 
PHE O    O  N N 321 
PHE CB   C  N N 322 
PHE CG   C  Y N 323 
PHE CD1  C  Y N 324 
PHE CD2  C  Y N 325 
PHE CE1  C  Y N 326 
PHE CE2  C  Y N 327 
PHE CZ   C  Y N 328 
PHE OXT  O  N N 329 
PHE H    H  N N 330 
PHE H2   H  N N 331 
PHE HA   H  N N 332 
PHE HB2  H  N N 333 
PHE HB3  H  N N 334 
PHE HD1  H  N N 335 
PHE HD2  H  N N 336 
PHE HE1  H  N N 337 
PHE HE2  H  N N 338 
PHE HZ   H  N N 339 
PHE HXT  H  N N 340 
PRO N    N  N N 341 
PRO CA   C  N S 342 
PRO C    C  N N 343 
PRO O    O  N N 344 
PRO CB   C  N N 345 
PRO CG   C  N N 346 
PRO CD   C  N N 347 
PRO OXT  O  N N 348 
PRO H    H  N N 349 
PRO HA   H  N N 350 
PRO HB2  H  N N 351 
PRO HB3  H  N N 352 
PRO HG2  H  N N 353 
PRO HG3  H  N N 354 
PRO HD2  H  N N 355 
PRO HD3  H  N N 356 
PRO HXT  H  N N 357 
SER N    N  N N 358 
SER CA   C  N S 359 
SER C    C  N N 360 
SER O    O  N N 361 
SER CB   C  N N 362 
SER OG   O  N N 363 
SER OXT  O  N N 364 
SER H    H  N N 365 
SER H2   H  N N 366 
SER HA   H  N N 367 
SER HB2  H  N N 368 
SER HB3  H  N N 369 
SER HG   H  N N 370 
SER HXT  H  N N 371 
THR N    N  N N 372 
THR CA   C  N S 373 
THR C    C  N N 374 
THR O    O  N N 375 
THR CB   C  N R 376 
THR OG1  O  N N 377 
THR CG2  C  N N 378 
THR OXT  O  N N 379 
THR H    H  N N 380 
THR H2   H  N N 381 
THR HA   H  N N 382 
THR HB   H  N N 383 
THR HG1  H  N N 384 
THR HG21 H  N N 385 
THR HG22 H  N N 386 
THR HG23 H  N N 387 
THR HXT  H  N N 388 
TRP N    N  N N 389 
TRP CA   C  N S 390 
TRP C    C  N N 391 
TRP O    O  N N 392 
TRP CB   C  N N 393 
TRP CG   C  Y N 394 
TRP CD1  C  Y N 395 
TRP CD2  C  Y N 396 
TRP NE1  N  Y N 397 
TRP CE2  C  Y N 398 
TRP CE3  C  Y N 399 
TRP CZ2  C  Y N 400 
TRP CZ3  C  Y N 401 
TRP CH2  C  Y N 402 
TRP OXT  O  N N 403 
TRP H    H  N N 404 
TRP H2   H  N N 405 
TRP HA   H  N N 406 
TRP HB2  H  N N 407 
TRP HB3  H  N N 408 
TRP HD1  H  N N 409 
TRP HE1  H  N N 410 
TRP HE3  H  N N 411 
TRP HZ2  H  N N 412 
TRP HZ3  H  N N 413 
TRP HH2  H  N N 414 
TRP HXT  H  N N 415 
VAL N    N  N N 416 
VAL CA   C  N S 417 
VAL C    C  N N 418 
VAL O    O  N N 419 
VAL CB   C  N N 420 
VAL CG1  C  N N 421 
VAL CG2  C  N N 422 
VAL OXT  O  N N 423 
VAL H    H  N N 424 
VAL H2   H  N N 425 
VAL HA   H  N N 426 
VAL HB   H  N N 427 
VAL HG11 H  N N 428 
VAL HG12 H  N N 429 
VAL HG13 H  N N 430 
VAL HG21 H  N N 431 
VAL HG22 H  N N 432 
VAL HG23 H  N N 433 
VAL HXT  H  N N 434 
# 
loop_
_chem_comp_bond.comp_id 
_chem_comp_bond.atom_id_1 
_chem_comp_bond.atom_id_2 
_chem_comp_bond.value_order 
_chem_comp_bond.pdbx_aromatic_flag 
_chem_comp_bond.pdbx_stereo_config 
_chem_comp_bond.pdbx_ordinal 
ACE C   O    doub N N 1   
ACE C   CH3  sing N N 2   
ACE C   H    sing N N 3   
ACE CH3 H1   sing N N 4   
ACE CH3 H2   sing N N 5   
ACE CH3 H3   sing N N 6   
ALA N   CA   sing N N 7   
ALA N   H    sing N N 8   
ALA N   H2   sing N N 9   
ALA CA  C    sing N N 10  
ALA CA  CB   sing N N 11  
ALA CA  HA   sing N N 12  
ALA C   O    doub N N 13  
ALA C   OXT  sing N N 14  
ALA CB  HB1  sing N N 15  
ALA CB  HB2  sing N N 16  
ALA CB  HB3  sing N N 17  
ALA OXT HXT  sing N N 18  
ARG N   CA   sing N N 19  
ARG N   H    sing N N 20  
ARG N   H2   sing N N 21  
ARG CA  C    sing N N 22  
ARG CA  CB   sing N N 23  
ARG CA  HA   sing N N 24  
ARG C   O    doub N N 25  
ARG C   OXT  sing N N 26  
ARG CB  CG   sing N N 27  
ARG CB  HB2  sing N N 28  
ARG CB  HB3  sing N N 29  
ARG CG  CD   sing N N 30  
ARG CG  HG2  sing N N 31  
ARG CG  HG3  sing N N 32  
ARG CD  NE   sing N N 33  
ARG CD  HD2  sing N N 34  
ARG CD  HD3  sing N N 35  
ARG NE  CZ   sing N N 36  
ARG NE  HE   sing N N 37  
ARG CZ  NH1  sing N N 38  
ARG CZ  NH2  doub N N 39  
ARG NH1 HH11 sing N N 40  
ARG NH1 HH12 sing N N 41  
ARG NH2 HH21 sing N N 42  
ARG NH2 HH22 sing N N 43  
ARG OXT HXT  sing N N 44  
ASN N   CA   sing N N 45  
ASN N   H    sing N N 46  
ASN N   H2   sing N N 47  
ASN CA  C    sing N N 48  
ASN CA  CB   sing N N 49  
ASN CA  HA   sing N N 50  
ASN C   O    doub N N 51  
ASN C   OXT  sing N N 52  
ASN CB  CG   sing N N 53  
ASN CB  HB2  sing N N 54  
ASN CB  HB3  sing N N 55  
ASN CG  OD1  doub N N 56  
ASN CG  ND2  sing N N 57  
ASN ND2 HD21 sing N N 58  
ASN ND2 HD22 sing N N 59  
ASN OXT HXT  sing N N 60  
ASP N   CA   sing N N 61  
ASP N   H    sing N N 62  
ASP N   H2   sing N N 63  
ASP CA  C    sing N N 64  
ASP CA  CB   sing N N 65  
ASP CA  HA   sing N N 66  
ASP C   O    doub N N 67  
ASP C   OXT  sing N N 68  
ASP CB  CG   sing N N 69  
ASP CB  HB2  sing N N 70  
ASP CB  HB3  sing N N 71  
ASP CG  OD1  doub N N 72  
ASP CG  OD2  sing N N 73  
ASP OD2 HD2  sing N N 74  
ASP OXT HXT  sing N N 75  
GLN N   CA   sing N N 76  
GLN N   H    sing N N 77  
GLN N   H2   sing N N 78  
GLN CA  C    sing N N 79  
GLN CA  CB   sing N N 80  
GLN CA  HA   sing N N 81  
GLN C   O    doub N N 82  
GLN C   OXT  sing N N 83  
GLN CB  CG   sing N N 84  
GLN CB  HB2  sing N N 85  
GLN CB  HB3  sing N N 86  
GLN CG  CD   sing N N 87  
GLN CG  HG2  sing N N 88  
GLN CG  HG3  sing N N 89  
GLN CD  OE1  doub N N 90  
GLN CD  NE2  sing N N 91  
GLN NE2 HE21 sing N N 92  
GLN NE2 HE22 sing N N 93  
GLN OXT HXT  sing N N 94  
GLU N   CA   sing N N 95  
GLU N   H    sing N N 96  
GLU N   H2   sing N N 97  
GLU CA  C    sing N N 98  
GLU CA  CB   sing N N 99  
GLU CA  HA   sing N N 100 
GLU C   O    doub N N 101 
GLU C   OXT  sing N N 102 
GLU CB  CG   sing N N 103 
GLU CB  HB2  sing N N 104 
GLU CB  HB3  sing N N 105 
GLU CG  CD   sing N N 106 
GLU CG  HG2  sing N N 107 
GLU CG  HG3  sing N N 108 
GLU CD  OE1  doub N N 109 
GLU CD  OE2  sing N N 110 
GLU OE2 HE2  sing N N 111 
GLU OXT HXT  sing N N 112 
GLY N   CA   sing N N 113 
GLY N   H    sing N N 114 
GLY N   H2   sing N N 115 
GLY CA  C    sing N N 116 
GLY CA  HA2  sing N N 117 
GLY CA  HA3  sing N N 118 
GLY C   O    doub N N 119 
GLY C   OXT  sing N N 120 
GLY OXT HXT  sing N N 121 
HEM CHA C1A  sing N N 122 
HEM CHA C4D  doub N N 123 
HEM CHA HHA  sing N N 124 
HEM CHB C4A  sing N N 125 
HEM CHB C1B  doub N N 126 
HEM CHB HHB  sing N N 127 
HEM CHC C4B  sing N N 128 
HEM CHC C1C  doub N N 129 
HEM CHC HHC  sing N N 130 
HEM CHD C4C  doub N N 131 
HEM CHD C1D  sing N N 132 
HEM CHD HHD  sing N N 133 
HEM C1A C2A  doub Y N 134 
HEM C1A NA   sing Y N 135 
HEM C2A C3A  sing Y N 136 
HEM C2A CAA  sing N N 137 
HEM C3A C4A  doub Y N 138 
HEM C3A CMA  sing N N 139 
HEM C4A NA   sing Y N 140 
HEM CMA HMA  sing N N 141 
HEM CMA HMAA sing N N 142 
HEM CMA HMAB sing N N 143 
HEM CAA CBA  sing N N 144 
HEM CAA HAA  sing N N 145 
HEM CAA HAAA sing N N 146 
HEM CBA CGA  sing N N 147 
HEM CBA HBA  sing N N 148 
HEM CBA HBAA sing N N 149 
HEM CGA O1A  doub N N 150 
HEM CGA O2A  sing N N 151 
HEM C1B C2B  sing N N 152 
HEM C1B NB   sing N N 153 
HEM C2B C3B  doub N N 154 
HEM C2B CMB  sing N N 155 
HEM C3B C4B  sing N N 156 
HEM C3B CAB  sing N N 157 
HEM C4B NB   doub N N 158 
HEM CMB HMB  sing N N 159 
HEM CMB HMBA sing N N 160 
HEM CMB HMBB sing N N 161 
HEM CAB CBB  doub N N 162 
HEM CAB HAB  sing N N 163 
HEM CBB HBB  sing N N 164 
HEM CBB HBBA sing N N 165 
HEM C1C C2C  sing Y N 166 
HEM C1C NC   sing Y N 167 
HEM C2C C3C  doub Y N 168 
HEM C2C CMC  sing N N 169 
HEM C3C C4C  sing Y N 170 
HEM C3C CAC  sing N N 171 
HEM C4C NC   sing Y N 172 
HEM CMC HMC  sing N N 173 
HEM CMC HMCA sing N N 174 
HEM CMC HMCB sing N N 175 
HEM CAC CBC  doub N N 176 
HEM CAC HAC  sing N N 177 
HEM CBC HBC  sing N N 178 
HEM CBC HBCA sing N N 179 
HEM C1D C2D  sing N N 180 
HEM C1D ND   doub N N 181 
HEM C2D C3D  doub N N 182 
HEM C2D CMD  sing N N 183 
HEM C3D C4D  sing N N 184 
HEM C3D CAD  sing N N 185 
HEM C4D ND   sing N N 186 
HEM CMD HMD  sing N N 187 
HEM CMD HMDA sing N N 188 
HEM CMD HMDB sing N N 189 
HEM CAD CBD  sing N N 190 
HEM CAD HAD  sing N N 191 
HEM CAD HADA sing N N 192 
HEM CBD CGD  sing N N 193 
HEM CBD HBD  sing N N 194 
HEM CBD HBDA sing N N 195 
HEM CGD O1D  doub N N 196 
HEM CGD O2D  sing N N 197 
HEM O2A H2A  sing N N 198 
HEM O2D H2D  sing N N 199 
HEM FE  NA   sing N N 200 
HEM FE  NB   sing N N 201 
HEM FE  NC   sing N N 202 
HEM FE  ND   sing N N 203 
HIS N   CA   sing N N 204 
HIS N   H    sing N N 205 
HIS N   H2   sing N N 206 
HIS CA  C    sing N N 207 
HIS CA  CB   sing N N 208 
HIS CA  HA   sing N N 209 
HIS C   O    doub N N 210 
HIS C   OXT  sing N N 211 
HIS CB  CG   sing N N 212 
HIS CB  HB2  sing N N 213 
HIS CB  HB3  sing N N 214 
HIS CG  ND1  sing Y N 215 
HIS CG  CD2  doub Y N 216 
HIS ND1 CE1  doub Y N 217 
HIS ND1 HD1  sing N N 218 
HIS CD2 NE2  sing Y N 219 
HIS CD2 HD2  sing N N 220 
HIS CE1 NE2  sing Y N 221 
HIS CE1 HE1  sing N N 222 
HIS NE2 HE2  sing N N 223 
HIS OXT HXT  sing N N 224 
HOH O   H1   sing N N 225 
HOH O   H2   sing N N 226 
ILE N   CA   sing N N 227 
ILE N   H    sing N N 228 
ILE N   H2   sing N N 229 
ILE CA  C    sing N N 230 
ILE CA  CB   sing N N 231 
ILE CA  HA   sing N N 232 
ILE C   O    doub N N 233 
ILE C   OXT  sing N N 234 
ILE CB  CG1  sing N N 235 
ILE CB  CG2  sing N N 236 
ILE CB  HB   sing N N 237 
ILE CG1 CD1  sing N N 238 
ILE CG1 HG12 sing N N 239 
ILE CG1 HG13 sing N N 240 
ILE CG2 HG21 sing N N 241 
ILE CG2 HG22 sing N N 242 
ILE CG2 HG23 sing N N 243 
ILE CD1 HD11 sing N N 244 
ILE CD1 HD12 sing N N 245 
ILE CD1 HD13 sing N N 246 
ILE OXT HXT  sing N N 247 
LEU N   CA   sing N N 248 
LEU N   H    sing N N 249 
LEU N   H2   sing N N 250 
LEU CA  C    sing N N 251 
LEU CA  CB   sing N N 252 
LEU CA  HA   sing N N 253 
LEU C   O    doub N N 254 
LEU C   OXT  sing N N 255 
LEU CB  CG   sing N N 256 
LEU CB  HB2  sing N N 257 
LEU CB  HB3  sing N N 258 
LEU CG  CD1  sing N N 259 
LEU CG  CD2  sing N N 260 
LEU CG  HG   sing N N 261 
LEU CD1 HD11 sing N N 262 
LEU CD1 HD12 sing N N 263 
LEU CD1 HD13 sing N N 264 
LEU CD2 HD21 sing N N 265 
LEU CD2 HD22 sing N N 266 
LEU CD2 HD23 sing N N 267 
LEU OXT HXT  sing N N 268 
LYS N   CA   sing N N 269 
LYS N   H    sing N N 270 
LYS N   H2   sing N N 271 
LYS CA  C    sing N N 272 
LYS CA  CB   sing N N 273 
LYS CA  HA   sing N N 274 
LYS C   O    doub N N 275 
LYS C   OXT  sing N N 276 
LYS CB  CG   sing N N 277 
LYS CB  HB2  sing N N 278 
LYS CB  HB3  sing N N 279 
LYS CG  CD   sing N N 280 
LYS CG  HG2  sing N N 281 
LYS CG  HG3  sing N N 282 
LYS CD  CE   sing N N 283 
LYS CD  HD2  sing N N 284 
LYS CD  HD3  sing N N 285 
LYS CE  NZ   sing N N 286 
LYS CE  HE2  sing N N 287 
LYS CE  HE3  sing N N 288 
LYS NZ  HZ1  sing N N 289 
LYS NZ  HZ2  sing N N 290 
LYS NZ  HZ3  sing N N 291 
LYS OXT HXT  sing N N 292 
MET N   CA   sing N N 293 
MET N   H    sing N N 294 
MET N   H2   sing N N 295 
MET CA  C    sing N N 296 
MET CA  CB   sing N N 297 
MET CA  HA   sing N N 298 
MET C   O    doub N N 299 
MET C   OXT  sing N N 300 
MET CB  CG   sing N N 301 
MET CB  HB2  sing N N 302 
MET CB  HB3  sing N N 303 
MET CG  SD   sing N N 304 
MET CG  HG2  sing N N 305 
MET CG  HG3  sing N N 306 
MET SD  CE   sing N N 307 
MET CE  HE1  sing N N 308 
MET CE  HE2  sing N N 309 
MET CE  HE3  sing N N 310 
MET OXT HXT  sing N N 311 
PHE N   CA   sing N N 312 
PHE N   H    sing N N 313 
PHE N   H2   sing N N 314 
PHE CA  C    sing N N 315 
PHE CA  CB   sing N N 316 
PHE CA  HA   sing N N 317 
PHE C   O    doub N N 318 
PHE C   OXT  sing N N 319 
PHE CB  CG   sing N N 320 
PHE CB  HB2  sing N N 321 
PHE CB  HB3  sing N N 322 
PHE CG  CD1  doub Y N 323 
PHE CG  CD2  sing Y N 324 
PHE CD1 CE1  sing Y N 325 
PHE CD1 HD1  sing N N 326 
PHE CD2 CE2  doub Y N 327 
PHE CD2 HD2  sing N N 328 
PHE CE1 CZ   doub Y N 329 
PHE CE1 HE1  sing N N 330 
PHE CE2 CZ   sing Y N 331 
PHE CE2 HE2  sing N N 332 
PHE CZ  HZ   sing N N 333 
PHE OXT HXT  sing N N 334 
PRO N   CA   sing N N 335 
PRO N   CD   sing N N 336 
PRO N   H    sing N N 337 
PRO CA  C    sing N N 338 
PRO CA  CB   sing N N 339 
PRO CA  HA   sing N N 340 
PRO C   O    doub N N 341 
PRO C   OXT  sing N N 342 
PRO CB  CG   sing N N 343 
PRO CB  HB2  sing N N 344 
PRO CB  HB3  sing N N 345 
PRO CG  CD   sing N N 346 
PRO CG  HG2  sing N N 347 
PRO CG  HG3  sing N N 348 
PRO CD  HD2  sing N N 349 
PRO CD  HD3  sing N N 350 
PRO OXT HXT  sing N N 351 
SER N   CA   sing N N 352 
SER N   H    sing N N 353 
SER N   H2   sing N N 354 
SER CA  C    sing N N 355 
SER CA  CB   sing N N 356 
SER CA  HA   sing N N 357 
SER C   O    doub N N 358 
SER C   OXT  sing N N 359 
SER CB  OG   sing N N 360 
SER CB  HB2  sing N N 361 
SER CB  HB3  sing N N 362 
SER OG  HG   sing N N 363 
SER OXT HXT  sing N N 364 
THR N   CA   sing N N 365 
THR N   H    sing N N 366 
THR N   H2   sing N N 367 
THR CA  C    sing N N 368 
THR CA  CB   sing N N 369 
THR CA  HA   sing N N 370 
THR C   O    doub N N 371 
THR C   OXT  sing N N 372 
THR CB  OG1  sing N N 373 
THR CB  CG2  sing N N 374 
THR CB  HB   sing N N 375 
THR OG1 HG1  sing N N 376 
THR CG2 HG21 sing N N 377 
THR CG2 HG22 sing N N 378 
THR CG2 HG23 sing N N 379 
THR OXT HXT  sing N N 380 
TRP N   CA   sing N N 381 
TRP N   H    sing N N 382 
TRP N   H2   sing N N 383 
TRP CA  C    sing N N 384 
TRP CA  CB   sing N N 385 
TRP CA  HA   sing N N 386 
TRP C   O    doub N N 387 
TRP C   OXT  sing N N 388 
TRP CB  CG   sing N N 389 
TRP CB  HB2  sing N N 390 
TRP CB  HB3  sing N N 391 
TRP CG  CD1  doub Y N 392 
TRP CG  CD2  sing Y N 393 
TRP CD1 NE1  sing Y N 394 
TRP CD1 HD1  sing N N 395 
TRP CD2 CE2  doub Y N 396 
TRP CD2 CE3  sing Y N 397 
TRP NE1 CE2  sing Y N 398 
TRP NE1 HE1  sing N N 399 
TRP CE2 CZ2  sing Y N 400 
TRP CE3 CZ3  doub Y N 401 
TRP CE3 HE3  sing N N 402 
TRP CZ2 CH2  doub Y N 403 
TRP CZ2 HZ2  sing N N 404 
TRP CZ3 CH2  sing Y N 405 
TRP CZ3 HZ3  sing N N 406 
TRP CH2 HH2  sing N N 407 
TRP OXT HXT  sing N N 408 
VAL N   CA   sing N N 409 
VAL N   H    sing N N 410 
VAL N   H2   sing N N 411 
VAL CA  C    sing N N 412 
VAL CA  CB   sing N N 413 
VAL CA  HA   sing N N 414 
VAL C   O    doub N N 415 
VAL C   OXT  sing N N 416 
VAL CB  CG1  sing N N 417 
VAL CB  CG2  sing N N 418 
VAL CB  HB   sing N N 419 
VAL CG1 HG11 sing N N 420 
VAL CG1 HG12 sing N N 421 
VAL CG1 HG13 sing N N 422 
VAL CG2 HG21 sing N N 423 
VAL CG2 HG22 sing N N 424 
VAL CG2 HG23 sing N N 425 
VAL OXT HXT  sing N N 426 
# 
_atom_sites.entry_id                    1MBA 
_atom_sites.fract_transf_matrix[1][1]   -0.01140744 
_atom_sites.fract_transf_matrix[1][2]   -0.00265838 
_atom_sites.fract_transf_matrix[1][3]   -0.01480098 
_atom_sites.fract_transf_matrix[2][1]   0.00102558 
_atom_sites.fract_transf_matrix[2][2]   0.01372593 
_atom_sites.fract_transf_matrix[2][3]   -0.00325574 
_atom_sites.fract_transf_matrix[3][1]   0.02441210 
_atom_sites.fract_transf_matrix[3][2]   -0.00602998 
_atom_sites.fract_transf_matrix[3][3]   -0.01773190 
_atom_sites.fract_transf_vector[1]      -1.066431 
_atom_sites.fract_transf_vector[2]      -0.624395 
_atom_sites.fract_transf_vector[3]      -0.874674 
# 
loop_
_atom_type.symbol 
C  
FE 
N  
O  
S  
# 
loop_
_atom_site.group_PDB 
_atom_site.id 
_atom_site.type_symbol 
_atom_site.label_atom_id 
_atom_site.label_alt_id 
_atom_site.label_comp_id 
_atom_site.label_asym_id 
_atom_site.label_entity_id 
_atom_site.label_seq_id 
_atom_site.pdbx_PDB_ins_code 
_atom_site.Cartn_x 
_atom_site.Cartn_y 
_atom_site.Cartn_z 
_atom_site.occupancy 
_atom_site.B_iso_or_equiv 
_atom_site.pdbx_formal_charge 
_atom_site.auth_seq_id 
_atom_site.auth_comp_id 
_atom_site.auth_asym_id 
_atom_site.auth_atom_id 
_atom_site.pdbx_PDB_model_num 
HETATM 1    C  C   . ACE A 1 1   ? 11.338  -5.367  10.764  1.00 37.53 ? 0   ACE A C   1 
HETATM 2    O  O   . ACE A 1 1   ? 11.328  -4.305  10.059  1.00 38.81 ? 0   ACE A O   1 
HETATM 3    C  CH3 . ACE A 1 1   ? 11.039  -5.401  12.209  1.00 34.12 ? 0   ACE A CH3 1 
ATOM   4    N  N   . SER A 1 2   ? 11.546  -6.500  10.277  1.00 33.28 ? 1   SER A N   1 
ATOM   5    C  CA  . SER A 1 2   ? 11.837  -6.548  8.874   1.00 32.62 ? 1   SER A CA  1 
ATOM   6    C  C   . SER A 1 2   ? 11.605  -7.911  8.307   1.00 22.89 ? 1   SER A C   1 
ATOM   7    O  O   . SER A 1 2   ? 11.248  -8.866  8.996   1.00 21.49 ? 1   SER A O   1 
ATOM   8    C  CB  . SER A 1 2   ? 13.278  -6.214  8.615   1.00 31.08 ? 1   SER A CB  1 
ATOM   9    O  OG  . SER A 1 2   ? 14.081  -7.126  9.338   1.00 24.50 ? 1   SER A OG  1 
ATOM   10   N  N   . LEU A 1 3   ? 11.803  -7.979  7.033   1.00 20.17 ? 2   LEU A N   1 
ATOM   11   C  CA  . LEU A 1 3   ? 11.648  -9.210  6.326   1.00 15.19 ? 2   LEU A CA  1 
ATOM   12   C  C   . LEU A 1 3   ? 13.060  -9.756  6.125   1.00 8.46  ? 2   LEU A C   1 
ATOM   13   O  O   . LEU A 1 3   ? 14.062  -9.021  6.272   1.00 14.72 ? 2   LEU A O   1 
ATOM   14   C  CB  . LEU A 1 3   ? 11.080  -8.979  4.893   1.00 13.71 ? 2   LEU A CB  1 
ATOM   15   C  CG  . LEU A 1 3   ? 9.539   -8.938  4.811   1.00 14.81 ? 2   LEU A CG  1 
ATOM   16   C  CD1 . LEU A 1 3   ? 8.951   -7.823  5.659   1.00 17.14 ? 2   LEU A CD1 1 
ATOM   17   C  CD2 . LEU A 1 3   ? 9.098   -8.733  3.409   1.00 18.68 ? 2   LEU A CD2 1 
ATOM   18   N  N   . SER A 1 4   ? 13.162  -11.003 5.822   1.00 17.98 ? 3   SER A N   1 
ATOM   19   C  CA  . SER A 1 4   ? 14.444  -11.596 5.583   1.00 18.29 ? 3   SER A CA  1 
ATOM   20   C  C   . SER A 1 4   ? 14.805  -11.244 4.147   1.00 12.09 ? 3   SER A C   1 
ATOM   21   O  O   . SER A 1 4   ? 13.942  -10.771 3.386   1.00 10.00 ? 3   SER A O   1 
ATOM   22   C  CB  . SER A 1 4   ? 14.379  -13.120 5.731   1.00 14.00 ? 3   SER A CB  1 
ATOM   23   O  OG  . SER A 1 4   ? 13.586  -13.656 4.723   1.00 13.36 ? 3   SER A OG  1 
ATOM   24   N  N   . ALA A 1 5   ? 16.069  -11.473 3.768   1.00 10.93 ? 4   ALA A N   1 
ATOM   25   C  CA  . ALA A 1 5   ? 16.535  -11.200 2.434   1.00 19.15 ? 4   ALA A CA  1 
ATOM   26   C  C   . ALA A 1 5   ? 15.723  -12.025 1.460   1.00 15.02 ? 4   ALA A C   1 
ATOM   27   O  O   . ALA A 1 5   ? 15.297  -11.558 0.423   1.00 15.45 ? 4   ALA A O   1 
ATOM   28   C  CB  . ALA A 1 5   ? 18.010  -11.575 2.314   1.00 12.65 ? 4   ALA A CB  1 
ATOM   29   N  N   . ALA A 1 6   ? 15.504  -13.273 1.809   1.00 12.16 ? 5   ALA A N   1 
ATOM   30   C  CA  . ALA A 1 6   ? 14.718  -14.162 0.984   1.00 10.07 ? 5   ALA A CA  1 
ATOM   31   C  C   . ALA A 1 6   ? 13.271  -13.667 0.801   1.00 10.97 ? 5   ALA A C   1 
ATOM   32   O  O   . ALA A 1 6   ? 12.708  -13.667 -0.294  1.00 11.79 ? 5   ALA A O   1 
ATOM   33   C  CB  . ALA A 1 6   ? 14.727  -15.516 1.631   1.00 15.57 ? 5   ALA A CB  1 
ATOM   34   N  N   . GLU A 1 7   ? 12.670  -13.247 1.861   1.00 10.89 ? 6   GLU A N   1 
ATOM   35   C  CA  . GLU A 1 7   ? 11.284  -12.761 1.797   1.00 17.94 ? 6   GLU A CA  1 
ATOM   36   C  C   . GLU A 1 7   ? 11.170  -11.494 0.996   1.00 10.78 ? 6   GLU A C   1 
ATOM   37   O  O   . GLU A 1 7   ? 10.235  -11.323 0.214   1.00 17.58 ? 6   GLU A O   1 
ATOM   38   C  CB  . GLU A 1 7   ? 10.688  -12.489 3.207   1.00 8.75  ? 6   GLU A CB  1 
ATOM   39   C  CG  . GLU A 1 7   ? 10.442  -13.757 4.048   1.00 12.48 ? 6   GLU A CG  1 
ATOM   40   C  CD  . GLU A 1 7   ? 10.163  -13.547 5.553   1.00 11.07 ? 6   GLU A CD  1 
ATOM   41   O  OE1 . GLU A 1 7   ? 9.513   -14.297 6.141   1.00 18.59 ? 6   GLU A OE1 1 
ATOM   42   O  OE2 . GLU A 1 7   ? 10.668  -12.483 6.102   1.00 15.01 ? 6   GLU A OE2 1 
ATOM   43   N  N   . ALA A 1 8   ? 12.153  -10.618 1.211   1.00 8.52  ? 7   ALA A N   1 
ATOM   44   C  CA  . ALA A 1 8   ? 12.234  -9.361  0.552   1.00 8.77  ? 7   ALA A CA  1 
ATOM   45   C  C   . ALA A 1 8   ? 12.360  -9.513  -0.955  1.00 8.90  ? 7   ALA A C   1 
ATOM   46   O  O   . ALA A 1 8   ? 11.719  -8.806  -1.727  1.00 10.14 ? 7   ALA A O   1 
ATOM   47   C  CB  . ALA A 1 8   ? 13.266  -8.486  1.253   1.00 22.16 ? 7   ALA A CB  1 
ATOM   48   N  N   . ASP A 1 9   ? 13.185  -10.458 -1.377  1.00 13.44 ? 8   ASP A N   1 
ATOM   49   C  CA  . ASP A 1 9   ? 13.399  -10.739 -2.803  1.00 21.42 ? 8   ASP A CA  1 
ATOM   50   C  C   . ASP A 1 9   ? 12.106  -11.161 -3.497  1.00 14.52 ? 8   ASP A C   1 
ATOM   51   O  O   . ASP A 1 9   ? 11.879  -10.796 -4.646  1.00 19.02 ? 8   ASP A O   1 
ATOM   52   C  CB  . ASP A 1 9   ? 14.488  -11.829 -2.998  1.00 22.12 ? 8   ASP A CB  1 
ATOM   53   C  CG  . ASP A 1 9   ? 15.890  -11.326 -2.702  1.00 35.91 ? 8   ASP A CG  1 
ATOM   54   O  OD1 . ASP A 1 9   ? 16.788  -12.055 -2.341  1.00 41.26 ? 8   ASP A OD1 1 
ATOM   55   O  OD2 . ASP A 1 9   ? 16.061  -10.044 -2.943  1.00 34.29 ? 8   ASP A OD2 1 
ATOM   56   N  N   . LEU A 1 10  ? 11.271  -11.982 -2.765  1.00 8.63  ? 9   LEU A N   1 
ATOM   57   C  CA  . LEU A 1 10  ? 9.982   -12.506 -3.252  1.00 7.68  ? 9   LEU A CA  1 
ATOM   58   C  C   . LEU A 1 10  ? 8.988   -11.377 -3.421  1.00 7.77  ? 9   LEU A C   1 
ATOM   59   O  O   . LEU A 1 10  ? 8.230   -11.340 -4.372  1.00 11.16 ? 9   LEU A O   1 
ATOM   60   C  CB  . LEU A 1 10  ? 9.377   -13.559 -2.317  1.00 20.83 ? 9   LEU A CB  1 
ATOM   61   C  CG  . LEU A 1 10  ? 9.778   -14.996 -2.584  1.00 19.80 ? 9   LEU A CG  1 
ATOM   62   C  CD1 . LEU A 1 10  ? 10.914  -15.154 -3.544  1.00 21.77 ? 9   LEU A CD1 1 
ATOM   63   C  CD2 . LEU A 1 10  ? 9.823   -15.871 -1.303  1.00 15.71 ? 9   LEU A CD2 1 
ATOM   64   N  N   . ALA A 1 11  ? 9.013   -10.444 -2.468  1.00 7.77  ? 10  ALA A N   1 
ATOM   65   C  CA  . ALA A 1 11  ? 8.146   -9.305  -2.562  1.00 10.79 ? 10  ALA A CA  1 
ATOM   66   C  C   . ALA A 1 11  ? 8.560   -8.474  -3.777  1.00 8.82  ? 10  ALA A C   1 
ATOM   67   O  O   . ALA A 1 11  ? 7.760   -8.042  -4.589  1.00 9.88  ? 10  ALA A O   1 
ATOM   68   C  CB  . ALA A 1 11  ? 8.275   -8.446  -1.319  1.00 8.84  ? 10  ALA A CB  1 
ATOM   69   N  N   . GLY A 1 12  ? 9.859   -8.240  -3.926  1.00 15.35 ? 11  GLY A N   1 
ATOM   70   C  CA  . GLY A 1 12  ? 10.385  -7.455  -5.039  1.00 9.97  ? 11  GLY A CA  1 
ATOM   71   C  C   . GLY A 1 12  ? 10.050  -8.059  -6.384  1.00 7.66  ? 11  GLY A C   1 
ATOM   72   O  O   . GLY A 1 12  ? 9.684   -7.353  -7.316  1.00 8.77  ? 11  GLY A O   1 
ATOM   73   N  N   . LYS A 1 13  ? 10.193  -9.372  -6.457  1.00 7.73  ? 12  LYS A N   1 
ATOM   74   C  CA  . LYS A 1 13  ? 9.914   -10.117 -7.669  1.00 7.72  ? 12  LYS A CA  1 
ATOM   75   C  C   . LYS A 1 13  ? 8.471   -9.948  -8.088  1.00 14.13 ? 12  LYS A C   1 
ATOM   76   O  O   . LYS A 1 13  ? 8.179   -9.738  -9.252  1.00 11.76 ? 12  LYS A O   1 
ATOM   77   C  CB  . LYS A 1 13  ? 10.262  -11.582 -7.535  1.00 9.75  ? 12  LYS A CB  1 
ATOM   78   C  CG  . LYS A 1 13  ? 11.461  -11.945 -8.331  1.00 29.46 ? 12  LYS A CG  1 
ATOM   79   C  CD  . LYS A 1 13  ? 12.235  -13.099 -7.756  1.00 38.56 ? 12  LYS A CD  1 
ATOM   80   C  CE  . LYS A 1 13  ? 11.387  -14.249 -7.243  1.00 15.62 ? 12  LYS A CE  1 
ATOM   81   N  NZ  . LYS A 1 13  ? 12.239  -15.281 -6.642  1.00 15.00 ? 12  LYS A NZ  1 
ATOM   82   N  N   . SER A 1 14  ? 7.538   -10.044 -7.107  1.00 14.13 ? 13  SER A N   1 
ATOM   83   C  CA  . SER A 1 14  ? 6.096   -9.909  -7.384  1.00 10.75 ? 13  SER A CA  1 
ATOM   84   C  C   . SER A 1 14  ? 5.692   -8.508  -7.709  1.00 9.00  ? 13  SER A C   1 
ATOM   85   O  O   . SER A 1 14  ? 4.728   -8.309  -8.414  1.00 8.61  ? 13  SER A O   1 
ATOM   86   C  CB  . SER A 1 14  ? 5.170   -10.383 -6.263  1.00 8.13  ? 13  SER A CB  1 
ATOM   87   O  OG  . SER A 1 14  ? 5.402   -9.602  -5.134  1.00 15.29 ? 13  SER A OG  1 
ATOM   88   N  N   . TRP A 1 15  ? 6.437   -7.551  -7.178  1.00 9.92  ? 14  TRP A N   1 
ATOM   89   C  CA  . TRP A 1 15  ? 6.175   -6.104  -7.380  1.00 8.87  ? 14  TRP A CA  1 
ATOM   90   C  C   . TRP A 1 15  ? 6.611   -5.552  -8.719  1.00 9.20  ? 14  TRP A C   1 
ATOM   91   O  O   . TRP A 1 15  ? 5.958   -4.686  -9.271  1.00 9.00  ? 14  TRP A O   1 
ATOM   92   C  CB  . TRP A 1 15  ? 6.925   -5.331  -6.272  1.00 7.82  ? 14  TRP A CB  1 
ATOM   93   C  CG  . TRP A 1 15  ? 6.833   -3.799  -6.262  1.00 7.96  ? 14  TRP A CG  1 
ATOM   94   C  CD1 . TRP A 1 15  ? 7.865   -2.927  -6.397  1.00 8.29  ? 14  TRP A CD1 1 
ATOM   95   C  CD2 . TRP A 1 15  ? 5.675   -3.015  -6.079  1.00 10.32 ? 14  TRP A CD2 1 
ATOM   96   N  NE1 . TRP A 1 15  ? 7.403   -1.607  -6.299  1.00 7.30  ? 14  TRP A NE1 1 
ATOM   97   C  CE2 . TRP A 1 15  ? 6.093   -1.633  -6.118  1.00 12.86 ? 14  TRP A CE2 1 
ATOM   98   C  CE3 . TRP A 1 15  ? 4.343   -3.322  -5.899  1.00 10.76 ? 14  TRP A CE3 1 
ATOM   99   C  CZ2 . TRP A 1 15  ? 5.181   -0.586  -5.974  1.00 11.53 ? 14  TRP A CZ2 1 
ATOM   100  C  CZ3 . TRP A 1 15  ? 3.449   -2.277  -5.763  1.00 13.16 ? 14  TRP A CZ3 1 
ATOM   101  C  CH2 . TRP A 1 15  ? 3.866   -0.942  -5.790  1.00 7.10  ? 14  TRP A CH2 1 
ATOM   102  N  N   . ALA A 1 16  ? 7.716   -6.070  -9.220  1.00 10.70 ? 15  ALA A N   1 
ATOM   103  C  CA  . ALA A 1 16  ? 8.283   -5.637  -10.486 1.00 16.26 ? 15  ALA A CA  1 
ATOM   104  C  C   . ALA A 1 16  ? 7.293   -5.448  -11.624 1.00 4.74  ? 15  ALA A C   1 
ATOM   105  O  O   . ALA A 1 16  ? 7.212   -4.364  -12.166 1.00 11.44 ? 15  ALA A O   1 
ATOM   106  C  CB  . ALA A 1 16  ? 9.548   -6.390  -10.803 1.00 11.75 ? 15  ALA A CB  1 
ATOM   107  N  N   . PRO A 1 17  ? 6.536   -6.508  -11.978 1.00 8.83  ? 16  PRO A N   1 
ATOM   108  C  CA  . PRO A 1 17  ? 5.535   -6.398  -13.048 1.00 8.65  ? 16  PRO A CA  1 
ATOM   109  C  C   . PRO A 1 17  ? 4.514   -5.284  -12.754 1.00 11.22 ? 16  PRO A C   1 
ATOM   110  O  O   . PRO A 1 17  ? 4.035   -4.590  -13.643 1.00 12.89 ? 16  PRO A O   1 
ATOM   111  C  CB  . PRO A 1 17  ? 4.794   -7.750  -13.052 1.00 16.24 ? 16  PRO A CB  1 
ATOM   112  C  CG  . PRO A 1 17  ? 5.622   -8.734  -12.251 1.00 14.24 ? 16  PRO A CG  1 
ATOM   113  C  CD  . PRO A 1 17  ? 6.537   -7.883  -11.395 1.00 8.23  ? 16  PRO A CD  1 
ATOM   114  N  N   . VAL A 1 18  ? 4.168   -5.104  -11.479 1.00 9.50  ? 17  VAL A N   1 
ATOM   115  C  CA  . VAL A 1 18  ? 3.198   -4.062  -11.096 1.00 10.75 ? 17  VAL A CA  1 
ATOM   116  C  C   . VAL A 1 18  ? 3.757   -2.666  -11.279 1.00 8.05  ? 17  VAL A C   1 
ATOM   117  O  O   . VAL A 1 18  ? 3.153   -1.796  -11.906 1.00 8.62  ? 17  VAL A O   1 
ATOM   118  C  CB  . VAL A 1 18  ? 2.685   -4.203  -9.648  1.00 5.76  ? 17  VAL A CB  1 
ATOM   119  C  CG1 . VAL A 1 18  ? 1.752   -3.059  -9.287  1.00 7.78  ? 17  VAL A CG1 1 
ATOM   120  C  CG2 . VAL A 1 18  ? 2.092   -5.579  -9.320  1.00 7.71  ? 17  VAL A CG2 1 
ATOM   121  N  N   . PHE A 1 19  ? 4.943   -2.470  -10.726 1.00 5.37  ? 18  PHE A N   1 
ATOM   122  C  CA  . PHE A 1 19  ? 5.637   -1.193  -10.833 1.00 7.58  ? 18  PHE A CA  1 
ATOM   123  C  C   . PHE A 1 19  ? 6.024   -0.868  -12.295 1.00 6.39  ? 18  PHE A C   1 
ATOM   124  O  O   . PHE A 1 19  ? 6.191   0.290   -12.650 1.00 12.10 ? 18  PHE A O   1 
ATOM   125  C  CB  . PHE A 1 19  ? 6.871   -1.201  -9.840  1.00 9.08  ? 18  PHE A CB  1 
ATOM   126  C  CG  . PHE A 1 19  ? 7.371   0.175   -9.455  1.00 11.28 ? 18  PHE A CG  1 
ATOM   127  C  CD1 . PHE A 1 19  ? 6.576   1.035   -8.742  1.00 11.84 ? 18  PHE A CD1 1 
ATOM   128  C  CD2 . PHE A 1 19  ? 8.653   0.593   -9.815  1.00 15.73 ? 18  PHE A CD2 1 
ATOM   129  C  CE1 . PHE A 1 19  ? 7.013   2.315   -8.379  1.00 15.38 ? 18  PHE A CE1 1 
ATOM   130  C  CE2 . PHE A 1 19  ? 9.115   1.865   -9.465  1.00 15.97 ? 18  PHE A CE2 1 
ATOM   131  C  CZ  . PHE A 1 19  ? 8.288   2.726   -8.744  1.00 16.11 ? 18  PHE A CZ  1 
ATOM   132  N  N   . ALA A 1 20  ? 6.157   -1.912  -13.179 1.00 10.64 ? 19  ALA A N   1 
ATOM   133  C  CA  . ALA A 1 20  ? 6.526   -1.690  -14.613 1.00 11.19 ? 19  ALA A CA  1 
ATOM   134  C  C   . ALA A 1 20  ? 5.654   -0.644  -15.258 1.00 20.80 ? 19  ALA A C   1 
ATOM   135  O  O   . ALA A 1 20  ? 6.110   0.141   -16.072 1.00 15.30 ? 19  ALA A O   1 
ATOM   136  C  CB  . ALA A 1 20  ? 6.581   -2.947  -15.465 1.00 11.44 ? 19  ALA A CB  1 
ATOM   137  N  N   . ASN A 1 21  ? 4.384   -0.668  -14.879 1.00 9.90  ? 20  ASN A N   1 
ATOM   138  C  CA  . ASN A 1 21  ? 3.408   0.274   -15.354 1.00 7.74  ? 20  ASN A CA  1 
ATOM   139  C  C   . ASN A 1 21  ? 2.866   1.050   -14.139 1.00 11.05 ? 20  ASN A C   1 
ATOM   140  O  O   . ASN A 1 21  ? 1.735   0.898   -13.747 1.00 10.46 ? 20  ASN A O   1 
ATOM   141  C  CB  . ASN A 1 21  ? 2.289   -0.527  -16.074 1.00 9.98  ? 20  ASN A CB  1 
ATOM   142  C  CG  . ASN A 1 21  ? 2.767   -1.188  -17.415 1.00 11.98 ? 20  ASN A CG  1 
ATOM   143  O  OD1 . ASN A 1 21  ? 2.601   -2.393  -17.630 1.00 17.84 ? 20  ASN A OD1 1 
ATOM   144  N  ND2 . ASN A 1 21  ? 3.317   -0.381  -18.303 1.00 12.49 ? 20  ASN A ND2 1 
ATOM   145  N  N   . LYS A 1 22  ? 3.698   1.858   -13.554 1.00 7.91  ? 21  LYS A N   1 
ATOM   146  C  CA  . LYS A 1 22  ? 3.393   2.647   -12.396 1.00 5.65  ? 21  LYS A CA  1 
ATOM   147  C  C   . LYS A 1 22  ? 2.100   3.498   -12.438 1.00 6.30  ? 21  LYS A C   1 
ATOM   148  O  O   . LYS A 1 22  ? 1.267   3.380   -11.559 1.00 11.44 ? 21  LYS A O   1 
ATOM   149  C  CB  . LYS A 1 22  ? 4.623   3.372   -11.940 1.00 11.29 ? 21  LYS A CB  1 
ATOM   150  C  CG  . LYS A 1 22  ? 4.545   3.916   -10.553 1.00 22.00 ? 21  LYS A CG  1 
ATOM   151  C  CD  . LYS A 1 22  ? 5.303   5.191   -10.457 1.00 28.49 ? 21  LYS A CD  1 
ATOM   152  C  CE  . LYS A 1 22  ? 6.430   5.119   -11.440 1.00 44.15 ? 21  LYS A CE  1 
ATOM   153  N  NZ  . LYS A 1 22  ? 6.506   6.292   -12.311 1.00 51.74 ? 21  LYS A NZ  1 
ATOM   154  N  N   . ASN A 1 23  ? 1.963   4.352   -13.463 1.00 6.09  ? 22  ASN A N   1 
ATOM   155  C  CA  . ASN A 1 23  ? 0.813   5.216   -13.652 1.00 5.66  ? 22  ASN A CA  1 
ATOM   156  C  C   . ASN A 1 23  ? -0.506  4.428   -13.689 1.00 8.09  ? 22  ASN A C   1 
ATOM   157  O  O   . ASN A 1 23  ? -1.391  4.635   -12.888 1.00 8.42  ? 22  ASN A O   1 
ATOM   158  C  CB  . ASN A 1 23  ? 0.990   5.921   -14.971 1.00 9.79  ? 22  ASN A CB  1 
ATOM   159  C  CG  . ASN A 1 23  ? 2.002   7.087   -14.921 1.00 23.40 ? 22  ASN A CG  1 
ATOM   160  O  OD1 . ASN A 1 23  ? 2.347   7.643   -15.935 1.00 20.84 ? 22  ASN A OD1 1 
ATOM   161  N  ND2 . ASN A 1 23  ? 2.546   7.366   -13.763 1.00 15.74 ? 22  ASN A ND2 1 
ATOM   162  N  N   . ALA A 1 24  ? -0.644  3.512   -14.649 1.00 9.68  ? 23  ALA A N   1 
ATOM   163  C  CA  . ALA A 1 24  ? -1.870  2.736   -14.765 1.00 5.12  ? 23  ALA A CA  1 
ATOM   164  C  C   . ALA A 1 24  ? -2.158  1.865   -13.562 1.00 11.13 ? 23  ALA A C   1 
ATOM   165  O  O   . ALA A 1 24  ? -3.288  1.796   -13.094 1.00 8.57  ? 23  ALA A O   1 
ATOM   166  C  CB  . ALA A 1 24  ? -1.873  1.923   -15.997 1.00 5.79  ? 23  ALA A CB  1 
ATOM   167  N  N   . ASN A 1 25  ? -1.099  1.168   -13.055 1.00 3.03  ? 24  ASN A N   1 
ATOM   168  C  CA  . ASN A 1 25  ? -1.245  0.305   -11.905 1.00 5.98  ? 24  ASN A CA  1 
ATOM   169  C  C   . ASN A 1 25  ? -1.511  1.028   -10.580 1.00 4.40  ? 24  ASN A C   1 
ATOM   170  O  O   . ASN A 1 25  ? -2.290  0.546   -9.761  1.00 8.24  ? 24  ASN A O   1 
ATOM   171  C  CB  . ASN A 1 25  ? -0.244  -0.813  -11.797 1.00 5.81  ? 24  ASN A CB  1 
ATOM   172  C  CG  . ASN A 1 25  ? -0.379  -1.809  -12.904 1.00 6.32  ? 24  ASN A CG  1 
ATOM   173  O  OD1 . ASN A 1 25  ? 0.639   -2.349  -13.407 1.00 12.63 ? 24  ASN A OD1 1 
ATOM   174  N  ND2 . ASN A 1 25  ? -1.527  -2.004  -13.332 1.00 4.89  ? 24  ASN A ND2 1 
ATOM   175  N  N   . GLY A 1 26  ? -0.872  2.187   -10.386 1.00 5.93  ? 25  GLY A N   1 
ATOM   176  C  CA  . GLY A 1 26  ? -1.036  2.993   -9.207  1.00 10.73 ? 25  GLY A CA  1 
ATOM   177  C  C   . GLY A 1 26  ? -2.482  3.470   -9.093  1.00 10.09 ? 25  GLY A C   1 
ATOM   178  O  O   . GLY A 1 26  ? -3.086  3.434   -8.027  1.00 4.67  ? 25  GLY A O   1 
ATOM   179  N  N   . LEU A 1 27  ? -3.059  3.924   -10.246 1.00 6.67  ? 26  LEU A N   1 
ATOM   180  C  CA  . LEU A 1 27  ? -4.448  4.376   -10.274 1.00 4.76  ? 26  LEU A CA  1 
ATOM   181  C  C   . LEU A 1 27  ? -5.380  3.202   -9.975  1.00 8.20  ? 26  LEU A C   1 
ATOM   182  O  O   . LEU A 1 27  ? -6.306  3.322   -9.192  1.00 8.63  ? 26  LEU A O   1 
ATOM   183  C  CB  . LEU A 1 27  ? -4.832  4.877   -11.642 1.00 8.12  ? 26  LEU A CB  1 
ATOM   184  C  CG  . LEU A 1 27  ? -4.727  6.354   -11.799 1.00 13.80 ? 26  LEU A CG  1 
ATOM   185  C  CD1 . LEU A 1 27  ? -3.525  6.915   -11.166 1.00 6.42  ? 26  LEU A CD1 1 
ATOM   186  C  CD2 . LEU A 1 27  ? -4.582  6.686   -13.218 1.00 5.11  ? 26  LEU A CD2 1 
ATOM   187  N  N   . ASP A 1 28  ? -5.115  2.058   -10.622 1.00 4.62  ? 27  ASP A N   1 
ATOM   188  C  CA  . ASP A 1 28  ? -5.906  0.859   -10.442 1.00 5.91  ? 27  ASP A CA  1 
ATOM   189  C  C   . ASP A 1 28  ? -5.947  0.335   -9.003  1.00 8.02  ? 27  ASP A C   1 
ATOM   190  O  O   . ASP A 1 28  ? -6.963  -0.173  -8.547  1.00 9.55  ? 27  ASP A O   1 
ATOM   191  C  CB  . ASP A 1 28  ? -5.466  -0.315  -11.370 1.00 9.54  ? 27  ASP A CB  1 
ATOM   192  C  CG  . ASP A 1 28  ? -6.079  -0.388  -12.756 1.00 14.86 ? 27  ASP A CG  1 
ATOM   193  O  OD1 . ASP A 1 28  ? -5.398  -0.551  -13.733 1.00 15.00 ? 27  ASP A OD1 1 
ATOM   194  O  OD2 . ASP A 1 28  ? -7.363  -0.186  -12.812 1.00 15.00 ? 27  ASP A OD2 1 
ATOM   195  N  N   . PHE A 1 29  ? -4.838  0.466   -8.279  1.00 5.55  ? 28  PHE A N   1 
ATOM   196  C  CA  . PHE A 1 29  ? -4.785  0.024   -6.913  1.00 7.70  ? 28  PHE A CA  1 
ATOM   197  C  C   . PHE A 1 29  ? -5.727  0.859   -6.031  1.00 3.44  ? 28  PHE A C   1 
ATOM   198  O  O   . PHE A 1 29  ? -6.460  0.338   -5.222  1.00 8.09  ? 28  PHE A O   1 
ATOM   199  C  CB  . PHE A 1 29  ? -3.309  0.086   -6.388  1.00 10.15 ? 28  PHE A CB  1 
ATOM   200  C  CG  . PHE A 1 29  ? -3.239  0.006   -4.876  1.00 13.50 ? 28  PHE A CG  1 
ATOM   201  C  CD1 . PHE A 1 29  ? -3.551  -1.227  -4.239  1.00 14.97 ? 28  PHE A CD1 1 
ATOM   202  C  CD2 . PHE A 1 29  ? -2.902  1.080   -4.122  1.00 12.27 ? 28  PHE A CD2 1 
ATOM   203  C  CE1 . PHE A 1 29  ? -3.518  -1.367  -2.855  1.00 12.72 ? 28  PHE A CE1 1 
ATOM   204  C  CE2 . PHE A 1 29  ? -2.867  0.950   -2.674  1.00 20.50 ? 28  PHE A CE2 1 
ATOM   205  C  CZ  . PHE A 1 29  ? -3.167  -0.250  -2.083  1.00 7.55  ? 28  PHE A CZ  1 
ATOM   206  N  N   . LEU A 1 30  ? -5.676  2.158   -6.203  1.00 5.06  ? 29  LEU A N   1 
ATOM   207  C  CA  . LEU A 1 30  ? -6.492  3.063   -5.449  1.00 8.52  ? 29  LEU A CA  1 
ATOM   208  C  C   . LEU A 1 30  ? -7.975  2.829   -5.733  1.00 7.44  ? 29  LEU A C   1 
ATOM   209  O  O   . LEU A 1 30  ? -8.788  2.797   -4.822  1.00 16.89 ? 29  LEU A O   1 
ATOM   210  C  CB  . LEU A 1 30  ? -5.974  4.492   -5.620  1.00 14.22 ? 29  LEU A CB  1 
ATOM   211  C  CG  . LEU A 1 30  ? -6.170  5.424   -4.424  1.00 25.95 ? 29  LEU A CG  1 
ATOM   212  C  CD1 . LEU A 1 30  ? -5.851  4.852   -3.047  1.00 16.45 ? 29  LEU A CD1 1 
ATOM   213  C  CD2 . LEU A 1 30  ? -5.606  6.825   -4.660  1.00 19.99 ? 29  LEU A CD2 1 
ATOM   214  N  N   . VAL A 1 31  ? -8.294  2.645   -7.002  1.00 5.71  ? 30  VAL A N   1 
ATOM   215  C  CA  . VAL A 1 31  ? -9.642  2.375   -7.422  1.00 7.33  ? 30  VAL A CA  1 
ATOM   216  C  C   . VAL A 1 31  ? -10.160 1.055   -6.820  1.00 7.24  ? 30  VAL A C   1 
ATOM   217  O  O   . VAL A 1 31  ? -11.246 1.007   -6.302  1.00 16.46 ? 30  VAL A O   1 
ATOM   218  C  CB  . VAL A 1 31  ? -9.807  2.387   -8.945  1.00 8.87  ? 30  VAL A CB  1 
ATOM   219  C  CG1 . VAL A 1 31  ? -11.169 1.837   -9.340  1.00 25.41 ? 30  VAL A CG1 1 
ATOM   220  C  CG2 . VAL A 1 31  ? -9.603  3.753   -9.551  1.00 11.83 ? 30  VAL A CG2 1 
ATOM   221  N  N   . ALA A 1 32  ? -9.364  -0.028  -6.869  1.00 7.58  ? 31  ALA A N   1 
ATOM   222  C  CA  . ALA A 1 32  ? -9.739  -1.336  -6.313  1.00 12.12 ? 31  ALA A CA  1 
ATOM   223  C  C   . ALA A 1 32  ? -9.975  -1.223  -4.791  1.00 21.60 ? 31  ALA A C   1 
ATOM   224  O  O   . ALA A 1 32  ? -10.822 -1.887  -4.207  1.00 11.83 ? 31  ALA A O   1 
ATOM   225  C  CB  . ALA A 1 32  ? -8.609  -2.338  -6.595  1.00 10.22 ? 31  ALA A CB  1 
ATOM   226  N  N   . LEU A 1 33  ? -9.190  -0.341  -4.134  1.00 14.25 ? 32  LEU A N   1 
ATOM   227  C  CA  . LEU A 1 33  ? -9.307  -0.131  -2.695  1.00 7.62  ? 32  LEU A CA  1 
ATOM   228  C  C   . LEU A 1 33  ? -10.629 0.512   -2.400  1.00 11.76 ? 32  LEU A C   1 
ATOM   229  O  O   . LEU A 1 33  ? -11.343 0.085   -1.505  1.00 11.57 ? 32  LEU A O   1 
ATOM   230  C  CB  . LEU A 1 33  ? -8.148  0.728   -2.087  1.00 12.57 ? 32  LEU A CB  1 
ATOM   231  C  CG  . LEU A 1 33  ? -8.183  0.956   -0.556  1.00 7.45  ? 32  LEU A CG  1 
ATOM   232  C  CD1 . LEU A 1 33  ? -7.858  -0.334  0.203   1.00 13.53 ? 32  LEU A CD1 1 
ATOM   233  C  CD2 . LEU A 1 33  ? -7.189  2.039   -0.203  1.00 9.58  ? 32  LEU A CD2 1 
ATOM   234  N  N   . PHE A 1 34  ? -10.948 1.549   -3.165  1.00 8.89  ? 33  PHE A N   1 
ATOM   235  C  CA  . PHE A 1 34  ? -12.181 2.252   -2.976  1.00 9.09  ? 33  PHE A CA  1 
ATOM   236  C  C   . PHE A 1 34  ? -13.393 1.397   -3.245  1.00 13.56 ? 33  PHE A C   1 
ATOM   237  O  O   . PHE A 1 34  ? -14.409 1.524   -2.581  1.00 15.01 ? 33  PHE A O   1 
ATOM   238  C  CB  . PHE A 1 34  ? -12.251 3.604   -3.601  1.00 10.89 ? 33  PHE A CB  1 
ATOM   239  C  CG  . PHE A 1 34  ? -11.178 4.594   -3.203  1.00 17.01 ? 33  PHE A CG  1 
ATOM   240  C  CD1 . PHE A 1 34  ? -10.653 4.649   -1.936  1.00 21.31 ? 33  PHE A CD1 1 
ATOM   241  C  CD2 . PHE A 1 34  ? -10.714 5.509   -4.174  1.00 12.16 ? 33  PHE A CD2 1 
ATOM   242  C  CE1 . PHE A 1 34  ? -9.659  5.609   -1.612  1.00 23.05 ? 33  PHE A CE1 1 
ATOM   243  C  CE2 . PHE A 1 34  ? -9.752  6.454   -3.883  1.00 15.23 ? 33  PHE A CE2 1 
ATOM   244  C  CZ  . PHE A 1 34  ? -9.230  6.489   -2.574  1.00 19.06 ? 33  PHE A CZ  1 
ATOM   245  N  N   . GLU A 1 35  ? -13.290 0.533   -4.221  1.00 9.67  ? 34  GLU A N   1 
ATOM   246  C  CA  . GLU A 1 35  ? -14.383 -0.331  -4.557  1.00 11.41 ? 34  GLU A CA  1 
ATOM   247  C  C   . GLU A 1 35  ? -14.644 -1.371  -3.491  1.00 19.51 ? 34  GLU A C   1 
ATOM   248  O  O   . GLU A 1 35  ? -15.783 -1.625  -3.126  1.00 18.81 ? 34  GLU A O   1 
ATOM   249  C  CB  . GLU A 1 35  ? -14.188 -1.108  -5.882  1.00 18.92 ? 34  GLU A CB  1 
ATOM   250  C  CG  . GLU A 1 35  ? -14.081 -0.232  -7.108  1.00 15.94 ? 34  GLU A CG  1 
ATOM   251  C  CD  . GLU A 1 35  ? -13.798 -0.979  -8.424  1.00 38.99 ? 34  GLU A CD  1 
ATOM   252  O  OE1 . GLU A 1 35  ? -14.196 -0.566  -9.459  1.00 38.78 ? 34  GLU A OE1 1 
ATOM   253  O  OE2 . GLU A 1 35  ? -13.178 -2.122  -8.319  1.00 27.78 ? 34  GLU A OE2 1 
ATOM   254  N  N   . LYS A 1 36  ? -13.581 -1.994  -2.978  1.00 13.43 ? 35  LYS A N   1 
ATOM   255  C  CA  . LYS A 1 36  ? -13.708 -3.032  -1.950  1.00 14.74 ? 35  LYS A CA  1 
ATOM   256  C  C   . LYS A 1 36  ? -13.943 -2.513  -0.541  1.00 20.66 ? 35  LYS A C   1 
ATOM   257  O  O   . LYS A 1 36  ? -14.576 -3.197  0.286   1.00 14.03 ? 35  LYS A O   1 
ATOM   258  C  CB  . LYS A 1 36  ? -12.493 -3.918  -1.918  1.00 12.01 ? 35  LYS A CB  1 
ATOM   259  C  CG  . LYS A 1 36  ? -12.255 -4.729  -3.181  1.00 29.83 ? 35  LYS A CG  1 
ATOM   260  C  CD  . LYS A 1 36  ? -10.853 -5.310  -3.249  1.00 15.42 ? 35  LYS A CD  1 
ATOM   261  C  CE  . LYS A 1 36  ? -10.741 -6.521  -4.154  1.00 15.76 ? 35  LYS A CE  1 
ATOM   262  N  NZ  . LYS A 1 36  ? -10.618 -7.766  -3.389  1.00 44.28 ? 35  LYS A NZ  1 
ATOM   263  N  N   . PHE A 1 37  ? -13.428 -1.318  -0.272  1.00 12.22 ? 36  PHE A N   1 
ATOM   264  C  CA  . PHE A 1 37  ? -13.562 -0.680  1.027   1.00 13.62 ? 36  PHE A CA  1 
ATOM   265  C  C   . PHE A 1 37  ? -13.971 0.786   0.872   1.00 6.81  ? 36  PHE A C   1 
ATOM   266  O  O   . PHE A 1 37  ? -13.167 1.677   0.989   1.00 13.60 ? 36  PHE A O   1 
ATOM   267  C  CB  . PHE A 1 37  ? -12.226 -0.868  1.874   1.00 13.02 ? 36  PHE A CB  1 
ATOM   268  C  CG  . PHE A 1 37  ? -11.851 -2.367  2.009   1.00 11.22 ? 36  PHE A CG  1 
ATOM   269  C  CD1 . PHE A 1 37  ? -12.358 -3.146  3.027   1.00 14.10 ? 36  PHE A CD1 1 
ATOM   270  C  CD2 . PHE A 1 37  ? -10.993 -2.962  1.084   1.00 15.94 ? 36  PHE A CD2 1 
ATOM   271  C  CE1 . PHE A 1 37  ? -12.023 -4.491  3.132   1.00 29.76 ? 36  PHE A CE1 1 
ATOM   272  C  CE2 . PHE A 1 37  ? -10.647 -4.288  1.173   1.00 16.99 ? 36  PHE A CE2 1 
ATOM   273  C  CZ  . PHE A 1 37  ? -11.164 -5.062  2.204   1.00 23.61 ? 36  PHE A CZ  1 
ATOM   274  N  N   . PRO A 1 38  ? -15.234 0.994   0.603   1.00 13.68 ? 37  PRO A N   1 
ATOM   275  C  CA  . PRO A 1 38  ? -15.826 2.297   0.393   1.00 19.51 ? 37  PRO A CA  1 
ATOM   276  C  C   . PRO A 1 38  ? -15.519 3.399   1.372   1.00 15.20 ? 37  PRO A C   1 
ATOM   277  O  O   . PRO A 1 38  ? -15.353 4.559   0.968   1.00 16.96 ? 37  PRO A O   1 
ATOM   278  C  CB  . PRO A 1 38  ? -17.318 2.094   0.193   1.00 26.41 ? 37  PRO A CB  1 
ATOM   279  C  CG  . PRO A 1 38  ? -17.593 0.590   0.250   1.00 26.21 ? 37  PRO A CG  1 
ATOM   280  C  CD  . PRO A 1 38  ? -16.259 -0.099  0.437   1.00 28.14 ? 37  PRO A CD  1 
ATOM   281  N  N   . ASP A 1 39  ? -15.448 3.051   2.647   1.00 14.68 ? 38  ASP A N   1 
ATOM   282  C  CA  . ASP A 1 39  ? -15.151 4.020   3.694   1.00 19.07 ? 38  ASP A CA  1 
ATOM   283  C  C   . ASP A 1 39  ? -13.769 4.621   3.542   1.00 21.75 ? 38  ASP A C   1 
ATOM   284  O  O   . ASP A 1 39  ? -13.500 5.736   3.982   1.00 16.95 ? 38  ASP A O   1 
ATOM   285  C  CB  . ASP A 1 39  ? -15.212 3.379   5.124   1.00 21.51 ? 38  ASP A CB  1 
ATOM   286  C  CG  . ASP A 1 39  ? -14.255 2.181   5.326   1.00 13.08 ? 38  ASP A CG  1 
ATOM   287  O  OD1 . ASP A 1 39  ? -14.162 1.277   4.540   1.00 22.53 ? 38  ASP A OD1 1 
ATOM   288  O  OD2 . ASP A 1 39  ? -13.532 2.247   6.390   1.00 32.34 ? 38  ASP A OD2 1 
ATOM   289  N  N   . SER A 1 40  ? -12.857 3.882   2.918   1.00 12.56 ? 39  SER A N   1 
ATOM   290  C  CA  . SER A 1 40  ? -11.512 4.421   2.770   1.00 10.50 ? 39  SER A CA  1 
ATOM   291  C  C   . SER A 1 40  ? -11.437 5.758   2.047   1.00 10.01 ? 39  SER A C   1 
ATOM   292  O  O   . SER A 1 40  ? -10.550 6.531   2.301   1.00 11.37 ? 39  SER A O   1 
ATOM   293  C  CB  . SER A 1 40  ? -10.513 3.411   2.238   1.00 10.49 ? 39  SER A CB  1 
ATOM   294  O  OG  . SER A 1 40  ? -10.971 3.017   0.998   1.00 28.20 ? 39  SER A OG  1 
ATOM   295  N  N   . ALA A 1 41  ? -12.355 6.041   1.133   1.00 17.05 ? 40  ALA A N   1 
ATOM   296  C  CA  . ALA A 1 41  ? -12.296 7.309   0.382   1.00 13.97 ? 40  ALA A CA  1 
ATOM   297  C  C   . ALA A 1 41  ? -12.521 8.561   1.177   1.00 13.64 ? 40  ALA A C   1 
ATOM   298  O  O   . ALA A 1 41  ? -12.005 9.627   0.797   1.00 14.95 ? 40  ALA A O   1 
ATOM   299  C  CB  . ALA A 1 41  ? -13.059 7.275   -0.868  1.00 22.59 ? 40  ALA A CB  1 
ATOM   300  N  N   . ASN A 1 42  ? -13.304 8.372   2.247   1.00 21.30 ? 41  ASN A N   1 
ATOM   301  C  CA  . ASN A 1 42  ? -13.714 9.364   3.206   1.00 14.28 ? 41  ASN A CA  1 
ATOM   302  C  C   . ASN A 1 42  ? -12.544 9.993   3.897   1.00 15.69 ? 41  ASN A C   1 
ATOM   303  O  O   . ASN A 1 42  ? -12.632 11.113  4.362   1.00 14.49 ? 41  ASN A O   1 
ATOM   304  C  CB  . ASN A 1 42  ? -14.607 8.725   4.286   1.00 14.95 ? 41  ASN A CB  1 
ATOM   305  C  CG  . ASN A 1 42  ? -15.996 8.518   3.785   1.00 15.00 ? 41  ASN A CG  1 
ATOM   306  O  OD1 . ASN A 1 42  ? -16.286 8.856   2.622   1.00 15.00 ? 41  ASN A OD1 1 
ATOM   307  N  ND2 . ASN A 1 42  ? -16.844 7.913   4.604   1.00 15.00 ? 41  ASN A ND2 1 
ATOM   308  N  N   . PHE A 1 43  ? -11.405 9.270   3.991   1.00 17.93 ? 42  PHE A N   1 
ATOM   309  C  CA  . PHE A 1 43  ? -10.227 9.847   4.660   1.00 10.62 ? 42  PHE A CA  1 
ATOM   310  C  C   . PHE A 1 43  ? -9.532  10.846  3.802   1.00 11.10 ? 42  PHE A C   1 
ATOM   311  O  O   . PHE A 1 43  ? -8.788  11.695  4.289   1.00 16.62 ? 42  PHE A O   1 
ATOM   312  C  CB  . PHE A 1 43  ? -9.191  8.793   5.032   1.00 16.23 ? 42  PHE A CB  1 
ATOM   313  C  CG  . PHE A 1 43  ? -9.715  7.867   6.077   1.00 17.17 ? 42  PHE A CG  1 
ATOM   314  C  CD1 . PHE A 1 43  ? -9.598  8.213   7.436   1.00 12.63 ? 42  PHE A CD1 1 
ATOM   315  C  CD2 . PHE A 1 43  ? -10.315 6.707   5.738   1.00 14.35 ? 42  PHE A CD2 1 
ATOM   316  C  CE1 . PHE A 1 43  ? -10.090 7.366   8.400   1.00 17.90 ? 42  PHE A CE1 1 
ATOM   317  C  CE2 . PHE A 1 43  ? -10.825 5.826   6.713   1.00 27.12 ? 42  PHE A CE2 1 
ATOM   318  C  CZ  . PHE A 1 43  ? -10.699 6.175   8.034   1.00 16.80 ? 42  PHE A CZ  1 
ATOM   319  N  N   . PHE A 1 44  ? -9.771  10.737  2.494   1.00 13.97 ? 43  PHE A N   1 
ATOM   320  C  CA  . PHE A 1 44  ? -9.151  11.640  1.527   1.00 25.94 ? 43  PHE A CA  1 
ATOM   321  C  C   . PHE A 1 44  ? -9.917  12.920  1.294   1.00 14.49 ? 43  PHE A C   1 
ATOM   322  O  O   . PHE A 1 44  ? -11.072 12.901  0.891   1.00 19.21 ? 43  PHE A O   1 
ATOM   323  C  CB  . PHE A 1 44  ? -8.950  10.928  0.164   1.00 25.26 ? 43  PHE A CB  1 
ATOM   324  C  CG  . PHE A 1 44  ? -7.899  9.846   0.176   1.00 11.20 ? 43  PHE A CG  1 
ATOM   325  C  CD1 . PHE A 1 44  ? -6.595  10.146  -0.158  1.00 10.02 ? 43  PHE A CD1 1 
ATOM   326  C  CD2 . PHE A 1 44  ? -8.221  8.557   0.520   1.00 11.41 ? 43  PHE A CD2 1 
ATOM   327  C  CE1 . PHE A 1 44  ? -5.614  9.144   -0.142  1.00 11.84 ? 43  PHE A CE1 1 
ATOM   328  C  CE2 . PHE A 1 44  ? -7.259  7.540   0.540   1.00 22.16 ? 43  PHE A CE2 1 
ATOM   329  C  CZ  . PHE A 1 44  ? -5.948  7.853   0.199   1.00 11.21 ? 43  PHE A CZ  1 
ATOM   330  N  N   . ALA A 1 45  ? -9.262  14.053  1.545   1.00 23.53 ? 44  ALA A N   1 
ATOM   331  C  CA  . ALA A 1 45  ? -9.883  15.363  1.351   1.00 28.66 ? 44  ALA A CA  1 
ATOM   332  C  C   . ALA A 1 45  ? -10.400 15.531  -0.070  1.00 31.20 ? 44  ALA A C   1 
ATOM   333  O  O   . ALA A 1 45  ? -11.483 16.075  -0.311  1.00 30.46 ? 44  ALA A O   1 
ATOM   334  C  CB  . ALA A 1 45  ? -8.845  16.470  1.565   1.00 15.37 ? 44  ALA A CB  1 
ATOM   335  N  N   . ASP A 1 46  ? -9.608  15.050  -1.008  1.00 14.82 ? 45  ASP A N   1 
ATOM   336  C  CA  . ASP A 1 46  ? -9.926  15.144  -2.414  1.00 21.34 ? 45  ASP A CA  1 
ATOM   337  C  C   . ASP A 1 46  ? -11.009 14.226  -2.938  1.00 28.29 ? 45  ASP A C   1 
ATOM   338  O  O   . ASP A 1 46  ? -11.615 14.555  -3.952  1.00 24.43 ? 45  ASP A O   1 
ATOM   339  C  CB  . ASP A 1 46  ? -8.678  14.952  -3.323  1.00 31.75 ? 45  ASP A CB  1 
ATOM   340  C  CG  . ASP A 1 46  ? -7.452  15.857  -3.044  1.00 36.54 ? 45  ASP A CG  1 
ATOM   341  O  OD1 . ASP A 1 46  ? -6.392  15.410  -2.784  1.00 32.90 ? 45  ASP A OD1 1 
ATOM   342  O  OD2 . ASP A 1 46  ? -7.656  17.136  -3.147  1.00 29.59 ? 45  ASP A OD2 1 
ATOM   343  N  N   . PHE A 1 47  ? -11.257 13.092  -2.277  1.00 12.92 ? 46  PHE A N   1 
ATOM   344  C  CA  . PHE A 1 47  ? -12.263 12.142  -2.727  1.00 8.30  ? 46  PHE A CA  1 
ATOM   345  C  C   . PHE A 1 47  ? -13.455 11.871  -1.806  1.00 17.06 ? 46  PHE A C   1 
ATOM   346  O  O   . PHE A 1 47  ? -14.314 11.046  -2.144  1.00 16.90 ? 46  PHE A O   1 
ATOM   347  C  CB  . PHE A 1 47  ? -11.544 10.782  -2.877  1.00 10.96 ? 46  PHE A CB  1 
ATOM   348  C  CG  . PHE A 1 47  ? -10.254 10.816  -3.673  1.00 21.08 ? 46  PHE A CG  1 
ATOM   349  C  CD1 . PHE A 1 47  ? -9.169  10.076  -3.303  1.00 15.06 ? 46  PHE A CD1 1 
ATOM   350  C  CD2 . PHE A 1 47  ? -10.175 11.643  -4.835  1.00 21.94 ? 46  PHE A CD2 1 
ATOM   351  C  CE1 . PHE A 1 47  ? -7.960  10.124  -4.068  1.00 18.45 ? 46  PHE A CE1 1 
ATOM   352  C  CE2 . PHE A 1 47  ? -9.033  11.694  -5.578  1.00 14.90 ? 46  PHE A CE2 1 
ATOM   353  C  CZ  . PHE A 1 47  ? -7.912  10.911  -5.167  1.00 11.64 ? 46  PHE A CZ  1 
ATOM   354  N  N   . LYS A 1 48  ? -13.533 12.541  -0.662  1.00 28.43 ? 47  LYS A N   1 
ATOM   355  C  CA  . LYS A 1 48  ? -14.653 12.300  0.248   1.00 24.70 ? 47  LYS A CA  1 
ATOM   356  C  C   . LYS A 1 48  ? -15.993 12.615  -0.381  1.00 16.57 ? 47  LYS A C   1 
ATOM   357  O  O   . LYS A 1 48  ? -16.153 13.695  -0.953  1.00 24.45 ? 47  LYS A O   1 
ATOM   358  C  CB  . LYS A 1 48  ? -14.443 13.033  1.603   1.00 19.70 ? 47  LYS A CB  1 
ATOM   359  C  CG  . LYS A 1 48  ? -15.551 12.881  2.637   1.00 15.12 ? 47  LYS A CG  1 
ATOM   360  C  CD  . LYS A 1 48  ? -15.333 13.790  3.844   1.00 15.00 ? 47  LYS A CD  1 
ATOM   361  C  CE  . LYS A 1 48  ? -16.455 13.740  4.865   1.00 15.00 ? 47  LYS A CE  1 
ATOM   362  N  NZ  . LYS A 1 48  ? -16.216 14.649  5.993   1.00 15.00 ? 47  LYS A NZ  1 
ATOM   363  N  N   . GLY A 1 49  ? -16.931 11.688  -0.269  1.00 21.10 ? 48  GLY A N   1 
ATOM   364  C  CA  . GLY A 1 49  ? -18.270 11.873  -0.837  1.00 32.20 ? 48  GLY A CA  1 
ATOM   365  C  C   . GLY A 1 49  ? -18.443 11.522  -2.327  1.00 31.68 ? 48  GLY A C   1 
ATOM   366  O  O   . GLY A 1 49  ? -19.570 11.369  -2.818  1.00 28.59 ? 48  GLY A O   1 
ATOM   367  N  N   . LYS A 1 50  ? -17.361 11.408  -3.037  1.00 18.50 ? 49  LYS A N   1 
ATOM   368  C  CA  . LYS A 1 50  ? -17.418 11.100  -4.434  1.00 12.97 ? 49  LYS A CA  1 
ATOM   369  C  C   . LYS A 1 50  ? -17.566 9.610   -4.676  1.00 14.16 ? 49  LYS A C   1 
ATOM   370  O  O   . LYS A 1 50  ? -17.169 8.771   -3.854  1.00 19.13 ? 49  LYS A O   1 
ATOM   371  C  CB  . LYS A 1 50  ? -16.103 11.462  -5.040  1.00 20.55 ? 49  LYS A CB  1 
ATOM   372  C  CG  . LYS A 1 50  ? -15.748 12.907  -4.926  1.00 23.58 ? 49  LYS A CG  1 
ATOM   373  C  CD  . LYS A 1 50  ? -14.462 13.177  -5.642  1.00 34.92 ? 49  LYS A CD  1 
ATOM   374  C  CE  . LYS A 1 50  ? -14.185 14.634  -5.885  1.00 15.53 ? 49  LYS A CE  1 
ATOM   375  N  NZ  . LYS A 1 50  ? -12.925 14.831  -6.605  1.00 15.00 ? 49  LYS A NZ  1 
ATOM   376  N  N   . SER A 1 51  ? -18.144 9.291   -5.819  1.00 13.87 ? 50  SER A N   1 
ATOM   377  C  CA  . SER A 1 51  ? -18.351 7.939   -6.235  1.00 15.70 ? 50  SER A CA  1 
ATOM   378  C  C   . SER A 1 51  ? -17.076 7.464   -6.929  1.00 10.60 ? 50  SER A C   1 
ATOM   379  O  O   . SER A 1 51  ? -16.193 8.282   -7.230  1.00 12.96 ? 50  SER A O   1 
ATOM   380  C  CB  . SER A 1 51  ? -19.479 7.968   -7.286  1.00 20.36 ? 50  SER A CB  1 
ATOM   381  O  OG  . SER A 1 51  ? -19.053 8.588   -8.491  1.00 14.54 ? 50  SER A OG  1 
ATOM   382  N  N   . VAL A 1 52  ? -16.972 6.136   -7.175  1.00 18.84 ? 51  VAL A N   1 
ATOM   383  C  CA  . VAL A 1 52  ? -15.795 5.596   -7.859  1.00 13.67 ? 51  VAL A CA  1 
ATOM   384  C  C   . VAL A 1 52  ? -15.636 6.224   -9.253  1.00 12.43 ? 51  VAL A C   1 
ATOM   385  O  O   . VAL A 1 52  ? -14.523 6.528   -9.682  1.00 13.55 ? 51  VAL A O   1 
ATOM   386  C  CB  . VAL A 1 52  ? -15.632 4.047   -7.834  1.00 17.94 ? 51  VAL A CB  1 
ATOM   387  C  CG1 . VAL A 1 52  ? -14.279 3.711   -8.452  1.00 27.23 ? 51  VAL A CG1 1 
ATOM   388  C  CG2 . VAL A 1 52  ? -15.548 3.498   -6.435  1.00 9.85  ? 51  VAL A CG2 1 
ATOM   389  N  N   . ALA A 1 53  ? -16.752 6.419   -9.971  1.00 11.85 ? 52  ALA A N   1 
ATOM   390  C  CA  . ALA A 1 53  ? -16.705 7.028   -11.315 1.00 13.16 ? 52  ALA A CA  1 
ATOM   391  C  C   . ALA A 1 53  ? -16.145 8.443   -11.241 1.00 7.21  ? 52  ALA A C   1 
ATOM   392  O  O   . ALA A 1 53  ? -15.364 8.862   -12.076 1.00 10.24 ? 52  ALA A O   1 
ATOM   393  C  CB  . ALA A 1 53  ? -18.049 6.939   -12.025 1.00 9.84  ? 52  ALA A CB  1 
ATOM   394  N  N   . ASP A 1 54  ? -16.561 9.178   -10.216 1.00 8.64  ? 53  ASP A N   1 
ATOM   395  C  CA  . ASP A 1 54  ? -16.090 10.537  -10.015 1.00 6.04  ? 53  ASP A CA  1 
ATOM   396  C  C   . ASP A 1 54  ? -14.603 10.559  -9.748  1.00 6.21  ? 53  ASP A C   1 
ATOM   397  O  O   . ASP A 1 54  ? -13.903 11.410  -10.264 1.00 8.27  ? 53  ASP A O   1 
ATOM   398  C  CB  . ASP A 1 54  ? -16.757 11.193  -8.819  1.00 12.35 ? 53  ASP A CB  1 
ATOM   399  C  CG  . ASP A 1 54  ? -18.209 11.582  -8.980  1.00 24.28 ? 53  ASP A CG  1 
ATOM   400  O  OD1 . ASP A 1 54  ? -19.017 11.345  -8.129  1.00 28.54 ? 53  ASP A OD1 1 
ATOM   401  O  OD2 . ASP A 1 54  ? -18.520 12.116  -10.095 1.00 15.92 ? 53  ASP A OD2 1 
ATOM   402  N  N   . ILE A 1 55  ? -14.135 9.593   -8.920  1.00 12.52 ? 54  ILE A N   1 
ATOM   403  C  CA  . ILE A 1 55  ? -12.719 9.443   -8.560  1.00 12.33 ? 54  ILE A CA  1 
ATOM   404  C  C   . ILE A 1 55  ? -11.912 9.123   -9.808  1.00 12.25 ? 54  ILE A C   1 
ATOM   405  O  O   . ILE A 1 55  ? -10.890 9.739   -10.067 1.00 12.91 ? 54  ILE A O   1 
ATOM   406  C  CB  . ILE A 1 55  ? -12.483 8.430   -7.394  1.00 6.17  ? 54  ILE A CB  1 
ATOM   407  C  CG1 . ILE A 1 55  ? -13.011 9.022   -6.068  1.00 9.58  ? 54  ILE A CG1 1 
ATOM   408  C  CG2 . ILE A 1 55  ? -11.001 8.230   -7.204  1.00 7.70  ? 54  ILE A CG2 1 
ATOM   409  C  CD1 . ILE A 1 55  ? -13.239 8.018   -4.941  1.00 15.45 ? 54  ILE A CD1 1 
ATOM   410  N  N   . LYS A 1 56  ? -12.394 8.163   -10.579 1.00 9.96  ? 55  LYS A N   1 
ATOM   411  C  CA  . LYS A 1 56  ? -11.742 7.764   -11.816 1.00 6.64  ? 55  LYS A CA  1 
ATOM   412  C  C   . LYS A 1 56  ? -11.531 8.933   -12.764 1.00 10.52 ? 55  LYS A C   1 
ATOM   413  O  O   . LYS A 1 56  ? -10.508 9.032   -13.415 1.00 21.20 ? 55  LYS A O   1 
ATOM   414  C  CB  . LYS A 1 56  ? -12.513 6.660   -12.563 1.00 11.24 ? 55  LYS A CB  1 
ATOM   415  C  CG  . LYS A 1 56  ? -12.218 5.283   -12.056 1.00 19.37 ? 55  LYS A CG  1 
ATOM   416  C  CD  . LYS A 1 56  ? -13.166 4.215   -12.601 1.00 23.90 ? 55  LYS A CD  1 
ATOM   417  C  CE  . LYS A 1 56  ? -13.012 2.852   -11.942 1.00 15.26 ? 55  LYS A CE  1 
ATOM   418  N  NZ  . LYS A 1 56  ? -13.948 1.858   -12.492 1.00 15.00 ? 55  LYS A NZ  1 
ATOM   419  N  N   . ALA A 1 57  ? -12.513 9.811   -12.832 1.00 11.35 ? 56  ALA A N   1 
ATOM   420  C  CA  . ALA A 1 57  ? -12.515 10.983  -13.669 1.00 8.82  ? 56  ALA A CA  1 
ATOM   421  C  C   . ALA A 1 57  ? -11.776 12.188  -13.085 1.00 15.47 ? 56  ALA A C   1 
ATOM   422  O  O   . ALA A 1 57  ? -11.614 13.205  -13.745 1.00 21.49 ? 56  ALA A O   1 
ATOM   423  C  CB  . ALA A 1 57  ? -13.994 11.389  -13.753 1.00 23.02 ? 56  ALA A CB  1 
ATOM   424  N  N   . SER A 1 58  ? -11.330 12.080  -11.880 1.00 9.16  ? 57  SER A N   1 
ATOM   425  C  CA  . SER A 1 58  ? -10.638 13.187  -11.254 1.00 13.12 ? 57  SER A CA  1 
ATOM   426  C  C   . SER A 1 58  ? -9.204  13.424  -11.723 1.00 13.06 ? 57  SER A C   1 
ATOM   427  O  O   . SER A 1 58  ? -8.398  12.493  -11.806 1.00 14.73 ? 57  SER A O   1 
ATOM   428  C  CB  . SER A 1 58  ? -10.587 12.929  -9.793  1.00 8.80  ? 57  SER A CB  1 
ATOM   429  O  OG  . SER A 1 58  ? -9.918  13.973  -9.128  1.00 16.39 ? 57  SER A OG  1 
ATOM   430  N  N   . PRO A 1 59  ? -8.890  14.671  -11.994 1.00 13.70 ? 58  PRO A N   1 
ATOM   431  C  CA  . PRO A 1 59  ? -7.554  15.006  -12.397 1.00 14.67 ? 58  PRO A CA  1 
ATOM   432  C  C   . PRO A 1 59  ? -6.585  14.868  -11.197 1.00 16.26 ? 58  PRO A C   1 
ATOM   433  O  O   . PRO A 1 59  ? -5.363  14.912  -11.328 1.00 23.29 ? 58  PRO A O   1 
ATOM   434  C  CB  . PRO A 1 59  ? -7.616  16.480  -12.828 1.00 20.56 ? 58  PRO A CB  1 
ATOM   435  C  CG  . PRO A 1 59  ? -9.030  16.964  -12.539 1.00 21.51 ? 58  PRO A CG  1 
ATOM   436  C  CD  . PRO A 1 59  ? -9.854  15.759  -12.150 1.00 17.70 ? 58  PRO A CD  1 
ATOM   437  N  N   . LYS A 1 60  ? -7.129  14.693  -9.998  1.00 12.74 ? 59  LYS A N   1 
ATOM   438  C  CA  . LYS A 1 60  ? -6.299  14.552  -8.795  1.00 8.94  ? 59  LYS A CA  1 
ATOM   439  C  C   . LYS A 1 60  ? -5.823  13.129  -8.486  1.00 8.76  ? 59  LYS A C   1 
ATOM   440  O  O   . LYS A 1 60  ? -4.912  12.937  -7.705  1.00 14.31 ? 59  LYS A O   1 
ATOM   441  C  CB  . LYS A 1 60  ? -7.133  14.984  -7.639  1.00 13.11 ? 59  LYS A CB  1 
ATOM   442  C  CG  . LYS A 1 60  ? -7.680  16.388  -7.734  1.00 17.81 ? 59  LYS A CG  1 
ATOM   443  C  CD  . LYS A 1 60  ? -8.112  16.857  -6.354  1.00 26.07 ? 59  LYS A CD  1 
ATOM   444  C  CE  . LYS A 1 60  ? -8.694  18.254  -6.276  1.00 35.22 ? 59  LYS A CE  1 
ATOM   445  N  NZ  . LYS A 1 60  ? -8.915  18.705  -4.882  1.00 39.12 ? 59  LYS A NZ  1 
ATOM   446  N  N   . LEU A 1 61  ? -6.457  12.136  -9.099  1.00 7.07  ? 60  LEU A N   1 
ATOM   447  C  CA  . LEU A 1 61  ? -6.169  10.719  -8.916  1.00 8.89  ? 60  LEU A CA  1 
ATOM   448  C  C   . LEU A 1 61  ? -4.731  10.312  -9.095  1.00 6.79  ? 60  LEU A C   1 
ATOM   449  O  O   . LEU A 1 61  ? -4.186  9.570   -8.276  1.00 10.67 ? 60  LEU A O   1 
ATOM   450  C  CB  . LEU A 1 61  ? -7.078  9.812   -9.773  1.00 6.19  ? 60  LEU A CB  1 
ATOM   451  C  CG  . LEU A 1 61  ? -6.896  8.315   -9.512  1.00 5.03  ? 60  LEU A CG  1 
ATOM   452  C  CD1 . LEU A 1 61  ? -7.259  7.977   -8.076  1.00 9.42  ? 60  LEU A CD1 1 
ATOM   453  C  CD2 . LEU A 1 61  ? -7.824  7.559   -10.396 1.00 11.68 ? 60  LEU A CD2 1 
ATOM   454  N  N   . ARG A 1 62  ? -4.153  10.788  -10.162 1.00 7.09  ? 61  ARG A N   1 
ATOM   455  C  CA  . ARG A 1 62  ? -2.788  10.493  -10.481 1.00 9.54  ? 61  ARG A CA  1 
ATOM   456  C  C   . ARG A 1 62  ? -1.800  11.020  -9.441  1.00 11.59 ? 61  ARG A C   1 
ATOM   457  O  O   . ARG A 1 62  ? -0.863  10.336  -9.095  1.00 13.30 ? 61  ARG A O   1 
ATOM   458  C  CB  . ARG A 1 62  ? -2.444  10.885  -11.898 1.00 7.81  ? 61  ARG A CB  1 
ATOM   459  C  CG  . ARG A 1 62  ? -1.024  10.629  -12.285 1.00 5.80  ? 61  ARG A CG  1 
ATOM   460  C  CD  . ARG A 1 62  ? -0.716  9.115   -12.441 1.00 7.56  ? 61  ARG A CD  1 
ATOM   461  N  NE  . ARG A 1 62  ? -1.747  8.492   -13.239 1.00 10.30 ? 61  ARG A NE  1 
ATOM   462  C  CZ  . ARG A 1 62  ? -1.786  8.570   -14.537 1.00 15.52 ? 61  ARG A CZ  1 
ATOM   463  N  NH1 . ARG A 1 62  ? -0.851  9.271   -15.233 1.00 11.80 ? 61  ARG A NH1 1 
ATOM   464  N  NH2 . ARG A 1 62  ? -2.773  7.956   -15.157 1.00 17.17 ? 61  ARG A NH2 1 
ATOM   465  N  N   . ASP A 1 63  ? -2.020  12.220  -8.951  1.00 11.41 ? 62  ASP A N   1 
ATOM   466  C  CA  . ASP A 1 63  ? -1.146  12.763  -7.960  1.00 13.29 ? 62  ASP A CA  1 
ATOM   467  C  C   . ASP A 1 63  ? -1.091  11.902  -6.702  1.00 14.64 ? 62  ASP A C   1 
ATOM   468  O  O   . ASP A 1 63  ? -0.028  11.567  -6.191  1.00 11.62 ? 62  ASP A O   1 
ATOM   469  C  CB  . ASP A 1 63  ? -1.501  14.214  -7.591  1.00 18.16 ? 62  ASP A CB  1 
ATOM   470  C  CG  . ASP A 1 63  ? -0.485  15.124  -8.199  1.00 15.11 ? 62  ASP A CG  1 
ATOM   471  O  OD1 . ASP A 1 63  ? -0.768  16.077  -8.859  1.00 15.00 ? 62  ASP A OD1 1 
ATOM   472  O  OD2 . ASP A 1 63  ? 0.744   14.811  -7.877  1.00 15.00 ? 62  ASP A OD2 1 
ATOM   473  N  N   . VAL A 1 64  ? -2.260  11.523  -6.208  1.00 12.79 ? 63  VAL A N   1 
ATOM   474  C  CA  . VAL A 1 64  ? -2.369  10.695  -5.014  1.00 9.73  ? 63  VAL A CA  1 
ATOM   475  C  C   . VAL A 1 64  ? -1.852  9.268   -5.208  1.00 14.39 ? 63  VAL A C   1 
ATOM   476  O  O   . VAL A 1 64  ? -1.081  8.761   -4.398  1.00 13.43 ? 63  VAL A O   1 
ATOM   477  C  CB  . VAL A 1 64  ? -3.857  10.647  -4.490  1.00 9.44  ? 63  VAL A CB  1 
ATOM   478  C  CG1 . VAL A 1 64  ? -4.032  9.866   -3.162  1.00 11.14 ? 63  VAL A CG1 1 
ATOM   479  C  CG2 . VAL A 1 64  ? -4.461  12.061  -4.387  1.00 9.39  ? 63  VAL A CG2 1 
ATOM   480  N  N   . SER A 1 65  ? -2.251  8.642   -6.258  1.00 6.63  ? 64  SER A N   1 
ATOM   481  C  CA  . SER A 1 65  ? -1.826  7.306   -6.529  1.00 5.47  ? 64  SER A CA  1 
ATOM   482  C  C   . SER A 1 65  ? -0.316  7.155   -6.774  1.00 6.92  ? 64  SER A C   1 
ATOM   483  O  O   . SER A 1 65  ? 0.280   6.165   -6.374  1.00 11.73 ? 64  SER A O   1 
ATOM   484  C  CB  . SER A 1 65  ? -2.634  6.695   -7.635  1.00 8.75  ? 64  SER A CB  1 
ATOM   485  O  OG  . SER A 1 65  ? -2.057  7.095   -8.822  1.00 12.63 ? 64  SER A OG  1 
ATOM   486  N  N   . SER A 1 66  ? 0.260   8.120   -7.422  1.00 9.05  ? 65  SER A N   1 
ATOM   487  C  CA  . SER A 1 66  ? 1.645   8.131   -7.726  1.00 6.20  ? 65  SER A CA  1 
ATOM   488  C  C   . SER A 1 66  ? 2.498   8.202   -6.477  1.00 10.44 ? 65  SER A C   1 
ATOM   489  O  O   . SER A 1 66  ? 3.486   7.471   -6.345  1.00 11.43 ? 65  SER A O   1 
ATOM   490  C  CB  . SER A 1 66  ? 1.991   9.110   -8.809  1.00 10.95 ? 65  SER A CB  1 
ATOM   491  O  OG  . SER A 1 66  ? 1.782   10.433  -8.399  1.00 28.57 ? 65  SER A OG  1 
ATOM   492  N  N   . ARG A 1 67  ? 2.109   9.076   -5.572  1.00 12.57 ? 66  ARG A N   1 
ATOM   493  C  CA  . ARG A 1 67  ? 2.839   9.238   -4.302  1.00 16.47 ? 66  ARG A CA  1 
ATOM   494  C  C   . ARG A 1 67  ? 2.800   7.942   -3.487  1.00 11.68 ? 66  ARG A C   1 
ATOM   495  O  O   . ARG A 1 67  ? 3.771   7.550   -2.861  1.00 8.65  ? 66  ARG A O   1 
ATOM   496  C  CB  . ARG A 1 67  ? 2.365   10.460  -3.520  1.00 11.98 ? 66  ARG A CB  1 
ATOM   497  C  CG  . ARG A 1 67  ? 2.875   11.730  -4.160  1.00 16.30 ? 66  ARG A CG  1 
ATOM   498  C  CD  . ARG A 1 67  ? 2.199   12.989  -3.647  1.00 15.06 ? 66  ARG A CD  1 
ATOM   499  N  NE  . ARG A 1 67  ? 2.844   14.182  -4.187  1.00 15.00 ? 66  ARG A NE  1 
ATOM   500  C  CZ  . ARG A 1 67  ? 2.834   15.354  -3.583  1.00 15.00 ? 66  ARG A CZ  1 
ATOM   501  N  NH1 . ARG A 1 67  ? 2.224   15.524  -2.423  1.00 15.00 ? 66  ARG A NH1 1 
ATOM   502  N  NH2 . ARG A 1 67  ? 3.447   16.394  -4.156  1.00 15.00 ? 66  ARG A NH2 1 
ATOM   503  N  N   . ILE A 1 68  ? 1.657   7.250   -3.521  1.00 9.89  ? 67  ILE A N   1 
ATOM   504  C  CA  . ILE A 1 68  ? 1.526   5.987   -2.809  1.00 5.28  ? 67  ILE A CA  1 
ATOM   505  C  C   . ILE A 1 68  ? 2.470   4.933   -3.389  1.00 7.82  ? 67  ILE A C   1 
ATOM   506  O  O   . ILE A 1 68  ? 3.192   4.254   -2.669  1.00 7.17  ? 67  ILE A O   1 
ATOM   507  C  CB  . ILE A 1 68  ? 0.086   5.458   -2.869  1.00 10.01 ? 67  ILE A CB  1 
ATOM   508  C  CG1 . ILE A 1 68  ? -0.826  6.266   -1.984  1.00 17.28 ? 67  ILE A CG1 1 
ATOM   509  C  CG2 . ILE A 1 68  ? -0.047  3.939   -2.527  1.00 11.70 ? 67  ILE A CG2 1 
ATOM   510  C  CD1 . ILE A 1 68  ? -2.298  6.038   -2.318  1.00 12.88 ? 67  ILE A CD1 1 
ATOM   511  N  N   . PHE A 1 69  ? 2.486   4.790   -4.717  1.00 5.51  ? 68  PHE A N   1 
ATOM   512  C  CA  . PHE A 1 69  ? 3.335   3.796   -5.364  1.00 8.12  ? 68  PHE A CA  1 
ATOM   513  C  C   . PHE A 1 69  ? 4.802   4.075   -5.159  1.00 7.01  ? 68  PHE A C   1 
ATOM   514  O  O   . PHE A 1 69  ? 5.580   3.150   -4.975  1.00 7.17  ? 68  PHE A O   1 
ATOM   515  C  CB  . PHE A 1 69  ? 3.022   3.573   -6.875  1.00 9.90  ? 68  PHE A CB  1 
ATOM   516  C  CG  . PHE A 1 69  ? 2.140   2.349   -7.116  1.00 9.22  ? 68  PHE A CG  1 
ATOM   517  C  CD1 . PHE A 1 69  ? 2.302   1.587   -8.292  1.00 18.54 ? 68  PHE A CD1 1 
ATOM   518  C  CD2 . PHE A 1 69  ? 1.189   1.989   -6.212  1.00 7.49  ? 68  PHE A CD2 1 
ATOM   519  C  CE1 . PHE A 1 69  ? 1.504   0.487   -8.524  1.00 12.04 ? 68  PHE A CE1 1 
ATOM   520  C  CE2 . PHE A 1 69  ? 0.353   0.861   -6.424  1.00 9.06  ? 68  PHE A CE2 1 
ATOM   521  C  CZ  . PHE A 1 69  ? 0.520   0.133   -7.570  1.00 10.82 ? 68  PHE A CZ  1 
ATOM   522  N  N   . THR A 1 70  ? 5.150   5.369   -5.206  1.00 5.67  ? 69  THR A N   1 
ATOM   523  C  CA  . THR A 1 70  ? 6.531   5.796   -5.014  1.00 9.70  ? 69  THR A CA  1 
ATOM   524  C  C   . THR A 1 70  ? 7.019   5.350   -3.632  1.00 13.20 ? 69  THR A C   1 
ATOM   525  O  O   . THR A 1 70  ? 8.116   4.823   -3.476  1.00 10.75 ? 69  THR A O   1 
ATOM   526  C  CB  . THR A 1 70  ? 6.671   7.325   -5.235  1.00 9.59  ? 69  THR A CB  1 
ATOM   527  O  OG1 . THR A 1 70  ? 6.463   7.554   -6.607  1.00 13.15 ? 69  THR A OG1 1 
ATOM   528  C  CG2 . THR A 1 70  ? 8.041   7.863   -4.749  1.00 11.79 ? 69  THR A CG2 1 
ATOM   529  N  N   . ARG A 1 71  ? 6.182   5.562   -2.617  1.00 6.16  ? 70  ARG A N   1 
ATOM   530  C  CA  . ARG A 1 71  ? 6.539   5.168   -1.270  1.00 6.79  ? 70  ARG A CA  1 
ATOM   531  C  C   . ARG A 1 71  ? 6.576   3.643   -1.070  1.00 8.09  ? 70  ARG A C   1 
ATOM   532  O  O   . ARG A 1 71  ? 7.480   3.105   -0.415  1.00 8.32  ? 70  ARG A O   1 
ATOM   533  C  CB  . ARG A 1 71  ? 5.683   5.913   -0.222  1.00 8.23  ? 70  ARG A CB  1 
ATOM   534  C  CG  . ARG A 1 71  ? 6.028   5.595   1.230   1.00 9.04  ? 70  ARG A CG  1 
ATOM   535  C  CD  . ARG A 1 71  ? 7.324   6.278   1.715   1.00 10.74 ? 70  ARG A CD  1 
ATOM   536  N  NE  . ARG A 1 71  ? 7.152   7.703   1.523   1.00 16.89 ? 70  ARG A NE  1 
ATOM   537  C  CZ  . ARG A 1 71  ? 6.677   8.509   2.508   1.00 21.20 ? 70  ARG A CZ  1 
ATOM   538  N  NH1 . ARG A 1 71  ? 6.355   8.035   3.705   1.00 18.40 ? 70  ARG A NH1 1 
ATOM   539  N  NH2 . ARG A 1 71  ? 6.525   9.808   2.282   1.00 22.87 ? 70  ARG A NH2 1 
ATOM   540  N  N   . LEU A 1 72  ? 5.598   2.927   -1.645  1.00 8.10  ? 71  LEU A N   1 
ATOM   541  C  CA  . LEU A 1 72  ? 5.537   1.467   -1.548  1.00 8.21  ? 71  LEU A CA  1 
ATOM   542  C  C   . LEU A 1 72  ? 6.781   0.809   -2.142  1.00 8.11  ? 71  LEU A C   1 
ATOM   543  O  O   . LEU A 1 72  ? 7.270   -0.202  -1.641  1.00 9.18  ? 71  LEU A O   1 
ATOM   544  C  CB  . LEU A 1 72  ? 4.335   0.890   -2.322  1.00 11.88 ? 71  LEU A CB  1 
ATOM   545  C  CG  . LEU A 1 72  ? 3.377   0.005   -1.539  1.00 20.80 ? 71  LEU A CG  1 
ATOM   546  C  CD1 . LEU A 1 72  ? 2.402   -0.758  -2.451  1.00 29.03 ? 71  LEU A CD1 1 
ATOM   547  C  CD2 . LEU A 1 72  ? 3.987   -0.817  -0.405  1.00 20.40 ? 71  LEU A CD2 1 
ATOM   548  N  N   . ASN A 1 73  ? 7.274   1.408   -3.220  1.00 7.95  ? 72  ASN A N   1 
ATOM   549  C  CA  . ASN A 1 73  ? 8.449   0.913   -3.894  1.00 6.59  ? 72  ASN A CA  1 
ATOM   550  C  C   . ASN A 1 73  ? 9.630   1.026   -2.967  1.00 6.82  ? 72  ASN A C   1 
ATOM   551  O  O   . ASN A 1 73  ? 10.464  0.156   -2.931  1.00 10.45 ? 72  ASN A O   1 
ATOM   552  C  CB  . ASN A 1 73  ? 8.667   1.677   -5.175  1.00 6.26  ? 72  ASN A CB  1 
ATOM   553  C  CG  . ASN A 1 73  ? 9.871   1.241   -5.899  1.00 8.21  ? 72  ASN A CG  1 
ATOM   554  O  OD1 . ASN A 1 73  ? 10.865  2.029   -6.062  1.00 14.96 ? 72  ASN A OD1 1 
ATOM   555  N  ND2 . ASN A 1 73  ? 9.799   0.005   -6.355  1.00 6.50  ? 72  ASN A ND2 1 
ATOM   556  N  N   . GLU A 1 74  ? 9.665   2.139   -2.207  1.00 4.67  ? 73  GLU A N   1 
ATOM   557  C  CA  . GLU A 1 74  ? 10.737  2.370   -1.214  1.00 14.90 ? 73  GLU A CA  1 
ATOM   558  C  C   . GLU A 1 74  ? 10.638  1.316   -0.084  1.00 13.82 ? 73  GLU A C   1 
ATOM   559  O  O   . GLU A 1 74  ? 11.625  0.787   0.397   1.00 10.17 ? 73  GLU A O   1 
ATOM   560  C  CB  . GLU A 1 74  ? 10.842  3.846   -0.700  1.00 11.48 ? 73  GLU A CB  1 
ATOM   561  C  CG  . GLU A 1 74  ? 11.268  4.855   -1.796  1.00 17.90 ? 73  GLU A CG  1 
ATOM   562  C  CD  . GLU A 1 74  ? 12.499  4.349   -2.599  1.00 22.34 ? 73  GLU A CD  1 
ATOM   563  O  OE1 . GLU A 1 74  ? 12.525  4.265   -3.775  1.00 27.24 ? 73  GLU A OE1 1 
ATOM   564  O  OE2 . GLU A 1 74  ? 13.541  4.111   -1.895  1.00 24.52 ? 73  GLU A OE2 1 
ATOM   565  N  N   . PHE A 1 75  ? 9.403   0.986   0.339   1.00 6.58  ? 74  PHE A N   1 
ATOM   566  C  CA  . PHE A 1 75  ? 9.238   -0.012  1.383   1.00 7.38  ? 74  PHE A CA  1 
ATOM   567  C  C   . PHE A 1 75  ? 9.780   -1.345  0.900   1.00 11.55 ? 74  PHE A C   1 
ATOM   568  O  O   . PHE A 1 75  ? 10.466  -2.028  1.624   1.00 12.24 ? 74  PHE A O   1 
ATOM   569  C  CB  . PHE A 1 75  ? 7.787   -0.220  1.841   1.00 9.47  ? 74  PHE A CB  1 
ATOM   570  C  CG  . PHE A 1 75  ? 7.361   0.700   2.947   1.00 22.91 ? 74  PHE A CG  1 
ATOM   571  C  CD1 . PHE A 1 75  ? 6.402   1.625   2.743   1.00 16.72 ? 74  PHE A CD1 1 
ATOM   572  C  CD2 . PHE A 1 75  ? 7.961   0.597   4.248   1.00 20.34 ? 74  PHE A CD2 1 
ATOM   573  C  CE1 . PHE A 1 75  ? 5.987   2.499   3.778   1.00 21.64 ? 74  PHE A CE1 1 
ATOM   574  C  CE2 . PHE A 1 75  ? 7.577   1.414   5.244   1.00 20.45 ? 74  PHE A CE2 1 
ATOM   575  C  CZ  . PHE A 1 75  ? 6.561   2.391   4.994   1.00 23.68 ? 74  PHE A CZ  1 
ATOM   576  N  N   . VAL A 1 76  ? 9.426   -1.726  -0.389  1.00 10.13 ? 75  VAL A N   1 
ATOM   577  C  CA  . VAL A 1 76  ? 9.864   -2.985  -1.007  1.00 8.27  ? 75  VAL A CA  1 
ATOM   578  C  C   . VAL A 1 76  ? 11.375  -3.067  -1.078  1.00 10.90 ? 75  VAL A C   1 
ATOM   579  O  O   . VAL A 1 76  ? 11.969  -4.093  -0.738  1.00 15.29 ? 75  VAL A O   1 
ATOM   580  C  CB  . VAL A 1 76  ? 9.217   -3.352  -2.377  1.00 15.42 ? 75  VAL A CB  1 
ATOM   581  C  CG1 . VAL A 1 76  ? 9.660   -4.738  -2.750  1.00 30.53 ? 75  VAL A CG1 1 
ATOM   582  C  CG2 . VAL A 1 76  ? 7.725   -3.472  -2.283  1.00 11.42 ? 75  VAL A CG2 1 
ATOM   583  N  N   . ASN A 1 77  ? 11.989  -1.968  -1.522  1.00 12.52 ? 76  ASN A N   1 
ATOM   584  C  CA  . ASN A 1 77  ? 13.452  -1.865  -1.645  1.00 19.69 ? 76  ASN A CA  1 
ATOM   585  C  C   . ASN A 1 77  ? 14.202  -1.985  -0.332  1.00 23.56 ? 76  ASN A C   1 
ATOM   586  O  O   . ASN A 1 77  ? 15.276  -2.569  -0.289  1.00 20.32 ? 76  ASN A O   1 
ATOM   587  C  CB  . ASN A 1 77  ? 13.901  -0.495  -2.167  1.00 16.33 ? 76  ASN A CB  1 
ATOM   588  C  CG  . ASN A 1 77  ? 13.642  -0.336  -3.602  1.00 16.11 ? 76  ASN A CG  1 
ATOM   589  O  OD1 . ASN A 1 77  ? 13.387  -1.329  -4.294  1.00 19.45 ? 76  ASN A OD1 1 
ATOM   590  N  ND2 . ASN A 1 77  ? 13.797  0.897   -4.087  1.00 27.42 ? 76  ASN A ND2 1 
ATOM   591  N  N   . ASN A 1 78  ? 13.672  -1.434  0.748   1.00 14.25 ? 77  ASN A N   1 
ATOM   592  C  CA  . ASN A 1 78  ? 14.362  -1.501  2.051   1.00 12.63 ? 77  ASN A CA  1 
ATOM   593  C  C   . ASN A 1 78  ? 13.813  -2.472  3.060   1.00 8.24  ? 77  ASN A C   1 
ATOM   594  O  O   . ASN A 1 78  ? 14.235  -2.485  4.205   1.00 12.62 ? 77  ASN A O   1 
ATOM   595  C  CB  . ASN A 1 78  ? 14.173  -0.101  2.688   1.00 13.87 ? 77  ASN A CB  1 
ATOM   596  C  CG  . ASN A 1 78  ? 14.874  0.912   1.860   1.00 21.20 ? 77  ASN A CG  1 
ATOM   597  O  OD1 . ASN A 1 78  ? 15.982  0.634   1.458   1.00 25.33 ? 77  ASN A OD1 1 
ATOM   598  N  ND2 . ASN A 1 78  ? 14.295  2.117   1.661   1.00 23.24 ? 77  ASN A ND2 1 
ATOM   599  N  N   . ALA A 1 79  ? 12.886  -3.275  2.670   1.00 12.04 ? 78  ALA A N   1 
ATOM   600  C  CA  . ALA A 1 79  ? 12.249  -4.235  3.583   1.00 15.41 ? 78  ALA A CA  1 
ATOM   601  C  C   . ALA A 1 79  ? 13.107  -5.167  4.417   1.00 10.46 ? 78  ALA A C   1 
ATOM   602  O  O   . ALA A 1 79  ? 12.690  -5.573  5.501   1.00 12.38 ? 78  ALA A O   1 
ATOM   603  C  CB  . ALA A 1 79  ? 11.265  -5.047  2.780   1.00 15.27 ? 78  ALA A CB  1 
ATOM   604  N  N   . ALA A 1 80  ? 14.277  -5.496  3.903   1.00 12.63 ? 79  ALA A N   1 
ATOM   605  C  CA  . ALA A 1 80  ? 15.190  -6.396  4.570   1.00 20.73 ? 79  ALA A CA  1 
ATOM   606  C  C   . ALA A 1 80  ? 16.224  -5.775  5.476   1.00 27.42 ? 79  ALA A C   1 
ATOM   607  O  O   . ALA A 1 80  ? 17.100  -6.461  5.997   1.00 24.27 ? 79  ALA A O   1 
ATOM   608  C  CB  . ALA A 1 80  ? 15.791  -7.246  3.482   1.00 17.49 ? 79  ALA A CB  1 
ATOM   609  N  N   . ASN A 1 81  ? 16.084  -4.514  5.650   1.00 22.28 ? 80  ASN A N   1 
ATOM   610  C  CA  . ASN A 1 81  ? 16.941  -3.734  6.466   1.00 20.18 ? 80  ASN A CA  1 
ATOM   611  C  C   . ASN A 1 81  ? 16.132  -3.113  7.588   1.00 30.02 ? 80  ASN A C   1 
ATOM   612  O  O   . ASN A 1 81  ? 15.513  -2.049  7.417   1.00 33.21 ? 80  ASN A O   1 
ATOM   613  C  CB  . ASN A 1 81  ? 17.538  -2.683  5.569   1.00 18.44 ? 80  ASN A CB  1 
ATOM   614  C  CG  . ASN A 1 81  ? 18.607  -1.868  6.215   1.00 31.72 ? 80  ASN A CG  1 
ATOM   615  O  OD1 . ASN A 1 81  ? 18.659  -1.724  7.465   1.00 37.31 ? 80  ASN A OD1 1 
ATOM   616  N  ND2 . ASN A 1 81  ? 19.498  -1.378  5.381   1.00 21.51 ? 80  ASN A ND2 1 
ATOM   617  N  N   . ALA A 1 82  ? 16.126  -3.794  8.730   1.00 23.88 ? 81  ALA A N   1 
ATOM   618  C  CA  . ALA A 1 82  ? 15.402  -3.362  9.913   1.00 24.41 ? 81  ALA A CA  1 
ATOM   619  C  C   . ALA A 1 82  ? 15.638  -1.940  10.290  1.00 23.51 ? 81  ALA A C   1 
ATOM   620  O  O   . ALA A 1 82  ? 14.742  -1.269  10.820  1.00 31.86 ? 81  ALA A O   1 
ATOM   621  C  CB  . ALA A 1 82  ? 15.680  -4.236  11.144  1.00 24.58 ? 81  ALA A CB  1 
ATOM   622  N  N   . GLY A 1 83  ? 16.808  -1.478  10.043  1.00 25.66 ? 82  GLY A N   1 
ATOM   623  C  CA  . GLY A 1 83  ? 17.166  -0.119  10.370  1.00 29.33 ? 82  GLY A CA  1 
ATOM   624  C  C   . GLY A 1 83  ? 16.402  0.917   9.580   1.00 35.54 ? 82  GLY A C   1 
ATOM   625  O  O   . GLY A 1 83  ? 15.817  1.830   10.153  1.00 26.91 ? 82  GLY A O   1 
ATOM   626  N  N   . LYS A 1 84  ? 16.444  0.759   8.273   1.00 28.27 ? 83  LYS A N   1 
ATOM   627  C  CA  . LYS A 1 84  ? 15.781  1.636   7.351   1.00 22.03 ? 83  LYS A CA  1 
ATOM   628  C  C   . LYS A 1 84  ? 14.291  1.559   7.569   1.00 19.17 ? 83  LYS A C   1 
ATOM   629  O  O   . LYS A 1 84  ? 13.584  2.564   7.521   1.00 16.97 ? 83  LYS A O   1 
ATOM   630  C  CB  . LYS A 1 84  ? 16.153  1.225   5.961   1.00 21.60 ? 83  LYS A CB  1 
ATOM   631  C  CG  . LYS A 1 84  ? 17.419  1.893   5.520   1.00 28.17 ? 83  LYS A CG  1 
ATOM   632  C  CD  . LYS A 1 84  ? 17.865  1.443   4.166   1.00 18.65 ? 83  LYS A CD  1 
ATOM   633  C  CE  . LYS A 1 84  ? 18.981  2.268   3.593   1.00 36.77 ? 83  LYS A CE  1 
ATOM   634  N  NZ  . LYS A 1 84  ? 19.032  2.150   2.139   1.00 15.58 ? 83  LYS A NZ  1 
ATOM   635  N  N   . MET A 1 85  ? 13.834  0.332   7.826   1.00 19.98 ? 84  MET A N   1 
ATOM   636  C  CA  . MET A 1 85  ? 12.442  0.042   8.075   1.00 12.83 ? 84  MET A CA  1 
ATOM   637  C  C   . MET A 1 85  ? 11.974  0.812   9.270   1.00 25.35 ? 84  MET A C   1 
ATOM   638  O  O   . MET A 1 85  ? 10.917  1.406   9.236   1.00 19.28 ? 84  MET A O   1 
ATOM   639  C  CB  . MET A 1 85  ? 12.136  -1.476  8.213   1.00 16.34 ? 84  MET A CB  1 
ATOM   640  C  CG  . MET A 1 85  ? 12.148  -2.151  6.879   1.00 15.74 ? 84  MET A CG  1 
ATOM   641  S  SD  . MET A 1 85  ? 10.820  -1.521  5.813   1.00 19.55 ? 84  MET A SD  1 
ATOM   642  C  CE  . MET A 1 85  ? 9.477   -2.574  6.307   1.00 24.62 ? 84  MET A CE  1 
ATOM   643  N  N   . SER A 1 86  ? 12.787  0.799   10.347  1.00 15.02 ? 85  SER A N   1 
ATOM   644  C  CA  . SER A 1 86  ? 12.454  1.519   11.613  1.00 22.51 ? 85  SER A CA  1 
ATOM   645  C  C   . SER A 1 86  ? 11.980  2.932   11.402  1.00 20.33 ? 85  SER A C   1 
ATOM   646  O  O   . SER A 1 86  ? 10.883  3.297   11.845  1.00 25.70 ? 85  SER A O   1 
ATOM   647  C  CB  . SER A 1 86  ? 13.596  1.586   12.619  1.00 25.05 ? 85  SER A CB  1 
ATOM   648  O  OG  . SER A 1 86  ? 13.840  0.308   13.112  1.00 41.53 ? 85  SER A OG  1 
ATOM   649  N  N   . ALA A 1 87  ? 12.852  3.680   10.722  1.00 19.65 ? 86  ALA A N   1 
ATOM   650  C  CA  . ALA A 1 87  ? 12.685  5.056   10.366  1.00 22.48 ? 86  ALA A CA  1 
ATOM   651  C  C   . ALA A 1 87  ? 11.526  5.233   9.438   1.00 19.74 ? 86  ALA A C   1 
ATOM   652  O  O   . ALA A 1 87  ? 10.697  6.069   9.668   1.00 18.51 ? 86  ALA A O   1 
ATOM   653  C  CB  . ALA A 1 87  ? 13.961  5.641   9.741   1.00 25.08 ? 86  ALA A CB  1 
ATOM   654  N  N   . MET A 1 88  ? 11.474  4.429   8.353   1.00 15.11 ? 87  MET A N   1 
ATOM   655  C  CA  . MET A 1 88  ? 10.392  4.521   7.401   1.00 10.83 ? 87  MET A CA  1 
ATOM   656  C  C   . MET A 1 88  ? 9.042   4.266   8.048   1.00 7.80  ? 87  MET A C   1 
ATOM   657  O  O   . MET A 1 88  ? 8.085   4.976   7.785   1.00 10.68 ? 87  MET A O   1 
ATOM   658  C  CB  . MET A 1 88  ? 10.522  3.621   6.156   1.00 8.80  ? 87  MET A CB  1 
ATOM   659  C  CG  . MET A 1 88  ? 11.562  4.065   5.199   1.00 11.58 ? 87  MET A CG  1 
ATOM   660  S  SD  . MET A 1 88  ? 11.504  2.991   3.791   1.00 18.89 ? 87  MET A SD  1 
ATOM   661  C  CE  . MET A 1 88  ? 11.862  1.440   4.647   1.00 15.09 ? 87  MET A CE  1 
ATOM   662  N  N   . LEU A 1 89  ? 8.985   3.270   8.864   1.00 6.23  ? 88  LEU A N   1 
ATOM   663  C  CA  . LEU A 1 89  ? 7.756   2.902   9.538   1.00 11.41 ? 88  LEU A CA  1 
ATOM   664  C  C   . LEU A 1 89  ? 7.213   3.999   10.461  1.00 14.39 ? 88  LEU A C   1 
ATOM   665  O  O   . LEU A 1 89  ? 6.009   4.321   10.421  1.00 10.71 ? 88  LEU A O   1 
ATOM   666  C  CB  . LEU A 1 89  ? 7.823   1.522   10.170  1.00 13.80 ? 88  LEU A CB  1 
ATOM   667  C  CG  . LEU A 1 89  ? 7.965   0.367   9.168   1.00 14.62 ? 88  LEU A CG  1 
ATOM   668  C  CD1 . LEU A 1 89  ? 8.342   -0.927  9.866   1.00 20.92 ? 88  LEU A CD1 1 
ATOM   669  C  CD2 . LEU A 1 89  ? 6.688   0.183   8.383   1.00 20.11 ? 88  LEU A CD2 1 
ATOM   670  N  N   . SER A 1 90  ? 8.124   4.536   11.293  1.00 16.57 ? 89  SER A N   1 
ATOM   671  C  CA  . SER A 1 90  ? 7.854   5.570   12.241  1.00 16.75 ? 89  SER A CA  1 
ATOM   672  C  C   . SER A 1 90  ? 7.278   6.747   11.548  1.00 13.55 ? 89  SER A C   1 
ATOM   673  O  O   . SER A 1 90  ? 6.218   7.227   11.910  1.00 16.85 ? 89  SER A O   1 
ATOM   674  C  CB  . SER A 1 90  ? 9.114   6.003   12.955  1.00 19.44 ? 89  SER A CB  1 
ATOM   675  O  OG  . SER A 1 90  ? 9.453   5.013   13.864  1.00 36.49 ? 89  SER A OG  1 
ATOM   676  N  N   . GLN A 1 91  ? 7.998   7.212   10.559  1.00 10.47 ? 90  GLN A N   1 
ATOM   677  C  CA  . GLN A 1 91  ? 7.573   8.334   9.769   1.00 7.60  ? 90  GLN A CA  1 
ATOM   678  C  C   . GLN A 1 91  ? 6.235   8.071   9.085   1.00 8.75  ? 90  GLN A C   1 
ATOM   679  O  O   . GLN A 1 91  ? 5.328   8.886   9.143   1.00 11.27 ? 90  GLN A O   1 
ATOM   680  C  CB  . GLN A 1 91  ? 8.661   8.796   8.811   1.00 14.59 ? 90  GLN A CB  1 
ATOM   681  C  CG  . GLN A 1 91  ? 8.258   9.934   7.829   1.00 13.58 ? 90  GLN A CG  1 
ATOM   682  C  CD  . GLN A 1 91  ? 8.073   11.341  8.384   1.00 21.67 ? 90  GLN A CD  1 
ATOM   683  O  OE1 . GLN A 1 91  ? 8.345   12.318  7.669   1.00 15.23 ? 90  GLN A OE1 1 
ATOM   684  N  NE2 . GLN A 1 91  ? 7.724   11.460  9.658   1.00 15.23 ? 90  GLN A NE2 1 
ATOM   685  N  N   . PHE A 1 92  ? 6.113   6.932   8.457   1.00 7.22  ? 91  PHE A N   1 
ATOM   686  C  CA  . PHE A 1 92  ? 4.890   6.562   7.787   1.00 11.55 ? 91  PHE A CA  1 
ATOM   687  C  C   . PHE A 1 92  ? 3.684   6.627   8.712   1.00 13.13 ? 91  PHE A C   1 
ATOM   688  O  O   . PHE A 1 92  ? 2.698   7.285   8.420   1.00 6.56  ? 91  PHE A O   1 
ATOM   689  C  CB  . PHE A 1 92  ? 4.964   5.151   7.269   1.00 9.31  ? 91  PHE A CB  1 
ATOM   690  C  CG  . PHE A 1 92  ? 3.849   4.786   6.340   1.00 5.95  ? 91  PHE A CG  1 
ATOM   691  C  CD1 . PHE A 1 92  ? 3.863   5.254   5.038   1.00 10.46 ? 91  PHE A CD1 1 
ATOM   692  C  CD2 . PHE A 1 92  ? 2.805   3.978   6.758   1.00 5.41  ? 91  PHE A CD2 1 
ATOM   693  C  CE1 . PHE A 1 92  ? 2.840   4.915   4.159   1.00 17.60 ? 91  PHE A CE1 1 
ATOM   694  C  CE2 . PHE A 1 92  ? 1.767   3.624   5.907   1.00 10.48 ? 91  PHE A CE2 1 
ATOM   695  C  CZ  . PHE A 1 92  ? 1.802   4.104   4.597   1.00 16.94 ? 91  PHE A CZ  1 
ATOM   696  N  N   . ALA A 1 93  ? 3.796   5.914   9.852   1.00 12.62 ? 92  ALA A N   1 
ATOM   697  C  CA  . ALA A 1 93  ? 2.747   5.854   10.871  1.00 10.00 ? 92  ALA A CA  1 
ATOM   698  C  C   . ALA A 1 93  ? 2.364   7.241   11.365  1.00 15.65 ? 92  ALA A C   1 
ATOM   699  O  O   . ALA A 1 93  ? 1.178   7.555   11.441  1.00 12.06 ? 92  ALA A O   1 
ATOM   700  C  CB  . ALA A 1 93  ? 3.116   4.833   11.984  1.00 9.32  ? 92  ALA A CB  1 
ATOM   701  N  N   . LYS A 1 94  ? 3.395   8.067   11.702  1.00 9.59  ? 93  LYS A N   1 
ATOM   702  C  CA  . LYS A 1 94  ? 3.215   9.439   12.191  1.00 14.09 ? 93  LYS A CA  1 
ATOM   703  C  C   . LYS A 1 94  ? 2.410   10.274  11.227  1.00 14.48 ? 93  LYS A C   1 
ATOM   704  O  O   . LYS A 1 94  ? 1.473   10.980  11.612  1.00 15.44 ? 93  LYS A O   1 
ATOM   705  C  CB  . LYS A 1 94  ? 4.496   10.181  12.672  1.00 9.72  ? 93  LYS A CB  1 
ATOM   706  C  CG  . LYS A 1 94  ? 5.228   9.464   13.803  1.00 25.41 ? 93  LYS A CG  1 
ATOM   707  C  CD  . LYS A 1 94  ? 6.540   10.202  14.186  1.00 32.81 ? 93  LYS A CD  1 
ATOM   708  C  CE  . LYS A 1 94  ? 7.532   9.397   15.031  1.00 31.75 ? 93  LYS A CE  1 
ATOM   709  N  NZ  . LYS A 1 94  ? 6.866   8.391   15.876  1.00 44.40 ? 93  LYS A NZ  1 
ATOM   710  N  N   . GLU A 1 95  ? 2.772   10.184  9.998   1.00 12.44 ? 94  GLU A N   1 
ATOM   711  C  CA  . GLU A 1 95  ? 2.057   10.900  8.980   1.00 15.61 ? 94  GLU A CA  1 
ATOM   712  C  C   . GLU A 1 95  ? 0.583   10.458  8.862   1.00 9.73  ? 94  GLU A C   1 
ATOM   713  O  O   . GLU A 1 95  ? -0.329  11.286  8.872   1.00 13.82 ? 94  GLU A O   1 
ATOM   714  C  CB  . GLU A 1 95  ? 2.708   10.664  7.612   1.00 15.60 ? 94  GLU A CB  1 
ATOM   715  C  CG  . GLU A 1 95  ? 4.144   11.190  7.487   1.00 30.02 ? 94  GLU A CG  1 
ATOM   716  C  CD  . GLU A 1 95  ? 4.478   11.476  6.049   1.00 15.41 ? 94  GLU A CD  1 
ATOM   717  O  OE1 . GLU A 1 95  ? 3.622   11.680  5.238   1.00 15.00 ? 94  GLU A OE1 1 
ATOM   718  O  OE2 . GLU A 1 95  ? 5.748   11.432  5.757   1.00 15.00 ? 94  GLU A OE2 1 
ATOM   719  N  N   . HIS A 1 96  ? 0.344   9.151   8.748   1.00 7.52  ? 95  HIS A N   1 
ATOM   720  C  CA  . HIS A 1 96  ? -1.006  8.580   8.613   1.00 11.52 ? 95  HIS A CA  1 
ATOM   721  C  C   . HIS A 1 96  ? -1.984  8.864   9.745   1.00 9.85  ? 95  HIS A C   1 
ATOM   722  O  O   . HIS A 1 96  ? -3.145  9.162   9.499   1.00 7.89  ? 95  HIS A O   1 
ATOM   723  C  CB  . HIS A 1 96  ? -1.011  7.075   8.103   1.00 12.99 ? 95  HIS A CB  1 
ATOM   724  C  CG  . HIS A 1 96  ? -0.696  7.142   6.611   1.00 15.92 ? 95  HIS A CG  1 
ATOM   725  N  ND1 . HIS A 1 96  ? 0.600   7.259   6.146   1.00 16.88 ? 95  HIS A ND1 1 
ATOM   726  C  CD2 . HIS A 1 96  ? -1.527  7.109   5.543   1.00 17.69 ? 95  HIS A CD2 1 
ATOM   727  C  CE1 . HIS A 1 96  ? 0.522   7.283   4.815   1.00 10.66 ? 95  HIS A CE1 1 
ATOM   728  N  NE2 . HIS A 1 96  ? -0.731  7.196   4.418   1.00 14.02 ? 95  HIS A NE2 1 
ATOM   729  N  N   . VAL A 1 97  ? -1.485  8.738   10.964  1.00 10.46 ? 96  VAL A N   1 
ATOM   730  C  CA  . VAL A 1 97  ? -2.267  8.982   12.156  1.00 6.73  ? 96  VAL A CA  1 
ATOM   731  C  C   . VAL A 1 97  ? -2.773  10.405  12.164  1.00 5.41  ? 96  VAL A C   1 
ATOM   732  O  O   . VAL A 1 97  ? -3.899  10.681  12.554  1.00 12.36 ? 96  VAL A O   1 
ATOM   733  C  CB  . VAL A 1 97  ? -1.412  8.546   13.383  1.00 12.24 ? 96  VAL A CB  1 
ATOM   734  C  CG1 . VAL A 1 97  ? -1.912  9.088   14.699  1.00 28.64 ? 96  VAL A CG1 1 
ATOM   735  C  CG2 . VAL A 1 97  ? -1.536  7.048   13.429  1.00 11.56 ? 96  VAL A CG2 1 
ATOM   736  N  N   . GLY A 1 98  ? -1.935  11.330  11.724  1.00 12.16 ? 97  GLY A N   1 
ATOM   737  C  CA  . GLY A 1 98  ? -2.295  12.751  11.660  1.00 13.70 ? 97  GLY A CA  1 
ATOM   738  C  C   . GLY A 1 98  ? -3.494  13.009  10.749  1.00 14.12 ? 97  GLY A C   1 
ATOM   739  O  O   . GLY A 1 98  ? -4.250  13.975  10.918  1.00 13.98 ? 97  GLY A O   1 
ATOM   740  N  N   . PHE A 1 99  ? -3.636  12.158  9.774   1.00 14.30 ? 98  PHE A N   1 
ATOM   741  C  CA  . PHE A 1 99  ? -4.716  12.275  8.858   1.00 8.96  ? 98  PHE A CA  1 
ATOM   742  C  C   . PHE A 1 99  ? -5.923  11.498  9.328   1.00 9.49  ? 98  PHE A C   1 
ATOM   743  O  O   . PHE A 1 99  ? -6.966  11.535  8.701   1.00 26.25 ? 98  PHE A O   1 
ATOM   744  C  CB  . PHE A 1 99  ? -4.333  11.792  7.452   1.00 17.09 ? 98  PHE A CB  1 
ATOM   745  C  CG  . PHE A 1 99  ? -3.195  12.545  6.761   1.00 23.47 ? 98  PHE A CG  1 
ATOM   746  C  CD1 . PHE A 1 99  ? -3.247  13.907  6.550   1.00 31.28 ? 98  PHE A CD1 1 
ATOM   747  C  CD2 . PHE A 1 99  ? -2.069  11.852  6.299   1.00 40.42 ? 98  PHE A CD2 1 
ATOM   748  C  CE1 . PHE A 1 99  ? -2.200  14.568  5.911   1.00 31.70 ? 98  PHE A CE1 1 
ATOM   749  C  CE2 . PHE A 1 99  ? -1.004  12.496  5.656   1.00 24.67 ? 98  PHE A CE2 1 
ATOM   750  C  CZ  . PHE A 1 99  ? -1.081  13.859  5.470   1.00 27.75 ? 98  PHE A CZ  1 
ATOM   751  N  N   . GLY A 1 100 ? -5.816  10.781  10.453  1.00 12.14 ? 99  GLY A N   1 
ATOM   752  C  CA  . GLY A 1 100 ? -6.936  9.991   10.989  1.00 12.49 ? 99  GLY A CA  1 
ATOM   753  C  C   . GLY A 1 100 ? -6.988  8.526   10.522  1.00 13.35 ? 99  GLY A C   1 
ATOM   754  O  O   . GLY A 1 100 ? -7.954  7.800   10.782  1.00 18.27 ? 99  GLY A O   1 
ATOM   755  N  N   . VAL A 1 101 ? -5.969  8.121   9.811   1.00 10.72 ? 100 VAL A N   1 
ATOM   756  C  CA  . VAL A 1 101 ? -5.876  6.778   9.299   1.00 12.09 ? 100 VAL A CA  1 
ATOM   757  C  C   . VAL A 1 101 ? -5.202  5.860   10.345  1.00 15.97 ? 100 VAL A C   1 
ATOM   758  O  O   . VAL A 1 101 ? -4.157  6.197   10.920  1.00 23.65 ? 100 VAL A O   1 
ATOM   759  C  CB  . VAL A 1 101 ? -5.163  6.773   7.909   1.00 5.66  ? 100 VAL A CB  1 
ATOM   760  C  CG1 . VAL A 1 101 ? -5.309  5.414   7.258   1.00 11.05 ? 100 VAL A CG1 1 
ATOM   761  C  CG2 . VAL A 1 101 ? -5.622  7.892   6.972   1.00 9.08  ? 100 VAL A CG2 1 
ATOM   762  N  N   . GLY A 1 102 ? -5.786  4.732   10.584  1.00 14.30 ? 101 GLY A N   1 
ATOM   763  C  CA  . GLY A 1 102 ? -5.233  3.823   11.553  1.00 22.00 ? 101 GLY A CA  1 
ATOM   764  C  C   . GLY A 1 102 ? -5.008  2.466   10.969  1.00 12.68 ? 101 GLY A C   1 
ATOM   765  O  O   . GLY A 1 102 ? -5.202  2.257   9.777   1.00 12.61 ? 101 GLY A O   1 
ATOM   766  N  N   . SER A 1 103 ? -4.625  1.556   11.826  1.00 14.52 ? 102 SER A N   1 
ATOM   767  C  CA  . SER A 1 103 ? -4.347  0.169   11.475  1.00 15.16 ? 102 SER A CA  1 
ATOM   768  C  C   . SER A 1 103 ? -5.485  -0.598  10.824  1.00 9.86  ? 102 SER A C   1 
ATOM   769  O  O   . SER A 1 103 ? -5.227  -1.479  10.036  1.00 13.98 ? 102 SER A O   1 
ATOM   770  C  CB  . SER A 1 103 ? -3.864  -0.608  12.661  1.00 23.32 ? 102 SER A CB  1 
ATOM   771  O  OG  . SER A 1 103 ? -4.837  -0.551  13.684  1.00 19.57 ? 102 SER A OG  1 
ATOM   772  N  N   . ALA A 1 104 ? -6.707  -0.264  11.146  1.00 9.89  ? 103 ALA A N   1 
ATOM   773  C  CA  . ALA A 1 104 ? -7.810  -0.951  10.572  1.00 13.18 ? 103 ALA A CA  1 
ATOM   774  C  C   . ALA A 1 104 ? -7.834  -0.809  9.059   1.00 11.86 ? 103 ALA A C   1 
ATOM   775  O  O   . ALA A 1 104 ? -8.192  -1.741  8.346   1.00 10.28 ? 103 ALA A O   1 
ATOM   776  C  CB  . ALA A 1 104 ? -9.090  -0.471  11.206  1.00 16.58 ? 103 ALA A CB  1 
ATOM   777  N  N   . GLN A 1 105 ? -7.452  0.387   8.587   1.00 8.65  ? 104 GLN A N   1 
ATOM   778  C  CA  . GLN A 1 105 ? -7.427  0.688   7.159   1.00 8.75  ? 104 GLN A CA  1 
ATOM   779  C  C   . GLN A 1 105 ? -6.356  -0.099  6.438   1.00 9.59  ? 104 GLN A C   1 
ATOM   780  O  O   . GLN A 1 105 ? -6.513  -0.420  5.271   1.00 15.70 ? 104 GLN A O   1 
ATOM   781  C  CB  . GLN A 1 105 ? -7.233  2.173   6.827   1.00 18.89 ? 104 GLN A CB  1 
ATOM   782  C  CG  . GLN A 1 105 ? -8.472  3.056   7.042   1.00 17.43 ? 104 GLN A CG  1 
ATOM   783  C  CD  . GLN A 1 105 ? -8.985  3.107   8.443   1.00 13.62 ? 104 GLN A CD  1 
ATOM   784  O  OE1 . GLN A 1 105 ? -10.147 2.798   8.670   1.00 31.21 ? 104 GLN A OE1 1 
ATOM   785  N  NE2 . GLN A 1 105 ? -8.139  3.450   9.383   1.00 24.02 ? 104 GLN A NE2 1 
ATOM   786  N  N   . PHE A 1 106 ? -5.256  -0.379  7.161   1.00 10.75 ? 105 PHE A N   1 
ATOM   787  C  CA  . PHE A 1 106 ? -4.138  -1.126  6.642   1.00 10.48 ? 105 PHE A CA  1 
ATOM   788  C  C   . PHE A 1 106 ? -4.457  -2.611  6.600   1.00 11.73 ? 105 PHE A C   1 
ATOM   789  O  O   . PHE A 1 106 ? -3.950  -3.343  5.768   1.00 10.64 ? 105 PHE A O   1 
ATOM   790  C  CB  . PHE A 1 106 ? -2.783  -0.734  7.266   1.00 12.36 ? 105 PHE A CB  1 
ATOM   791  C  CG  . PHE A 1 106 ? -2.341  0.534   6.561   1.00 16.78 ? 105 PHE A CG  1 
ATOM   792  C  CD1 . PHE A 1 106 ? -1.535  0.452   5.438   1.00 13.16 ? 105 PHE A CD1 1 
ATOM   793  C  CD2 . PHE A 1 106 ? -2.753  1.820   7.001   1.00 12.05 ? 105 PHE A CD2 1 
ATOM   794  C  CE1 . PHE A 1 106 ? -1.124  1.618   4.765   1.00 16.70 ? 105 PHE A CE1 1 
ATOM   795  C  CE2 . PHE A 1 106 ? -2.357  2.973   6.346   1.00 15.84 ? 105 PHE A CE2 1 
ATOM   796  C  CZ  . PHE A 1 106 ? -1.518  2.857   5.202   1.00 9.92  ? 105 PHE A CZ  1 
ATOM   797  N  N   . GLU A 1 107 ? -5.326  -3.046  7.548   1.00 10.07 ? 106 GLU A N   1 
ATOM   798  C  CA  . GLU A 1 107 ? -5.758  -4.405  7.631   1.00 9.00  ? 106 GLU A CA  1 
ATOM   799  C  C   . GLU A 1 107 ? -6.532  -4.668  6.343   1.00 13.20 ? 106 GLU A C   1 
ATOM   800  O  O   . GLU A 1 107 ? -6.440  -5.730  5.733   1.00 14.18 ? 106 GLU A O   1 
ATOM   801  C  CB  . GLU A 1 107 ? -6.517  -4.744  8.932   1.00 7.25  ? 106 GLU A CB  1 
ATOM   802  C  CG  . GLU A 1 107 ? -5.626  -4.602  10.185  1.00 14.77 ? 106 GLU A CG  1 
ATOM   803  C  CD  . GLU A 1 107 ? -6.458  -4.762  11.441  1.00 15.00 ? 106 GLU A CD  1 
ATOM   804  O  OE1 . GLU A 1 107 ? -6.866  -5.830  11.809  1.00 15.00 ? 106 GLU A OE1 1 
ATOM   805  O  OE2 . GLU A 1 107 ? -6.695  -3.648  12.081  1.00 15.00 ? 106 GLU A OE2 1 
ATOM   806  N  N   . ASN A 1 108 ? -7.296  -3.650  5.902   1.00 10.67 ? 107 ASN A N   1 
ATOM   807  C  CA  . ASN A 1 108 ? -8.053  -3.753  4.664   1.00 13.33 ? 107 ASN A CA  1 
ATOM   808  C  C   . ASN A 1 108 ? -7.095  -3.819  3.454   1.00 9.21  ? 107 ASN A C   1 
ATOM   809  O  O   . ASN A 1 108 ? -7.266  -4.631  2.556   1.00 12.17 ? 107 ASN A O   1 
ATOM   810  C  CB  . ASN A 1 108 ? -9.068  -2.650  4.473   1.00 10.07 ? 107 ASN A CB  1 
ATOM   811  C  CG  . ASN A 1 108 ? -10.171 -2.636  5.479   1.00 11.86 ? 107 ASN A CG  1 
ATOM   812  O  OD1 . ASN A 1 108 ? -10.722 -1.532  5.712   1.00 18.99 ? 107 ASN A OD1 1 
ATOM   813  N  ND2 . ASN A 1 108 ? -10.492 -3.809  6.084   1.00 21.19 ? 107 ASN A ND2 1 
ATOM   814  N  N   . VAL A 1 109 ? -6.048  -2.955  3.440   1.00 9.69  ? 108 VAL A N   1 
ATOM   815  C  CA  . VAL A 1 109 ? -5.078  -2.961  2.357   1.00 12.65 ? 108 VAL A CA  1 
ATOM   816  C  C   . VAL A 1 109 ? -4.446  -4.351  2.240   1.00 10.62 ? 108 VAL A C   1 
ATOM   817  O  O   . VAL A 1 109 ? -4.338  -4.923  1.154   1.00 10.05 ? 108 VAL A O   1 
ATOM   818  C  CB  . VAL A 1 109 ? -3.986  -1.905  2.494   1.00 10.22 ? 108 VAL A CB  1 
ATOM   819  C  CG1 . VAL A 1 109 ? -2.950  -2.159  1.392   1.00 10.93 ? 108 VAL A CG1 1 
ATOM   820  C  CG2 . VAL A 1 109 ? -4.608  -0.493  2.368   1.00 15.05 ? 108 VAL A CG2 1 
ATOM   821  N  N   . ARG A 1 110 ? -4.046  -4.896  3.399   1.00 7.54  ? 109 ARG A N   1 
ATOM   822  C  CA  . ARG A 1 110 ? -3.434  -6.212  3.494   1.00 11.90 ? 109 ARG A CA  1 
ATOM   823  C  C   . ARG A 1 110 ? -4.327  -7.305  2.921   1.00 17.50 ? 109 ARG A C   1 
ATOM   824  O  O   . ARG A 1 110 ? -3.864  -8.191  2.248   1.00 12.55 ? 109 ARG A O   1 
ATOM   825  C  CB  . ARG A 1 110 ? -2.995  -6.580  4.938   1.00 14.22 ? 109 ARG A CB  1 
ATOM   826  C  CG  . ARG A 1 110 ? -2.308  -7.939  5.024   1.00 20.17 ? 109 ARG A CG  1 
ATOM   827  C  CD  . ARG A 1 110 ? -1.784  -8.247  6.392   1.00 16.80 ? 109 ARG A CD  1 
ATOM   828  N  NE  . ARG A 1 110 ? -2.854  -8.357  7.348   1.00 30.44 ? 109 ARG A NE  1 
ATOM   829  C  CZ  . ARG A 1 110 ? -2.617  -8.342  8.636   1.00 36.23 ? 109 ARG A CZ  1 
ATOM   830  N  NH1 . ARG A 1 110 ? -1.380  -8.243  9.071   1.00 36.30 ? 109 ARG A NH1 1 
ATOM   831  N  NH2 . ARG A 1 110 ? -3.622  -8.442  9.514   1.00 37.52 ? 109 ARG A NH2 1 
ATOM   832  N  N   . SER A 1 111 ? -5.629  -7.244  3.189   1.00 19.71 ? 110 SER A N   1 
ATOM   833  C  CA  . SER A 1 111 ? -6.563  -8.251  2.684   1.00 14.55 ? 110 SER A CA  1 
ATOM   834  C  C   . SER A 1 111 ? -6.694  -8.308  1.172   1.00 14.29 ? 110 SER A C   1 
ATOM   835  O  O   . SER A 1 111 ? -6.805  -9.382  0.591   1.00 15.66 ? 110 SER A O   1 
ATOM   836  C  CB  . SER A 1 111 ? -7.950  -7.976  3.228   1.00 11.25 ? 110 SER A CB  1 
ATOM   837  O  OG  . SER A 1 111 ? -7.816  -7.925  4.613   1.00 36.74 ? 110 SER A OG  1 
ATOM   838  N  N   . MET A 1 112 ? -6.690  -7.157  0.573   1.00 10.62 ? 111 MET A N   1 
ATOM   839  C  CA  . MET A 1 112 ? -6.839  -7.045  -0.839  1.00 6.80  ? 111 MET A CA  1 
ATOM   840  C  C   . MET A 1 112 ? -5.570  -7.034  -1.700  1.00 9.77  ? 111 MET A C   1 
ATOM   841  O  O   . MET A 1 112 ? -5.644  -7.291  -2.877  1.00 15.58 ? 111 MET A O   1 
ATOM   842  C  CB  . MET A 1 112 ? -7.830  -5.900  -1.066  1.00 15.36 ? 111 MET A CB  1 
ATOM   843  C  CG  . MET A 1 112 ? -7.547  -4.964  -2.180  1.00 34.47 ? 111 MET A CG  1 
ATOM   844  S  SD  . MET A 1 112 ? -6.318  -3.666  -1.899  1.00 27.32 ? 111 MET A SD  1 
ATOM   845  C  CE  . MET A 1 112 ? -6.804  -2.825  -3.407  1.00 19.13 ? 111 MET A CE  1 
ATOM   846  N  N   . PHE A 1 113 ? -4.443  -6.706  -1.108  1.00 9.00  ? 112 PHE A N   1 
ATOM   847  C  CA  . PHE A 1 113 ? -3.168  -6.634  -1.813  1.00 15.83 ? 112 PHE A CA  1 
ATOM   848  C  C   . PHE A 1 113 ? -2.727  -7.809  -2.704  1.00 11.71 ? 112 PHE A C   1 
ATOM   849  O  O   . PHE A 1 113 ? -2.447  -7.611  -3.894  1.00 11.71 ? 112 PHE A O   1 
ATOM   850  C  CB  . PHE A 1 113 ? -2.041  -6.075  -0.947  1.00 18.09 ? 112 PHE A CB  1 
ATOM   851  C  CG  . PHE A 1 113 ? -0.997  -5.379  -1.785  1.00 13.33 ? 112 PHE A CG  1 
ATOM   852  C  CD1 . PHE A 1 113 ? 0.202   -5.994  -2.065  1.00 17.41 ? 112 PHE A CD1 1 
ATOM   853  C  CD2 . PHE A 1 113 ? -1.238  -4.111  -2.285  1.00 17.44 ? 112 PHE A CD2 1 
ATOM   854  C  CE1 . PHE A 1 113 ? 1.156   -5.347  -2.840  1.00 12.59 ? 112 PHE A CE1 1 
ATOM   855  C  CE2 . PHE A 1 113 ? -0.305  -3.455  -3.058  1.00 23.74 ? 112 PHE A CE2 1 
ATOM   856  C  CZ  . PHE A 1 113 ? 0.901   -4.089  -3.331  1.00 13.02 ? 112 PHE A CZ  1 
ATOM   857  N  N   . PRO A 1 114 ? -2.649  -9.004  -2.136  1.00 22.53 ? 113 PRO A N   1 
ATOM   858  C  CA  . PRO A 1 114 ? -2.239  -10.185 -2.906  1.00 24.78 ? 113 PRO A CA  1 
ATOM   859  C  C   . PRO A 1 114 ? -3.063  -10.388 -4.163  1.00 14.53 ? 113 PRO A C   1 
ATOM   860  O  O   . PRO A 1 114 ? -2.549  -10.779 -5.190  1.00 15.07 ? 113 PRO A O   1 
ATOM   861  C  CB  . PRO A 1 114 ? -2.379  -11.367 -1.946  1.00 25.23 ? 113 PRO A CB  1 
ATOM   862  C  CG  . PRO A 1 114 ? -2.459  -10.754 -0.552  1.00 24.18 ? 113 PRO A CG  1 
ATOM   863  C  CD  . PRO A 1 114 ? -2.982  -9.345  -0.742  1.00 22.43 ? 113 PRO A CD  1 
ATOM   864  N  N   . GLY A 1 115 ? -4.350  -10.127 -4.049  1.00 13.79 ? 114 GLY A N   1 
ATOM   865  C  CA  . GLY A 1 115 ? -5.288  -10.259 -5.148  1.00 12.42 ? 114 GLY A CA  1 
ATOM   866  C  C   . GLY A 1 115 ? -5.032  -9.257  -6.244  1.00 16.57 ? 114 GLY A C   1 
ATOM   867  O  O   . GLY A 1 115 ? -5.126  -9.563  -7.435  1.00 16.69 ? 114 GLY A O   1 
ATOM   868  N  N   . PHE A 1 116 ? -4.694  -8.050  -5.816  1.00 11.74 ? 115 PHE A N   1 
ATOM   869  C  CA  . PHE A 1 116 ? -4.386  -6.977  -6.711  1.00 9.14  ? 115 PHE A CA  1 
ATOM   870  C  C   . PHE A 1 116 ? -3.122  -7.324  -7.532  1.00 9.76  ? 115 PHE A C   1 
ATOM   871  O  O   . PHE A 1 116 ? -3.079  -7.187  -8.760  1.00 8.71  ? 115 PHE A O   1 
ATOM   872  C  CB  . PHE A 1 116 ? -4.187  -5.690  -5.879  1.00 9.64  ? 115 PHE A CB  1 
ATOM   873  C  CG  . PHE A 1 116 ? -3.662  -4.625  -6.785  1.00 8.47  ? 115 PHE A CG  1 
ATOM   874  C  CD1 . PHE A 1 116 ? -4.517  -4.032  -7.762  1.00 11.76 ? 115 PHE A CD1 1 
ATOM   875  C  CD2 . PHE A 1 116 ? -2.388  -4.238  -6.724  1.00 23.16 ? 115 PHE A CD2 1 
ATOM   876  C  CE1 . PHE A 1 116 ? -4.039  -3.074  -8.587  1.00 18.93 ? 115 PHE A CE1 1 
ATOM   877  C  CE2 . PHE A 1 116 ? -1.849  -3.222  -7.601  1.00 20.40 ? 115 PHE A CE2 1 
ATOM   878  C  CZ  . PHE A 1 116 ? -2.650  -2.661  -8.495  1.00 15.98 ? 115 PHE A CZ  1 
ATOM   879  N  N   . VAL A 1 117 ? -2.067  -7.805  -6.825  1.00 10.90 ? 116 VAL A N   1 
ATOM   880  C  CA  . VAL A 1 117 ? -0.813  -8.199  -7.457  1.00 11.89 ? 116 VAL A CA  1 
ATOM   881  C  C   . VAL A 1 117 ? -1.046  -9.315  -8.504  1.00 14.39 ? 116 VAL A C   1 
ATOM   882  O  O   . VAL A 1 117 ? -0.582  -9.230  -9.643  1.00 12.46 ? 116 VAL A O   1 
ATOM   883  C  CB  . VAL A 1 117 ? 0.246   -8.624  -6.399  1.00 17.00 ? 116 VAL A CB  1 
ATOM   884  C  CG1 . VAL A 1 117 ? 1.413   -9.294  -7.086  1.00 22.99 ? 116 VAL A CG1 1 
ATOM   885  C  CG2 . VAL A 1 117 ? 0.772   -7.448  -5.600  1.00 12.05 ? 116 VAL A CG2 1 
ATOM   886  N  N   . ALA A 1 118 ? -1.777  -10.351 -8.089  1.00 14.86 ? 117 ALA A N   1 
ATOM   887  C  CA  . ALA A 1 118 ? -2.118  -11.493 -8.925  1.00 14.44 ? 117 ALA A CA  1 
ATOM   888  C  C   . ALA A 1 118 ? -2.889  -11.076 -10.201 1.00 24.91 ? 117 ALA A C   1 
ATOM   889  O  O   . ALA A 1 118 ? -2.843  -11.722 -11.240 1.00 21.74 ? 117 ALA A O   1 
ATOM   890  C  CB  . ALA A 1 118 ? -2.882  -12.379 -8.000  1.00 13.06 ? 117 ALA A CB  1 
ATOM   891  N  N   . SER A 1 119 ? -3.610  -9.982  -10.127 1.00 15.71 ? 118 SER A N   1 
ATOM   892  C  CA  . SER A 1 119 ? -4.341  -9.527  -11.293 1.00 15.31 ? 118 SER A CA  1 
ATOM   893  C  C   . SER A 1 119 ? -3.421  -8.958  -12.381 1.00 16.64 ? 118 SER A C   1 
ATOM   894  O  O   . SER A 1 119 ? -3.840  -8.765  -13.519 1.00 15.48 ? 118 SER A O   1 
ATOM   895  C  CB  . SER A 1 119 ? -5.360  -8.467  -10.940 1.00 21.68 ? 118 SER A CB  1 
ATOM   896  O  OG  . SER A 1 119 ? -4.749  -7.173  -10.861 1.00 24.76 ? 118 SER A OG  1 
ATOM   897  N  N   . VAL A 1 120 ? -2.149  -8.685  -12.019 1.00 16.44 ? 119 VAL A N   1 
ATOM   898  C  CA  . VAL A 1 120 ? -1.155  -8.138  -12.934 1.00 19.67 ? 119 VAL A CA  1 
ATOM   899  C  C   . VAL A 1 120 ? -0.306  -9.265  -13.501 1.00 19.37 ? 119 VAL A C   1 
ATOM   900  O  O   . VAL A 1 120 ? -0.047  -9.320  -14.690 1.00 14.33 ? 119 VAL A O   1 
ATOM   901  C  CB  . VAL A 1 120 ? -0.291  -7.023  -12.313 1.00 14.26 ? 119 VAL A CB  1 
ATOM   902  C  CG1 . VAL A 1 120 ? 0.907   -6.642  -13.244 1.00 13.75 ? 119 VAL A CG1 1 
ATOM   903  C  CG2 . VAL A 1 120 ? -1.143  -5.796  -11.972 1.00 17.92 ? 119 VAL A CG2 1 
ATOM   904  N  N   . ALA A 1 121 ? 0.112   -10.168 -12.607 1.00 13.05 ? 120 ALA A N   1 
ATOM   905  C  CA  . ALA A 1 121 ? 0.916   -11.330 -12.937 1.00 12.90 ? 120 ALA A CA  1 
ATOM   906  C  C   . ALA A 1 121 ? 0.977   -12.244 -11.752 1.00 14.03 ? 120 ALA A C   1 
ATOM   907  O  O   . ALA A 1 121 ? 1.054   -11.760 -10.620 1.00 19.37 ? 120 ALA A O   1 
ATOM   908  C  CB  . ALA A 1 121 ? 2.302   -10.920 -13.345 1.00 21.66 ? 120 ALA A CB  1 
ATOM   909  N  N   . ALA A 1 122 ? 0.937   -13.576 -11.995 1.00 20.42 ? 121 ALA A N   1 
ATOM   910  C  CA  . ALA A 1 122 ? 0.999   -14.546 -10.887 1.00 27.29 ? 121 ALA A CA  1 
ATOM   911  C  C   . ALA A 1 122 ? 2.289   -14.335 -10.151 1.00 16.08 ? 121 ALA A C   1 
ATOM   912  O  O   . ALA A 1 122 ? 3.366   -14.322 -10.748 1.00 16.94 ? 121 ALA A O   1 
ATOM   913  C  CB  . ALA A 1 122 ? 0.869   -16.019 -11.343 1.00 23.16 ? 121 ALA A CB  1 
ATOM   914  N  N   . PRO A 1 123 ? 2.198   -14.186 -8.888  1.00 18.53 ? 122 PRO A N   1 
ATOM   915  C  CA  . PRO A 1 123 ? 3.399   -13.970 -8.072  1.00 21.65 ? 122 PRO A CA  1 
ATOM   916  C  C   . PRO A 1 123 ? 4.100   -15.279 -7.766  1.00 17.00 ? 122 PRO A C   1 
ATOM   917  O  O   . PRO A 1 123 ? 3.471   -16.339 -7.782  1.00 16.36 ? 122 PRO A O   1 
ATOM   918  C  CB  . PRO A 1 123 ? 2.842   -13.568 -6.705  1.00 30.54 ? 122 PRO A CB  1 
ATOM   919  C  CG  . PRO A 1 123 ? 1.325   -13.731 -6.725  1.00 24.88 ? 122 PRO A CG  1 
ATOM   920  C  CD  . PRO A 1 123 ? 0.954   -14.195 -8.112  1.00 26.86 ? 122 PRO A CD  1 
ATOM   921  N  N   . PRO A 1 124 ? 5.365   -15.225 -7.488  1.00 21.40 ? 123 PRO A N   1 
ATOM   922  C  CA  . PRO A 1 124 ? 6.086   -16.439 -7.154  1.00 16.64 ? 123 PRO A CA  1 
ATOM   923  C  C   . PRO A 1 124 ? 5.579   -16.981 -5.804  1.00 21.95 ? 123 PRO A C   1 
ATOM   924  O  O   . PRO A 1 124 ? 4.975   -16.226 -5.002  1.00 14.63 ? 123 PRO A O   1 
ATOM   925  C  CB  . PRO A 1 124 ? 7.521   -15.988 -6.832  1.00 23.69 ? 123 PRO A CB  1 
ATOM   926  C  CG  . PRO A 1 124 ? 7.570   -14.470 -6.997  1.00 29.21 ? 123 PRO A CG  1 
ATOM   927  C  CD  . PRO A 1 124 ? 6.275   -14.063 -7.637  1.00 28.13 ? 123 PRO A CD  1 
ATOM   928  N  N   . ALA A 1 125 ? 5.821   -18.268 -5.552  1.00 18.63 ? 124 ALA A N   1 
ATOM   929  C  CA  . ALA A 1 125 ? 5.415   -18.892 -4.321  1.00 15.96 ? 124 ALA A CA  1 
ATOM   930  C  C   . ALA A 1 125 ? 6.077   -18.164 -3.168  1.00 14.48 ? 124 ALA A C   1 
ATOM   931  O  O   . ALA A 1 125 ? 7.230   -17.746 -3.267  1.00 15.29 ? 124 ALA A O   1 
ATOM   932  C  CB  . ALA A 1 125 ? 5.715   -20.411 -4.315  1.00 15.49 ? 124 ALA A CB  1 
ATOM   933  N  N   . GLY A 1 126 ? 5.385   -17.991 -2.088  1.00 19.19 ? 125 GLY A N   1 
ATOM   934  C  CA  . GLY A 1 126 ? 5.995   -17.300 -0.990  1.00 13.72 ? 125 GLY A CA  1 
ATOM   935  C  C   . GLY A 1 126 ? 5.793   -15.778 -1.031  1.00 18.17 ? 125 GLY A C   1 
ATOM   936  O  O   . GLY A 1 126 ? 5.844   -15.149 0.004   1.00 20.04 ? 125 GLY A O   1 
ATOM   937  N  N   . ALA A 1 127 ? 5.575   -15.171 -2.241  1.00 15.11 ? 126 ALA A N   1 
ATOM   938  C  CA  . ALA A 1 127 ? 5.383   -13.708 -2.337  1.00 11.68 ? 126 ALA A CA  1 
ATOM   939  C  C   . ALA A 1 127 ? 4.200   -13.190 -1.497  1.00 18.98 ? 126 ALA A C   1 
ATOM   940  O  O   . ALA A 1 127 ? 4.290   -12.146 -0.844  1.00 14.64 ? 126 ALA A O   1 
ATOM   941  C  CB  . ALA A 1 127 ? 5.286   -13.225 -3.795  1.00 10.62 ? 126 ALA A CB  1 
ATOM   942  N  N   . ASP A 1 128 ? 3.073   -13.946 -1.498  1.00 12.64 ? 127 ASP A N   1 
ATOM   943  C  CA  . ASP A 1 128 ? 1.881   -13.555 -0.738  1.00 14.24 ? 127 ASP A CA  1 
ATOM   944  C  C   . ASP A 1 128 ? 2.151   -13.397 0.740   1.00 15.29 ? 127 ASP A C   1 
ATOM   945  O  O   . ASP A 1 128 ? 1.753   -12.398 1.340   1.00 14.45 ? 127 ASP A O   1 
ATOM   946  C  CB  . ASP A 1 128 ? 0.615   -14.343 -1.018  1.00 16.29 ? 127 ASP A CB  1 
ATOM   947  C  CG  . ASP A 1 128 ? -0.058  -14.105 -2.380  1.00 26.51 ? 127 ASP A CG  1 
ATOM   948  O  OD1 . ASP A 1 128 ? -0.874  -14.893 -2.812  1.00 34.51 ? 127 ASP A OD1 1 
ATOM   949  O  OD2 . ASP A 1 128 ? 0.368   -13.067 -3.060  1.00 26.55 ? 127 ASP A OD2 1 
ATOM   950  N  N   . ALA A 1 129 ? 2.835   -14.391 1.313   1.00 16.46 ? 128 ALA A N   1 
ATOM   951  C  CA  . ALA A 1 129 ? 3.194   -14.367 2.712   1.00 15.58 ? 128 ALA A CA  1 
ATOM   952  C  C   . ALA A 1 129 ? 4.162   -13.203 2.978   1.00 14.19 ? 128 ALA A C   1 
ATOM   953  O  O   . ALA A 1 129 ? 4.120   -12.567 4.015   1.00 15.04 ? 128 ALA A O   1 
ATOM   954  C  CB  . ALA A 1 129 ? 3.582   -15.749 3.228   1.00 7.44  ? 128 ALA A CB  1 
ATOM   955  N  N   . ALA A 1 130 ? 5.045   -12.885 2.021   1.00 10.35 ? 129 ALA A N   1 
ATOM   956  C  CA  . ALA A 1 130 ? 5.942   -11.761 2.245   1.00 6.43  ? 129 ALA A CA  1 
ATOM   957  C  C   . ALA A 1 130 ? 5.178   -10.438 2.309   1.00 5.26  ? 129 ALA A C   1 
ATOM   958  O  O   . ALA A 1 130 ? 5.494   -9.559  3.086   1.00 9.21  ? 129 ALA A O   1 
ATOM   959  C  CB  . ALA A 1 130 ? 7.131   -11.688 1.303   1.00 9.00  ? 129 ALA A CB  1 
ATOM   960  N  N   . TRP A 1 131 ? 4.126   -10.280 1.501   1.00 12.54 ? 130 TRP A N   1 
ATOM   961  C  CA  . TRP A 1 131 ? 3.362   -9.006  1.526   1.00 13.34 ? 130 TRP A CA  1 
ATOM   962  C  C   . TRP A 1 131 ? 2.594   -8.852  2.811   1.00 11.84 ? 130 TRP A C   1 
ATOM   963  O  O   . TRP A 1 131 ? 2.504   -7.755  3.365   1.00 8.31  ? 130 TRP A O   1 
ATOM   964  C  CB  . TRP A 1 131 ? 2.324   -8.836  0.391   1.00 12.95 ? 130 TRP A CB  1 
ATOM   965  C  CG  . TRP A 1 131 ? 2.996   -8.564  -0.889  1.00 15.84 ? 130 TRP A CG  1 
ATOM   966  C  CD1 . TRP A 1 131 ? 3.153   -9.406  -1.945  1.00 9.52  ? 130 TRP A CD1 1 
ATOM   967  C  CD2 . TRP A 1 131 ? 3.619   -7.376  -1.204  1.00 14.30 ? 130 TRP A CD2 1 
ATOM   968  N  NE1 . TRP A 1 131 ? 3.857   -8.761  -2.927  1.00 16.92 ? 130 TRP A NE1 1 
ATOM   969  C  CE2 . TRP A 1 131 ? 4.169   -7.535  -2.503  1.00 23.38 ? 130 TRP A CE2 1 
ATOM   970  C  CE3 . TRP A 1 131 ? 3.759   -6.180  -0.522  1.00 13.77 ? 130 TRP A CE3 1 
ATOM   971  C  CZ2 . TRP A 1 131 ? 4.845   -6.523  -3.111  1.00 21.21 ? 130 TRP A CZ2 1 
ATOM   972  C  CZ3 . TRP A 1 131 ? 4.434   -5.182  -1.133  1.00 25.89 ? 130 TRP A CZ3 1 
ATOM   973  C  CH2 . TRP A 1 131 ? 4.965   -5.351  -2.423  1.00 16.52 ? 130 TRP A CH2 1 
ATOM   974  N  N   . THR A 1 132 ? 2.029   -9.975  3.266   1.00 12.05 ? 131 THR A N   1 
ATOM   975  C  CA  . THR A 1 132 ? 1.280   -9.944  4.481   1.00 14.40 ? 131 THR A CA  1 
ATOM   976  C  C   . THR A 1 132 ? 2.177   -9.557  5.628   1.00 11.62 ? 131 THR A C   1 
ATOM   977  O  O   . THR A 1 132 ? 1.789   -8.791  6.513   1.00 11.28 ? 131 THR A O   1 
ATOM   978  C  CB  . THR A 1 132 ? 0.342   -11.153 4.733   1.00 17.03 ? 131 THR A CB  1 
ATOM   979  O  OG1 . THR A 1 132 ? 1.131   -12.187 5.101   1.00 36.72 ? 131 THR A OG1 1 
ATOM   980  C  CG2 . THR A 1 132 ? -0.381  -11.521 3.455   1.00 13.84 ? 131 THR A CG2 1 
ATOM   981  N  N   . LYS A 1 133 ? 3.404   -10.081 5.614   1.00 11.33 ? 132 LYS A N   1 
ATOM   982  C  CA  . LYS A 1 133 ? 4.367   -9.755  6.669   1.00 17.22 ? 132 LYS A CA  1 
ATOM   983  C  C   . LYS A 1 133 ? 4.736   -8.262  6.650   1.00 10.64 ? 132 LYS A C   1 
ATOM   984  O  O   . LYS A 1 133 ? 4.786   -7.601  7.678   1.00 12.60 ? 132 LYS A O   1 
ATOM   985  C  CB  . LYS A 1 133 ? 5.576   -10.651 6.542   1.00 22.27 ? 132 LYS A CB  1 
ATOM   986  C  CG  . LYS A 1 133 ? 6.320   -10.971 7.827   1.00 29.95 ? 132 LYS A CG  1 
ATOM   987  C  CD  . LYS A 1 133 ? 7.805   -10.979 7.526   1.00 34.63 ? 132 LYS A CD  1 
ATOM   988  C  CE  . LYS A 1 133 ? 8.716   -11.622 8.536   1.00 37.68 ? 132 LYS A CE  1 
ATOM   989  N  NZ  . LYS A 1 133 ? 8.595   -13.059 8.462   1.00 37.55 ? 132 LYS A NZ  1 
ATOM   990  N  N   . LEU A 1 134 ? 4.986   -7.729  5.456   1.00 8.80  ? 133 LEU A N   1 
ATOM   991  C  CA  . LEU A 1 134 ? 5.323   -6.310  5.314   1.00 13.82 ? 133 LEU A CA  1 
ATOM   992  C  C   . LEU A 1 134 ? 4.198   -5.390  5.785   1.00 10.74 ? 133 LEU A C   1 
ATOM   993  O  O   . LEU A 1 134 ? 4.425   -4.392  6.463   1.00 9.20  ? 133 LEU A O   1 
ATOM   994  C  CB  . LEU A 1 134 ? 5.684   -6.029  3.839   1.00 14.36 ? 133 LEU A CB  1 
ATOM   995  C  CG  . LEU A 1 134 ? 6.151   -4.604  3.490   1.00 16.08 ? 133 LEU A CG  1 
ATOM   996  C  CD1 . LEU A 1 134 ? 7.395   -4.200  4.267   1.00 21.62 ? 133 LEU A CD1 1 
ATOM   997  C  CD2 . LEU A 1 134 ? 6.427   -4.527  1.987   1.00 21.96 ? 133 LEU A CD2 1 
ATOM   998  N  N   . PHE A 1 135 ? 2.978   -5.741  5.417   1.00 11.72 ? 134 PHE A N   1 
ATOM   999  C  CA  . PHE A 1 135 ? 1.823   -4.954  5.813   1.00 20.25 ? 134 PHE A CA  1 
ATOM   1000 C  C   . PHE A 1 135 ? 1.654   -5.044  7.317   1.00 13.28 ? 134 PHE A C   1 
ATOM   1001 O  O   . PHE A 1 135 ? 1.227   -4.105  7.960   1.00 10.27 ? 134 PHE A O   1 
ATOM   1002 C  CB  . PHE A 1 135 ? 0.546   -5.318  4.997   1.00 9.84  ? 134 PHE A CB  1 
ATOM   1003 C  CG  . PHE A 1 135 ? 0.572   -4.616  3.655   1.00 5.48  ? 134 PHE A CG  1 
ATOM   1004 C  CD1 . PHE A 1 135 ? 0.546   -5.289  2.514   1.00 10.57 ? 134 PHE A CD1 1 
ATOM   1005 C  CD2 . PHE A 1 135 ? 0.646   -3.199  3.641   1.00 15.19 ? 134 PHE A CD2 1 
ATOM   1006 C  CE1 . PHE A 1 135 ? 0.583   -4.578  1.249   1.00 13.08 ? 134 PHE A CE1 1 
ATOM   1007 C  CE2 . PHE A 1 135 ? 0.682   -2.506  2.468   1.00 27.32 ? 134 PHE A CE2 1 
ATOM   1008 C  CZ  . PHE A 1 135 ? 0.648   -3.242  1.248   1.00 16.16 ? 134 PHE A CZ  1 
ATOM   1009 N  N   . GLY A 1 136 ? 2.019   -6.247  7.864   1.00 12.57 ? 135 GLY A N   1 
ATOM   1010 C  CA  . GLY A 1 136 ? 1.960   -6.544  9.279   1.00 11.55 ? 135 GLY A CA  1 
ATOM   1011 C  C   . GLY A 1 136 ? 2.809   -5.548  10.024  1.00 12.48 ? 135 GLY A C   1 
ATOM   1012 O  O   . GLY A 1 136 ? 2.399   -5.013  11.056  1.00 15.98 ? 135 GLY A O   1 
ATOM   1013 N  N   . LEU A 1 137 ? 3.992   -5.293  9.477   1.00 7.13  ? 136 LEU A N   1 
ATOM   1014 C  CA  . LEU A 1 137 ? 4.932   -4.337  10.048  1.00 8.90  ? 136 LEU A CA  1 
ATOM   1015 C  C   . LEU A 1 137 ? 4.353   -2.915  10.054  1.00 12.95 ? 136 LEU A C   1 
ATOM   1016 O  O   . LEU A 1 137 ? 4.539   -2.149  10.983  1.00 9.21  ? 136 LEU A O   1 
ATOM   1017 C  CB  . LEU A 1 137 ? 6.312   -4.382  9.316   1.00 9.83  ? 136 LEU A CB  1 
ATOM   1018 C  CG  . LEU A 1 137 ? 7.065   -5.686  9.613   1.00 9.88  ? 136 LEU A CG  1 
ATOM   1019 C  CD1 . LEU A 1 137 ? 8.358   -5.819  8.787   1.00 22.62 ? 136 LEU A CD1 1 
ATOM   1020 C  CD2 . LEU A 1 137 ? 7.481   -5.653  11.047  1.00 13.40 ? 136 LEU A CD2 1 
ATOM   1021 N  N   . ILE A 1 138 ? 3.637   -2.577  9.011   1.00 8.03  ? 137 ILE A N   1 
ATOM   1022 C  CA  . ILE A 1 138 ? 3.013   -1.284  8.913   1.00 7.08  ? 137 ILE A CA  1 
ATOM   1023 C  C   . ILE A 1 138 ? 1.864   -1.139  9.918   1.00 7.59  ? 137 ILE A C   1 
ATOM   1024 O  O   . ILE A 1 138 ? 1.685   -0.097  10.566  1.00 9.25  ? 137 ILE A O   1 
ATOM   1025 C  CB  . ILE A 1 138 ? 2.543   -1.085  7.493   1.00 7.70  ? 137 ILE A CB  1 
ATOM   1026 C  CG1 . ILE A 1 138 ? 3.762   -0.935  6.566   1.00 15.88 ? 137 ILE A CG1 1 
ATOM   1027 C  CG2 . ILE A 1 138 ? 1.632   0.114   7.413   1.00 10.38 ? 137 ILE A CG2 1 
ATOM   1028 C  CD1 . ILE A 1 138 ? 3.412   -0.687  5.104   1.00 12.67 ? 137 ILE A CD1 1 
ATOM   1029 N  N   . ILE A 1 139 ? 1.084   -2.207  10.044  1.00 9.01  ? 138 ILE A N   1 
ATOM   1030 C  CA  . ILE A 1 139 ? -0.045  -2.266  10.954  1.00 15.49 ? 138 ILE A CA  1 
ATOM   1031 C  C   . ILE A 1 139 ? 0.427   -2.040  12.394  1.00 31.44 ? 138 ILE A C   1 
ATOM   1032 O  O   . ILE A 1 139 ? -0.185  -1.271  13.164  1.00 16.73 ? 138 ILE A O   1 
ATOM   1033 C  CB  . ILE A 1 139 ? -0.836  -3.557  10.731  1.00 7.98  ? 138 ILE A CB  1 
ATOM   1034 C  CG1 . ILE A 1 139 ? -1.564  -3.540  9.362   1.00 9.00  ? 138 ILE A CG1 1 
ATOM   1035 C  CG2 . ILE A 1 139 ? -1.842  -3.766  11.861  1.00 18.73 ? 138 ILE A CG2 1 
ATOM   1036 C  CD1 . ILE A 1 139 ? -1.963  -4.912  8.819   1.00 11.53 ? 138 ILE A CD1 1 
ATOM   1037 N  N   . ASP A 1 140 ? 1.563   -2.725  12.742  1.00 18.42 ? 139 ASP A N   1 
ATOM   1038 C  CA  . ASP A 1 140 ? 2.179   -2.644  14.068  1.00 10.52 ? 139 ASP A CA  1 
ATOM   1039 C  C   . ASP A 1 140 ? 2.591   -1.246  14.357  1.00 8.85  ? 139 ASP A C   1 
ATOM   1040 O  O   . ASP A 1 140 ? 2.397   -0.769  15.460  1.00 15.69 ? 139 ASP A O   1 
ATOM   1041 C  CB  . ASP A 1 140 ? 3.418   -3.519  14.250  1.00 22.54 ? 139 ASP A CB  1 
ATOM   1042 C  CG  . ASP A 1 140 ? 2.936   -4.869  14.369  1.00 20.96 ? 139 ASP A CG  1 
ATOM   1043 O  OD1 . ASP A 1 140 ? 1.791   -5.077  14.699  1.00 25.26 ? 139 ASP A OD1 1 
ATOM   1044 O  OD2 . ASP A 1 140 ? 3.842   -5.779  14.250  1.00 28.38 ? 139 ASP A OD2 1 
ATOM   1045 N  N   . ALA A 1 141 ? 3.171   -0.601  13.352  1.00 9.36  ? 140 ALA A N   1 
ATOM   1046 C  CA  . ALA A 1 141 ? 3.617   0.780   13.495  1.00 15.03 ? 140 ALA A CA  1 
ATOM   1047 C  C   . ALA A 1 141 ? 2.480   1.759   13.775  1.00 14.77 ? 140 ALA A C   1 
ATOM   1048 O  O   . ALA A 1 141 ? 2.615   2.680   14.589  1.00 14.78 ? 140 ALA A O   1 
ATOM   1049 C  CB  . ALA A 1 141 ? 4.470   1.232   12.300  1.00 12.38 ? 140 ALA A CB  1 
ATOM   1050 N  N   . LEU A 1 142 ? 1.346   1.558   13.095  1.00 19.92 ? 141 LEU A N   1 
ATOM   1051 C  CA  . LEU A 1 142 ? 0.166   2.391   13.246  1.00 23.81 ? 141 LEU A CA  1 
ATOM   1052 C  C   . LEU A 1 142 ? -0.391  2.296   14.648  1.00 24.23 ? 141 LEU A C   1 
ATOM   1053 O  O   . LEU A 1 142 ? -0.833  3.294   15.222  1.00 23.96 ? 141 LEU A O   1 
ATOM   1054 C  CB  . LEU A 1 142 ? -0.894  2.113   12.147  1.00 10.93 ? 141 LEU A CB  1 
ATOM   1055 C  CG  . LEU A 1 142 ? -0.465  2.750   10.836  1.00 10.88 ? 141 LEU A CG  1 
ATOM   1056 C  CD1 . LEU A 1 142 ? -1.027  2.032   9.634   1.00 23.58 ? 141 LEU A CD1 1 
ATOM   1057 C  CD2 . LEU A 1 142 ? -0.808  4.197   10.816  1.00 14.79 ? 141 LEU A CD2 1 
ATOM   1058 N  N   . LYS A 1 143 ? -0.344  1.091   15.181  1.00 14.17 ? 142 LYS A N   1 
ATOM   1059 C  CA  . LYS A 1 143 ? -0.814  0.821   16.514  1.00 19.83 ? 142 LYS A CA  1 
ATOM   1060 C  C   . LYS A 1 143 ? 0.066   1.476   17.547  1.00 25.03 ? 142 LYS A C   1 
ATOM   1061 O  O   . LYS A 1 143 ? -0.402  1.877   18.584  1.00 33.39 ? 142 LYS A O   1 
ATOM   1062 C  CB  . LYS A 1 143 ? -0.850  -0.646  16.820  1.00 24.80 ? 142 LYS A CB  1 
ATOM   1063 C  CG  . LYS A 1 143 ? -1.879  -1.378  16.020  1.00 25.91 ? 142 LYS A CG  1 
ATOM   1064 C  CD  . LYS A 1 143 ? -2.107  -2.795  16.460  1.00 27.13 ? 142 LYS A CD  1 
ATOM   1065 C  CE  . LYS A 1 143 ? -3.084  -3.589  15.592  1.00 28.74 ? 142 LYS A CE  1 
ATOM   1066 N  NZ  . LYS A 1 143 ? -3.232  -4.980  16.061  1.00 35.45 ? 142 LYS A NZ  1 
ATOM   1067 N  N   . ALA A 1 144 ? 1.355   1.595   17.275  1.00 22.90 ? 143 ALA A N   1 
ATOM   1068 C  CA  . ALA A 1 144 ? 2.253   2.220   18.234  1.00 9.68  ? 143 ALA A CA  1 
ATOM   1069 C  C   . ALA A 1 144 ? 2.164   3.725   18.145  1.00 23.70 ? 143 ALA A C   1 
ATOM   1070 O  O   . ALA A 1 144 ? 2.460   4.447   19.101  1.00 30.56 ? 143 ALA A O   1 
ATOM   1071 C  CB  . ALA A 1 144 ? 3.685   1.782   18.006  1.00 16.38 ? 143 ALA A CB  1 
ATOM   1072 N  N   . ALA A 1 145 ? 1.748   4.184   16.979  1.00 20.16 ? 144 ALA A N   1 
ATOM   1073 C  CA  . ALA A 1 145 ? 1.595   5.594   16.703  1.00 24.67 ? 144 ALA A CA  1 
ATOM   1074 C  C   . ALA A 1 145 ? 0.314   6.172   17.272  1.00 28.06 ? 144 ALA A C   1 
ATOM   1075 O  O   . ALA A 1 145 ? 0.058   7.384   17.206  1.00 29.35 ? 144 ALA A O   1 
ATOM   1076 C  CB  . ALA A 1 145 ? 1.967   5.949   15.290  1.00 31.11 ? 144 ALA A CB  1 
ATOM   1077 N  N   . GLY A 1 146 ? -0.478  5.256   17.827  1.00 17.51 ? 145 GLY A N   1 
ATOM   1078 C  CA  . GLY A 1 146 ? -1.730  5.575   18.464  1.00 15.13 ? 145 GLY A CA  1 
ATOM   1079 C  C   . GLY A 1 146 ? -3.070  5.194   17.841  1.00 16.39 ? 145 GLY A C   1 
ATOM   1080 O  O   . GLY A 1 146 ? -4.058  5.526   18.463  1.00 28.14 ? 145 GLY A O   1 
ATOM   1081 N  N   . ALA A 1 147 ? -3.125  4.524   16.708  1.00 26.43 ? 146 ALA A N   1 
ATOM   1082 C  CA  . ALA A 1 147 ? -4.349  4.125   16.100  1.00 19.74 ? 146 ALA A CA  1 
ATOM   1083 C  C   . ALA A 1 147 ? -4.388  2.741   15.391  1.00 26.88 ? 146 ALA A C   1 
ATOM   1084 O  O   . ALA A 1 147 ? -4.622  1.726   16.075  1.00 29.52 ? 146 ALA A O   1 
ATOM   1085 C  CB  . ALA A 1 147 ? -4.605  5.209   15.012  1.00 25.28 ? 146 ALA A CB  1 
ATOM   1086 O  OXT . ALA A 1 147 ? -3.905  2.652   14.242  1.00 15.66 ? 146 ALA A OXT 1 
HETATM 1087 C  CHA . HEM B 2 .   ? -0.898  10.652  2.153   1.00 22.86 ? 148 HEM A CHA 1 
HETATM 1088 C  CHB . HEM B 2 .   ? 1.544   6.528   1.151   1.00 7.85  ? 148 HEM A CHB 1 
HETATM 1089 C  CHC . HEM B 2 .   ? -2.372  3.928   2.230   1.00 5.14  ? 148 HEM A CHC 1 
HETATM 1090 C  CHD . HEM B 2 .   ? -4.694  7.976   3.371   1.00 15.76 ? 148 HEM A CHD 1 
HETATM 1091 C  C1A . HEM B 2 .   ? 0.107   9.759   1.737   1.00 17.31 ? 148 HEM A C1A 1 
HETATM 1092 C  C2A . HEM B 2 .   ? 1.488   10.144  1.412   1.00 24.75 ? 148 HEM A C2A 1 
HETATM 1093 C  C3A . HEM B 2 .   ? 2.149   8.990   1.135   1.00 7.40  ? 148 HEM A C3A 1 
HETATM 1094 C  C4A . HEM B 2 .   ? 1.223   7.890   1.325   1.00 9.94  ? 148 HEM A C4A 1 
HETATM 1095 C  CMA . HEM B 2 .   ? 3.612   8.771   0.675   1.00 11.14 ? 148 HEM A CMA 1 
HETATM 1096 C  CAA . HEM B 2 .   ? 1.987   11.628  1.398   1.00 21.93 ? 148 HEM A CAA 1 
HETATM 1097 C  CBA . HEM B 2 .   ? 1.872   12.238  -0.001  1.00 15.19 ? 148 HEM A CBA 1 
HETATM 1098 C  CGA . HEM B 2 .   ? 2.434   13.638  -0.127  1.00 15.00 ? 148 HEM A CGA 1 
HETATM 1099 O  O1A . HEM B 2 .   ? 3.590   13.783  -0.568  1.00 15.00 ? 148 HEM A O1A 1 
HETATM 1100 O  O2A . HEM B 2 .   ? 1.759   14.602  0.277   1.00 15.00 ? 148 HEM A O2A 1 
HETATM 1101 C  C1B . HEM B 2 .   ? 0.711   5.460   1.358   1.00 8.86  ? 148 HEM A C1B 1 
HETATM 1102 C  C2B . HEM B 2 .   ? 1.054   4.070   1.127   1.00 6.27  ? 148 HEM A C2B 1 
HETATM 1103 C  C3B . HEM B 2 .   ? -0.059  3.337   1.286   1.00 5.75  ? 148 HEM A C3B 1 
HETATM 1104 C  C4B . HEM B 2 .   ? -1.081  4.285   1.842   1.00 7.67  ? 148 HEM A C4B 1 
HETATM 1105 C  CMB . HEM B 2 .   ? 2.460   3.572   0.742   1.00 10.24 ? 148 HEM A CMB 1 
HETATM 1106 C  CAB . HEM B 2 .   ? -0.150  1.785   1.281   1.00 14.99 ? 148 HEM A CAB 1 
HETATM 1107 C  CBB . HEM B 2 .   ? -0.790  1.047   0.390   1.00 22.05 ? 148 HEM A CBB 1 
HETATM 1108 C  C1C . HEM B 2 .   ? -3.330  4.793   2.673   1.00 2.76  ? 148 HEM A C1C 1 
HETATM 1109 C  C2C . HEM B 2 .   ? -4.720  4.428   3.060   1.00 6.80  ? 148 HEM A C2C 1 
HETATM 1110 C  C3C . HEM B 2 .   ? -5.330  5.607   3.315   1.00 8.72  ? 148 HEM A C3C 1 
HETATM 1111 C  C4C . HEM B 2 .   ? -4.375  6.665   3.118   1.00 24.13 ? 148 HEM A C4C 1 
HETATM 1112 C  CMC . HEM B 2 .   ? -5.298  3.003   3.109   1.00 12.50 ? 148 HEM A CMC 1 
HETATM 1113 C  CAC . HEM B 2 .   ? -6.766  5.882   3.762   1.00 10.71 ? 148 HEM A CAC 1 
HETATM 1114 C  CBC . HEM B 2 .   ? -7.562  4.842   3.915   1.00 18.80 ? 148 HEM A CBC 1 
HETATM 1115 C  C1D . HEM B 2 .   ? -3.877  9.066   3.194   1.00 7.89  ? 148 HEM A C1D 1 
HETATM 1116 C  C2D . HEM B 2 .   ? -4.262  10.444  3.392   1.00 5.83  ? 148 HEM A C2D 1 
HETATM 1117 C  C3D . HEM B 2 .   ? -3.206  11.185  3.031   1.00 14.59 ? 148 HEM A C3D 1 
HETATM 1118 C  C4D . HEM B 2 .   ? -2.147  10.278  2.650   1.00 16.18 ? 148 HEM A C4D 1 
HETATM 1119 C  CMD . HEM B 2 .   ? -5.666  10.957  3.804   1.00 7.79  ? 148 HEM A CMD 1 
HETATM 1120 C  CAD . HEM B 2 .   ? -3.112  12.716  2.987   1.00 15.73 ? 148 HEM A CAD 1 
HETATM 1121 C  CBD . HEM B 2 .   ? -2.676  13.315  1.639   1.00 43.65 ? 148 HEM A CBD 1 
HETATM 1122 C  CGD . HEM B 2 .   ? -3.920  13.831  1.007   1.00 32.62 ? 148 HEM A CGD 1 
HETATM 1123 O  O1D . HEM B 2 .   ? -4.887  13.061  1.024   1.00 49.07 ? 148 HEM A O1D 1 
HETATM 1124 O  O2D . HEM B 2 .   ? -3.945  14.930  0.434   1.00 44.21 ? 148 HEM A O2D 1 
HETATM 1125 N  NA  . HEM B 2 .   ? -0.015  8.380   1.694   1.00 14.99 ? 148 HEM A NA  1 
HETATM 1126 N  NB  . HEM B 2 .   ? -0.574  5.559   1.895   1.00 11.71 ? 148 HEM A NB  1 
HETATM 1127 N  NC  . HEM B 2 .   ? -3.148  6.161   2.719   1.00 8.29  ? 148 HEM A NC  1 
HETATM 1128 N  ND  . HEM B 2 .   ? -2.574  8.990   2.788   1.00 12.13 ? 148 HEM A ND  1 
HETATM 1129 FE FE  . HEM B 2 .   ? -1.509  7.254   2.463   1.00 10.47 ? 148 HEM A FE  1 
HETATM 1130 O  O   . HOH C 3 .   ? -1.151  9.810   -1.368  1.00 30.87 ? 149 HOH A O   1 
HETATM 1131 O  O   . HOH C 3 .   ? -8.315  12.573  -15.363 1.00 38.71 ? 150 HOH A O   1 
HETATM 1132 O  O   . HOH C 3 .   ? 1.485   2.853   -16.597 1.00 14.45 ? 151 HOH A O   1 
HETATM 1133 O  O   . HOH C 3 .   ? -5.689  -8.710  6.556   1.00 38.43 ? 152 HOH A O   1 
HETATM 1134 O  O   . HOH C 3 .   ? 9.718   10.527  11.408  1.00 29.87 ? 153 HOH A O   1 
HETATM 1135 O  O   . HOH C 3 .   ? 10.675  -4.707  -7.578  1.00 26.02 ? 155 HOH A O   1 
HETATM 1136 O  O   . HOH C 3 .   ? -12.014 -0.384  -13.300 1.00 33.06 ? 156 HOH A O   1 
HETATM 1137 O  O   . HOH C 3 .   ? -20.746 14.924  -0.564  1.00 46.75 ? 157 HOH A O   1 
HETATM 1138 O  O   . HOH C 3 .   ? -1.793  3.936   -5.756  1.00 34.53 ? 158 HOH A O   1 
HETATM 1139 O  O   . HOH C 3 .   ? -8.892  -11.597 4.449   1.00 43.03 ? 159 HOH A O   1 
HETATM 1140 O  O   . HOH C 3 .   ? 1.293   11.045  -14.912 1.00 37.47 ? 160 HOH A O   1 
HETATM 1141 O  O   . HOH C 3 .   ? -5.939  -10.522 -1.731  1.00 22.32 ? 161 HOH A O   1 
HETATM 1142 O  O   . HOH C 3 .   ? -4.433  15.701  12.962  1.00 12.14 ? 162 HOH A O   1 
HETATM 1143 O  O   . HOH C 3 .   ? 11.752  -8.961  14.227  1.00 36.09 ? 163 HOH A O   1 
HETATM 1144 O  O   . HOH C 3 .   ? 2.704   -16.128 -3.164  1.00 16.35 ? 164 HOH A O   1 
HETATM 1145 O  O   . HOH C 3 .   ? -8.727  -1.182  -10.265 1.00 17.14 ? 165 HOH A O   1 
HETATM 1146 O  O   . HOH C 3 .   ? -23.724 5.876   -8.942  1.00 23.73 ? 166 HOH A O   1 
HETATM 1147 O  O   . HOH C 3 .   ? -18.072 3.048   -11.353 1.00 26.85 ? 167 HOH A O   1 
HETATM 1148 O  O   . HOH C 3 .   ? 6.787   -14.348 5.037   1.00 33.96 ? 168 HOH A O   1 
HETATM 1149 O  O   . HOH C 3 .   ? 10.168  -8.775  11.798  1.00 41.21 ? 169 HOH A O   1 
HETATM 1150 O  O   . HOH C 3 .   ? 10.361  -6.716  15.468  1.00 38.72 ? 170 HOH A O   1 
HETATM 1151 O  O   . HOH C 3 .   ? 12.281  -17.402 -8.395  1.00 45.72 ? 171 HOH A O   1 
HETATM 1152 O  O   . HOH C 3 .   ? 17.204  -14.639 3.977   1.00 14.65 ? 172 HOH A O   1 
HETATM 1153 O  O   . HOH C 3 .   ? 12.894  -16.185 5.025   1.00 30.37 ? 173 HOH A O   1 
HETATM 1154 O  O   . HOH C 3 .   ? 16.665  -16.742 5.803   1.00 32.26 ? 174 HOH A O   1 
HETATM 1155 O  O   . HOH C 3 .   ? 18.694  -16.230 2.338   1.00 40.49 ? 176 HOH A O   1 
HETATM 1156 O  O   . HOH C 3 .   ? -6.567  -11.408 -8.582  1.00 29.00 ? 177 HOH A O   1 
HETATM 1157 O  O   . HOH C 3 .   ? -4.748  -13.739 -4.452  1.00 43.02 ? 178 HOH A O   1 
HETATM 1158 O  O   . HOH C 3 .   ? -7.809  -13.168 -5.884  1.00 32.96 ? 179 HOH A O   1 
HETATM 1159 O  O   . HOH C 3 .   ? 18.920  -19.085 0.854   1.00 15.00 ? 180 HOH A O   1 
HETATM 1160 O  O   . HOH C 3 .   ? 18.865  -22.302 2.525   1.00 27.26 ? 181 HOH A O   1 
HETATM 1161 O  O   . HOH C 3 .   ? -21.711 10.809  -6.434  1.00 36.12 ? 182 HOH A O   1 
HETATM 1162 O  O   . HOH C 3 .   ? -23.291 12.422  -8.558  1.00 26.38 ? 183 HOH A O   1 
HETATM 1163 O  O   . HOH C 3 .   ? -21.573 10.602  2.624   1.00 30.84 ? 184 HOH A O   1 
HETATM 1164 O  O   . HOH C 3 .   ? -10.948 1.120   5.054   1.00 30.44 ? 187 HOH A O   1 
HETATM 1165 O  O   . HOH C 3 .   ? -11.593 14.763  5.090   1.00 47.58 ? 188 HOH A O   1 
HETATM 1166 O  O   . HOH C 3 .   ? 6.879   -9.935  11.343  1.00 42.31 ? 189 HOH A O   1 
HETATM 1167 O  O   . HOH C 3 .   ? 4.971   -11.404 12.902  1.00 49.66 ? 190 HOH A O   1 
HETATM 1168 O  O   . HOH C 3 .   ? 9.163   -15.949 11.341  1.00 41.67 ? 191 HOH A O   1 
HETATM 1169 O  O   . HOH C 3 .   ? -20.469 -3.603  -1.485  1.00 42.80 ? 193 HOH A O   1 
HETATM 1170 O  O   . HOH C 3 .   ? -13.132 -4.934  7.095   1.00 31.99 ? 194 HOH A O   1 
HETATM 1171 O  O   . HOH C 3 .   ? -10.574 -3.539  9.195   1.00 27.35 ? 195 HOH A O   1 
HETATM 1172 O  O   . HOH C 3 .   ? -12.664 -2.090  9.972   1.00 41.11 ? 196 HOH A O   1 
HETATM 1173 O  O   . HOH C 3 .   ? -12.109 -2.409  12.571  1.00 25.27 ? 197 HOH A O   1 
HETATM 1174 O  O   . HOH C 3 .   ? -16.512 -0.086  3.898   1.00 37.44 ? 198 HOH A O   1 
HETATM 1175 O  O   . HOH C 3 .   ? 10.986  -2.926  -9.925  1.00 30.59 ? 199 HOH A O   1 
HETATM 1176 O  O   . HOH C 3 .   ? -7.742  -5.897  -7.524  1.00 42.20 ? 200 HOH A O   1 
HETATM 1177 O  O   . HOH C 3 .   ? -7.857  -8.037  -4.377  1.00 31.61 ? 201 HOH A O   1 
HETATM 1178 O  O   . HOH C 3 .   ? -7.218  6.008   13.366  1.00 47.67 ? 202 HOH A O   1 
HETATM 1179 O  O   . HOH C 3 .   ? -5.525  9.133   14.330  1.00 15.00 ? 203 HOH A O   1 
HETATM 1180 O  O   . HOH C 3 .   ? -7.802  1.634   13.734  1.00 31.73 ? 204 HOH A O   1 
HETATM 1181 O  O   . HOH C 3 .   ? -9.462  1.874   20.325  1.00 41.87 ? 205 HOH A O   1 
HETATM 1182 O  O   . HOH C 3 .   ? -0.689  -5.733  15.707  1.00 42.62 ? 207 HOH A O   1 
HETATM 1183 O  O   . HOH C 3 .   ? -2.756  -11.774 16.302  1.00 52.86 ? 208 HOH A O   1 
HETATM 1184 O  O   . HOH C 3 .   ? -3.721  -14.140 10.633  1.00 43.75 ? 209 HOH A O   1 
HETATM 1185 O  O   . HOH C 3 .   ? 5.685   9.595   -2.287  1.00 33.56 ? 211 HOH A O   1 
HETATM 1186 O  O   . HOH C 3 .   ? 13.295  -6.068  -1.882  1.00 25.28 ? 213 HOH A O   1 
HETATM 1187 O  O   . HOH C 3 .   ? 9.424   6.290   -8.212  1.00 34.74 ? 214 HOH A O   1 
HETATM 1188 O  O   . HOH C 3 .   ? -11.817 16.293  -8.954  1.00 41.03 ? 215 HOH A O   1 
HETATM 1189 O  O   . HOH C 3 .   ? 20.121  -8.055  10.974  1.00 34.47 ? 216 HOH A O   1 
HETATM 1190 O  O   . HOH C 3 .   ? 18.676  -5.989  11.969  1.00 37.63 ? 217 HOH A O   1 
HETATM 1191 O  O   . HOH C 3 .   ? 22.522  -9.333  9.607   1.00 23.19 ? 218 HOH A O   1 
HETATM 1192 O  O   . HOH C 3 .   ? 17.947  -6.241  8.746   1.00 38.73 ? 219 HOH A O   1 
HETATM 1193 O  O   . HOH C 3 .   ? 10.077  -1.148  22.680  1.00 42.32 ? 220 HOH A O   1 
HETATM 1194 O  O   . HOH C 3 .   ? -11.451 0.055   14.059  1.00 15.00 ? 222 HOH A O   1 
HETATM 1195 O  O   . HOH C 3 .   ? -5.969  -1.468  21.787  1.00 43.13 ? 223 HOH A O   1 
HETATM 1196 O  O   . HOH C 3 .   ? -10.083 -6.552  5.976   1.00 33.12 ? 224 HOH A O   1 
HETATM 1197 O  O   . HOH C 3 .   ? -11.711 -9.635  8.242   1.00 34.89 ? 225 HOH A O   1 
HETATM 1198 O  O   . HOH C 3 .   ? 2.813   -17.052 0.275   1.00 23.28 ? 226 HOH A O   1 
HETATM 1199 O  O   . HOH C 3 .   ? 0.866   -13.334 12.592  1.00 42.57 ? 228 HOH A O   1 
HETATM 1200 O  O   . HOH C 3 .   ? 3.550   -13.647 6.467   1.00 34.33 ? 229 HOH A O   1 
HETATM 1201 O  O   . HOH C 3 .   ? 5.351   -18.843 4.465   1.00 43.65 ? 230 HOH A O   1 
HETATM 1202 O  O   . HOH C 3 .   ? 5.600   -21.644 9.872   1.00 23.12 ? 231 HOH A O   1 
HETATM 1203 O  O   . HOH C 3 .   ? 6.531   -2.424  13.036  1.00 21.98 ? 232 HOH A O   1 
HETATM 1204 O  O   . HOH C 3 .   ? -5.904  11.589  -12.687 1.00 16.96 ? 234 HOH A O   1 
HETATM 1205 O  O   . HOH C 3 .   ? 0.679   3.691   -18.982 1.00 20.05 ? 235 HOH A O   1 
HETATM 1206 O  O   . HOH C 3 .   ? -21.686 7.919   -4.207  1.00 15.00 ? 236 HOH A O   1 
HETATM 1207 O  O   . HOH C 3 .   ? -15.393 11.161  13.410  1.00 15.34 ? 237 HOH A O   1 
HETATM 1208 O  O   . HOH C 3 .   ? -9.346  5.241   11.649  1.00 37.86 ? 238 HOH A O   1 
HETATM 1209 O  O   . HOH C 3 .   ? 15.945  3.001   -1.501  1.00 39.02 ? 239 HOH A O   1 
HETATM 1210 O  O   . HOH C 3 .   ? 0.982   -18.476 4.723   1.00 40.75 ? 240 HOH A O   1 
HETATM 1211 O  O   . HOH C 3 .   ? -16.656 -2.801  4.386   1.00 47.40 ? 241 HOH A O   1 
HETATM 1212 O  O   . HOH C 3 .   ? -14.033 14.192  -10.256 1.00 26.31 ? 242 HOH A O   1 
HETATM 1213 O  O   . HOH C 3 .   ? 15.785  -10.598 9.159   1.00 15.00 ? 243 HOH A O   1 
HETATM 1214 O  O   . HOH C 3 .   ? -4.662  -4.595  -12.390 1.00 37.70 ? 244 HOH A O   1 
HETATM 1215 O  O   . HOH C 3 .   ? 13.876  -15.654 -2.127  1.00 28.09 ? 246 HOH A O   1 
HETATM 1216 O  O   . HOH C 3 .   ? -20.700 2.213   -0.028  1.00 33.40 ? 250 HOH A O   1 
HETATM 1217 O  O   . HOH C 3 .   ? -16.088 -3.945  7.072   1.00 30.84 ? 251 HOH A O   1 
HETATM 1218 O  O   . HOH C 3 .   ? 3.519   8.785   4.755   1.00 32.82 ? 252 HOH A O   1 
HETATM 1219 O  O   . HOH C 3 .   ? -1.604  -1.954  -16.480 1.00 33.09 ? 260 HOH A O   1 
HETATM 1220 O  O   . HOH C 3 .   ? 2.540   6.724   -11.079 1.00 15.00 ? 261 HOH A O   1 
HETATM 1221 O  O   . HOH C 3 .   ? -0.142  5.948   -10.577 1.00 15.00 ? 262 HOH A O   1 
HETATM 1222 O  O   . HOH C 3 .   ? -5.973  4.947   -14.952 1.00 23.62 ? 263 HOH A O   1 
HETATM 1223 O  O   . HOH C 3 .   ? -5.714  2.311   -14.294 1.00 14.22 ? 264 HOH A O   1 
HETATM 1224 O  O   . HOH C 3 .   ? -5.091  18.831  -2.791  1.00 28.71 ? 265 HOH A O   1 
HETATM 1225 O  O   . HOH C 3 .   ? -6.961  13.900  -0.515  1.00 23.52 ? 266 HOH A O   1 
HETATM 1226 O  O   . HOH C 3 .   ? -23.290 8.026   -6.624  1.00 29.62 ? 267 HOH A O   1 
HETATM 1227 O  O   . HOH C 3 .   ? -0.804  14.194  -11.832 1.00 33.03 ? 268 HOH A O   1 
HETATM 1228 O  O   . HOH C 3 .   ? 1.795   16.015  -16.425 1.00 15.00 ? 269 HOH A O   1 
HETATM 1229 O  O   . HOH C 3 .   ? -18.799 -1.713  2.704   1.00 33.45 ? 270 HOH A O   1 
HETATM 1230 O  O   . HOH C 3 .   ? -14.214 -1.334  5.155   1.00 39.62 ? 271 HOH A O   1 
HETATM 1231 O  O   . HOH C 3 .   ? 5.060   4.030   15.001  1.00 21.28 ? 272 HOH A O   1 
HETATM 1232 O  O   . HOH C 3 .   ? 5.959   -0.951  15.766  1.00 34.11 ? 273 HOH A O   1 
HETATM 1233 O  O   . HOH C 3 .   ? -2.050  -13.684 -5.101  1.00 36.26 ? 274 HOH A O   1 
HETATM 1234 O  O   . HOH C 3 .   ? 4.665   -8.570  10.481  1.00 21.88 ? 275 HOH A O   1 
HETATM 1235 O  O   . HOH C 3 .   ? 8.292   -20.764 10.704  1.00 15.00 ? 276 HOH A O   1 
HETATM 1236 O  O   . HOH C 3 .   ? -13.240 15.858  -12.501 1.00 15.00 ? 277 HOH A O   1 
HETATM 1237 O  O   . HOH C 3 .   ? 4.978   -17.470 -10.350 1.00 33.76 ? 278 HOH A O   1 
# 
